data_1O4A
# 
_entry.id   1O4A 
# 
_audit_conform.dict_name       mmcif_pdbx.dic 
_audit_conform.dict_version    5.398 
_audit_conform.dict_location   http://mmcif.pdb.org/dictionaries/ascii/mmcif_pdbx.dic 
# 
loop_
_database_2.database_id 
_database_2.database_code 
_database_2.pdbx_database_accession 
_database_2.pdbx_DOI 
PDB   1O4A         pdb_00001o4a 10.2210/pdb1o4a/pdb 
RCSB  RCSB001785   ?            ?                   
WWPDB D_1000001785 ?            ?                   
# 
loop_
_pdbx_audit_revision_history.ordinal 
_pdbx_audit_revision_history.data_content_type 
_pdbx_audit_revision_history.major_revision 
_pdbx_audit_revision_history.minor_revision 
_pdbx_audit_revision_history.revision_date 
1 'Structure model' 1 0 2004-02-17 
2 'Structure model' 1 1 2008-04-26 
3 'Structure model' 1 2 2011-07-13 
4 'Structure model' 1 3 2023-08-16 
5 'Structure model' 1 4 2024-11-06 
# 
_pdbx_audit_revision_details.ordinal             1 
_pdbx_audit_revision_details.revision_ordinal    1 
_pdbx_audit_revision_details.data_content_type   'Structure model' 
_pdbx_audit_revision_details.provider            repository 
_pdbx_audit_revision_details.type                'Initial release' 
_pdbx_audit_revision_details.description         ? 
_pdbx_audit_revision_details.details             ? 
# 
loop_
_pdbx_audit_revision_group.ordinal 
_pdbx_audit_revision_group.revision_ordinal 
_pdbx_audit_revision_group.data_content_type 
_pdbx_audit_revision_group.group 
1 2 'Structure model' 'Version format compliance' 
2 3 'Structure model' 'Version format compliance' 
3 4 'Structure model' 'Data collection'           
4 4 'Structure model' 'Database references'       
5 4 'Structure model' 'Derived calculations'      
6 4 'Structure model' 'Refinement description'    
7 5 'Structure model' 'Structure summary'         
# 
loop_
_pdbx_audit_revision_category.ordinal 
_pdbx_audit_revision_category.revision_ordinal 
_pdbx_audit_revision_category.data_content_type 
_pdbx_audit_revision_category.category 
1 4 'Structure model' chem_comp_atom                
2 4 'Structure model' chem_comp_bond                
3 4 'Structure model' database_2                    
4 4 'Structure model' pdbx_initial_refinement_model 
5 4 'Structure model' struct_conn                   
6 4 'Structure model' struct_site                   
7 5 'Structure model' pdbx_entry_details            
8 5 'Structure model' pdbx_modification_feature     
# 
loop_
_pdbx_audit_revision_item.ordinal 
_pdbx_audit_revision_item.revision_ordinal 
_pdbx_audit_revision_item.data_content_type 
_pdbx_audit_revision_item.item 
1 4 'Structure model' '_database_2.pdbx_DOI'                
2 4 'Structure model' '_database_2.pdbx_database_accession' 
3 4 'Structure model' '_struct_conn.pdbx_leaving_atom_flag' 
4 4 'Structure model' '_struct_site.pdbx_auth_asym_id'      
5 4 'Structure model' '_struct_site.pdbx_auth_comp_id'      
6 4 'Structure model' '_struct_site.pdbx_auth_seq_id'       
# 
_pdbx_database_status.status_code                     REL 
_pdbx_database_status.entry_id                        1O4A 
_pdbx_database_status.recvd_initial_deposition_date   2003-06-15 
_pdbx_database_status.deposit_site                    RCSB 
_pdbx_database_status.process_site                    RCSB 
_pdbx_database_status.SG_entry                        . 
_pdbx_database_status.pdb_format_compatible           Y 
_pdbx_database_status.status_code_mr                  ? 
_pdbx_database_status.status_code_sf                  ? 
_pdbx_database_status.status_code_cs                  ? 
_pdbx_database_status.status_code_nmr_data            ? 
_pdbx_database_status.methods_development_category    ? 
# 
loop_
_audit_author.name 
_audit_author.pdbx_ordinal 
'Lange, G.'  1 
'Loenze, P.' 2 
'Liesum, A.' 3 
# 
_citation.id                        primary 
_citation.title                     
;Requirements for specific binding of low affinity inhibitor fragments to the SH2 domain of (pp60)Src are identical to those for high affinity binding of full length inhibitors.
;
_citation.journal_abbrev            J.Med.Chem. 
_citation.journal_volume            46 
_citation.page_first                5184 
_citation.page_last                 5195 
_citation.year                      2003 
_citation.journal_id_ASTM           JMCMAR 
_citation.country                   US 
_citation.journal_id_ISSN           0022-2623 
_citation.journal_id_CSD            0151 
_citation.book_publisher            ? 
_citation.pdbx_database_id_PubMed   14613321 
_citation.pdbx_database_id_DOI      10.1021/jm020970s 
# 
loop_
_citation_author.citation_id 
_citation_author.name 
_citation_author.ordinal 
_citation_author.identifier_ORCID 
primary 'Lange, G.'       1  ? 
primary 'Lesuisse, D.'    2  ? 
primary 'Deprez, P.'      3  ? 
primary 'Schoot, B.'      4  ? 
primary 'Loenze, P.'      5  ? 
primary 'Benard, D.'      6  ? 
primary 'Marquette, J.P.' 7  ? 
primary 'Broto, P.'       8  ? 
primary 'Sarubbi, E.'     9  ? 
primary 'Mandine, E.'     10 ? 
# 
loop_
_entity.id 
_entity.type 
_entity.src_method 
_entity.pdbx_description 
_entity.formula_weight 
_entity.pdbx_number_of_molecules 
_entity.pdbx_ec 
_entity.pdbx_mutation 
_entity.pdbx_fragment 
_entity.details 
1 polymer     man 'PROTO-ONCOGENE TYROSINE-PROTEIN KINASE SRC'                                                         12374.964 1 
2.7.1.112 ? 'SH2 DOMAIN' ? 
2 non-polymer syn '4-[2-ACETYLAMINO-2-(1-BIPHENYL-4-YLMETHYL-2-OXO-AZEPAN-3-YLCARBAMOYL)-ETHYL]-2-FORMYL-BENZOIC ACID' 555.621   1 
?         ? ?            ? 
3 water       nat water                                                                                                18.015    
141 ?         ? ?            ? 
# 
_entity_name_com.entity_id   1 
_entity_name_com.name        'P60-SRC, C-SRC' 
# 
_entity_poly.entity_id                      1 
_entity_poly.type                           'polypeptide(L)' 
_entity_poly.nstd_linkage                   no 
_entity_poly.nstd_monomer                   no 
_entity_poly.pdbx_seq_one_letter_code       
;SIQAEEWYFGKITRRESERLLLNAENPRGTFLVRESETTKGAYCLSVSDFDNAKGLNVKHYKIRKLDSGGFYITSRTQFN
SLQQLVAYYSKHADGLCHRLTTVCPTSK
;
_entity_poly.pdbx_seq_one_letter_code_can   
;SIQAEEWYFGKITRRESERLLLNAENPRGTFLVRESETTKGAYCLSVSDFDNAKGLNVKHYKIRKLDSGGFYITSRTQFN
SLQQLVAYYSKHADGLCHRLTTVCPTSK
;
_entity_poly.pdbx_strand_id                 A 
_entity_poly.pdbx_target_identifier         ? 
# 
loop_
_pdbx_entity_nonpoly.entity_id 
_pdbx_entity_nonpoly.name 
_pdbx_entity_nonpoly.comp_id 
2 '4-[2-ACETYLAMINO-2-(1-BIPHENYL-4-YLMETHYL-2-OXO-AZEPAN-3-YLCARBAMOYL)-ETHYL]-2-FORMYL-BENZOIC ACID' 197 
3 water                                                                                                HOH 
# 
loop_
_entity_poly_seq.entity_id 
_entity_poly_seq.num 
_entity_poly_seq.mon_id 
_entity_poly_seq.hetero 
1 1   SER n 
1 2   ILE n 
1 3   GLN n 
1 4   ALA n 
1 5   GLU n 
1 6   GLU n 
1 7   TRP n 
1 8   TYR n 
1 9   PHE n 
1 10  GLY n 
1 11  LYS n 
1 12  ILE n 
1 13  THR n 
1 14  ARG n 
1 15  ARG n 
1 16  GLU n 
1 17  SER n 
1 18  GLU n 
1 19  ARG n 
1 20  LEU n 
1 21  LEU n 
1 22  LEU n 
1 23  ASN n 
1 24  ALA n 
1 25  GLU n 
1 26  ASN n 
1 27  PRO n 
1 28  ARG n 
1 29  GLY n 
1 30  THR n 
1 31  PHE n 
1 32  LEU n 
1 33  VAL n 
1 34  ARG n 
1 35  GLU n 
1 36  SER n 
1 37  GLU n 
1 38  THR n 
1 39  THR n 
1 40  LYS n 
1 41  GLY n 
1 42  ALA n 
1 43  TYR n 
1 44  CYS n 
1 45  LEU n 
1 46  SER n 
1 47  VAL n 
1 48  SER n 
1 49  ASP n 
1 50  PHE n 
1 51  ASP n 
1 52  ASN n 
1 53  ALA n 
1 54  LYS n 
1 55  GLY n 
1 56  LEU n 
1 57  ASN n 
1 58  VAL n 
1 59  LYS n 
1 60  HIS n 
1 61  TYR n 
1 62  LYS n 
1 63  ILE n 
1 64  ARG n 
1 65  LYS n 
1 66  LEU n 
1 67  ASP n 
1 68  SER n 
1 69  GLY n 
1 70  GLY n 
1 71  PHE n 
1 72  TYR n 
1 73  ILE n 
1 74  THR n 
1 75  SER n 
1 76  ARG n 
1 77  THR n 
1 78  GLN n 
1 79  PHE n 
1 80  ASN n 
1 81  SER n 
1 82  LEU n 
1 83  GLN n 
1 84  GLN n 
1 85  LEU n 
1 86  VAL n 
1 87  ALA n 
1 88  TYR n 
1 89  TYR n 
1 90  SER n 
1 91  LYS n 
1 92  HIS n 
1 93  ALA n 
1 94  ASP n 
1 95  GLY n 
1 96  LEU n 
1 97  CYS n 
1 98  HIS n 
1 99  ARG n 
1 100 LEU n 
1 101 THR n 
1 102 THR n 
1 103 VAL n 
1 104 CYS n 
1 105 PRO n 
1 106 THR n 
1 107 SER n 
1 108 LYS n 
# 
_entity_src_gen.entity_id                          1 
_entity_src_gen.pdbx_src_id                        1 
_entity_src_gen.pdbx_alt_source_flag               sample 
_entity_src_gen.pdbx_seq_type                      ? 
_entity_src_gen.pdbx_beg_seq_num                   ? 
_entity_src_gen.pdbx_end_seq_num                   ? 
_entity_src_gen.gene_src_common_name               human 
_entity_src_gen.gene_src_genus                     Homo 
_entity_src_gen.pdbx_gene_src_gene                 SRC 
_entity_src_gen.gene_src_species                   ? 
_entity_src_gen.gene_src_strain                    ? 
_entity_src_gen.gene_src_tissue                    ? 
_entity_src_gen.gene_src_tissue_fraction           ? 
_entity_src_gen.gene_src_details                   ? 
_entity_src_gen.pdbx_gene_src_fragment             ? 
_entity_src_gen.pdbx_gene_src_scientific_name      'Homo sapiens' 
_entity_src_gen.pdbx_gene_src_ncbi_taxonomy_id     9606 
_entity_src_gen.pdbx_gene_src_variant              ? 
_entity_src_gen.pdbx_gene_src_cell_line            ? 
_entity_src_gen.pdbx_gene_src_atcc                 ? 
_entity_src_gen.pdbx_gene_src_organ                ? 
_entity_src_gen.pdbx_gene_src_organelle            ? 
_entity_src_gen.pdbx_gene_src_cell                 ? 
_entity_src_gen.pdbx_gene_src_cellular_location    ? 
_entity_src_gen.host_org_common_name               ? 
_entity_src_gen.pdbx_host_org_scientific_name      'Escherichia coli' 
_entity_src_gen.pdbx_host_org_ncbi_taxonomy_id     562 
_entity_src_gen.host_org_genus                     Escherichia 
_entity_src_gen.pdbx_host_org_gene                 ? 
_entity_src_gen.pdbx_host_org_organ                ? 
_entity_src_gen.host_org_species                   ? 
_entity_src_gen.pdbx_host_org_tissue               ? 
_entity_src_gen.pdbx_host_org_tissue_fraction      ? 
_entity_src_gen.pdbx_host_org_strain               ? 
_entity_src_gen.pdbx_host_org_variant              ? 
_entity_src_gen.pdbx_host_org_cell_line            ? 
_entity_src_gen.pdbx_host_org_atcc                 ? 
_entity_src_gen.pdbx_host_org_culture_collection   ? 
_entity_src_gen.pdbx_host_org_cell                 ? 
_entity_src_gen.pdbx_host_org_organelle            ? 
_entity_src_gen.pdbx_host_org_cellular_location    ? 
_entity_src_gen.pdbx_host_org_vector_type          ? 
_entity_src_gen.pdbx_host_org_vector               ? 
_entity_src_gen.host_org_details                   ? 
_entity_src_gen.expression_system_id               ? 
_entity_src_gen.plasmid_name                       'BL21 (DE3)' 
_entity_src_gen.plasmid_details                    ? 
_entity_src_gen.pdbx_description                   ? 
# 
loop_
_chem_comp.id 
_chem_comp.type 
_chem_comp.mon_nstd_flag 
_chem_comp.name 
_chem_comp.pdbx_synonyms 
_chem_comp.formula 
_chem_comp.formula_weight 
197 non-polymer         . '4-[2-ACETYLAMINO-2-(1-BIPHENYL-4-YLMETHYL-2-OXO-AZEPAN-3-YLCARBAMOYL)-ETHYL]-2-FORMYL-BENZOIC ACID' 
RU82197 'C32 H33 N3 O6'  555.621 
ALA 'L-peptide linking' y ALANINE                                                                                              ? 
'C3 H7 N O2'     89.093  
ARG 'L-peptide linking' y ARGININE                                                                                             ? 
'C6 H15 N4 O2 1' 175.209 
ASN 'L-peptide linking' y ASPARAGINE                                                                                           ? 
'C4 H8 N2 O3'    132.118 
ASP 'L-peptide linking' y 'ASPARTIC ACID'                                                                                      ? 
'C4 H7 N O4'     133.103 
CYS 'L-peptide linking' y CYSTEINE                                                                                             ? 
'C3 H7 N O2 S'   121.158 
GLN 'L-peptide linking' y GLUTAMINE                                                                                            ? 
'C5 H10 N2 O3'   146.144 
GLU 'L-peptide linking' y 'GLUTAMIC ACID'                                                                                      ? 
'C5 H9 N O4'     147.129 
GLY 'peptide linking'   y GLYCINE                                                                                              ? 
'C2 H5 N O2'     75.067  
HIS 'L-peptide linking' y HISTIDINE                                                                                            ? 
'C6 H10 N3 O2 1' 156.162 
HOH non-polymer         . WATER                                                                                                ? 
'H2 O'           18.015  
ILE 'L-peptide linking' y ISOLEUCINE                                                                                           ? 
'C6 H13 N O2'    131.173 
LEU 'L-peptide linking' y LEUCINE                                                                                              ? 
'C6 H13 N O2'    131.173 
LYS 'L-peptide linking' y LYSINE                                                                                               ? 
'C6 H15 N2 O2 1' 147.195 
PHE 'L-peptide linking' y PHENYLALANINE                                                                                        ? 
'C9 H11 N O2'    165.189 
PRO 'L-peptide linking' y PROLINE                                                                                              ? 
'C5 H9 N O2'     115.130 
SER 'L-peptide linking' y SERINE                                                                                               ? 
'C3 H7 N O3'     105.093 
THR 'L-peptide linking' y THREONINE                                                                                            ? 
'C4 H9 N O3'     119.119 
TRP 'L-peptide linking' y TRYPTOPHAN                                                                                           ? 
'C11 H12 N2 O2'  204.225 
TYR 'L-peptide linking' y TYROSINE                                                                                             ? 
'C9 H11 N O3'    181.189 
VAL 'L-peptide linking' y VALINE                                                                                               ? 
'C5 H11 N O2'    117.146 
# 
loop_
_pdbx_poly_seq_scheme.asym_id 
_pdbx_poly_seq_scheme.entity_id 
_pdbx_poly_seq_scheme.seq_id 
_pdbx_poly_seq_scheme.mon_id 
_pdbx_poly_seq_scheme.ndb_seq_num 
_pdbx_poly_seq_scheme.pdb_seq_num 
_pdbx_poly_seq_scheme.auth_seq_num 
_pdbx_poly_seq_scheme.pdb_mon_id 
_pdbx_poly_seq_scheme.auth_mon_id 
_pdbx_poly_seq_scheme.pdb_strand_id 
_pdbx_poly_seq_scheme.pdb_ins_code 
_pdbx_poly_seq_scheme.hetero 
A 1 1   SER 1   1   1   SER SER A . n 
A 1 2   ILE 2   2   2   ILE ILE A . n 
A 1 3   GLN 3   3   3   GLN GLN A . n 
A 1 4   ALA 4   4   4   ALA ALA A . n 
A 1 5   GLU 5   5   5   GLU GLU A . n 
A 1 6   GLU 6   6   6   GLU GLU A . n 
A 1 7   TRP 7   7   7   TRP TRP A . n 
A 1 8   TYR 8   8   8   TYR TYR A . n 
A 1 9   PHE 9   9   9   PHE PHE A . n 
A 1 10  GLY 10  10  10  GLY GLY A . n 
A 1 11  LYS 11  11  11  LYS LYS A . n 
A 1 12  ILE 12  12  12  ILE ILE A . n 
A 1 13  THR 13  13  13  THR THR A . n 
A 1 14  ARG 14  14  14  ARG ARG A . n 
A 1 15  ARG 15  15  15  ARG ARG A . n 
A 1 16  GLU 16  16  16  GLU GLU A . n 
A 1 17  SER 17  17  17  SER SER A . n 
A 1 18  GLU 18  18  18  GLU GLU A . n 
A 1 19  ARG 19  19  19  ARG ARG A . n 
A 1 20  LEU 20  20  20  LEU LEU A . n 
A 1 21  LEU 21  21  21  LEU LEU A . n 
A 1 22  LEU 22  22  22  LEU LEU A . n 
A 1 23  ASN 23  23  23  ASN ASN A . n 
A 1 24  ALA 24  24  24  ALA ALA A . n 
A 1 25  GLU 25  25  25  GLU GLU A . n 
A 1 26  ASN 26  26  26  ASN ASN A . n 
A 1 27  PRO 27  27  27  PRO PRO A . n 
A 1 28  ARG 28  28  28  ARG ARG A . n 
A 1 29  GLY 29  29  29  GLY GLY A . n 
A 1 30  THR 30  30  30  THR THR A . n 
A 1 31  PHE 31  31  31  PHE PHE A . n 
A 1 32  LEU 32  32  32  LEU LEU A . n 
A 1 33  VAL 33  33  33  VAL VAL A . n 
A 1 34  ARG 34  34  34  ARG ARG A . n 
A 1 35  GLU 35  35  35  GLU GLU A . n 
A 1 36  SER 36  36  36  SER SER A . n 
A 1 37  GLU 37  37  37  GLU GLU A . n 
A 1 38  THR 38  38  38  THR THR A . n 
A 1 39  THR 39  39  39  THR THR A . n 
A 1 40  LYS 40  40  40  LYS LYS A . n 
A 1 41  GLY 41  41  41  GLY GLY A . n 
A 1 42  ALA 42  42  42  ALA ALA A . n 
A 1 43  TYR 43  43  43  TYR TYR A . n 
A 1 44  CYS 44  44  44  CYS CYS A . n 
A 1 45  LEU 45  45  45  LEU LEU A . n 
A 1 46  SER 46  46  46  SER SER A . n 
A 1 47  VAL 47  47  47  VAL VAL A . n 
A 1 48  SER 48  48  48  SER SER A . n 
A 1 49  ASP 49  49  49  ASP ASP A . n 
A 1 50  PHE 50  50  50  PHE PHE A . n 
A 1 51  ASP 51  51  51  ASP ASP A . n 
A 1 52  ASN 52  52  52  ASN ASN A . n 
A 1 53  ALA 53  53  53  ALA ALA A . n 
A 1 54  LYS 54  54  54  LYS LYS A . n 
A 1 55  GLY 55  55  55  GLY GLY A . n 
A 1 56  LEU 56  56  56  LEU LEU A . n 
A 1 57  ASN 57  57  57  ASN ASN A . n 
A 1 58  VAL 58  58  58  VAL VAL A . n 
A 1 59  LYS 59  59  59  LYS LYS A . n 
A 1 60  HIS 60  60  60  HIS HIS A . n 
A 1 61  TYR 61  61  61  TYR TYR A . n 
A 1 62  LYS 62  62  62  LYS LYS A . n 
A 1 63  ILE 63  63  63  ILE ILE A . n 
A 1 64  ARG 64  64  64  ARG ARG A . n 
A 1 65  LYS 65  65  65  LYS LYS A . n 
A 1 66  LEU 66  66  66  LEU LEU A . n 
A 1 67  ASP 67  67  67  ASP ASP A . n 
A 1 68  SER 68  68  68  SER SER A . n 
A 1 69  GLY 69  69  69  GLY GLY A . n 
A 1 70  GLY 70  70  70  GLY GLY A . n 
A 1 71  PHE 71  71  71  PHE PHE A . n 
A 1 72  TYR 72  72  72  TYR TYR A . n 
A 1 73  ILE 73  73  73  ILE ILE A . n 
A 1 74  THR 74  74  74  THR THR A . n 
A 1 75  SER 75  75  75  SER SER A . n 
A 1 76  ARG 76  76  76  ARG ARG A . n 
A 1 77  THR 77  77  77  THR THR A . n 
A 1 78  GLN 78  78  78  GLN GLN A . n 
A 1 79  PHE 79  79  79  PHE PHE A . n 
A 1 80  ASN 80  80  80  ASN ASN A . n 
A 1 81  SER 81  81  81  SER SER A . n 
A 1 82  LEU 82  82  82  LEU LEU A . n 
A 1 83  GLN 83  83  83  GLN GLN A . n 
A 1 84  GLN 84  84  84  GLN GLN A . n 
A 1 85  LEU 85  85  85  LEU LEU A . n 
A 1 86  VAL 86  86  86  VAL VAL A . n 
A 1 87  ALA 87  87  87  ALA ALA A . n 
A 1 88  TYR 88  88  88  TYR TYR A . n 
A 1 89  TYR 89  89  89  TYR TYR A . n 
A 1 90  SER 90  90  90  SER SER A . n 
A 1 91  LYS 91  91  91  LYS LYS A . n 
A 1 92  HIS 92  92  92  HIS HIS A . n 
A 1 93  ALA 93  93  93  ALA ALA A . n 
A 1 94  ASP 94  94  94  ASP ASP A . n 
A 1 95  GLY 95  95  95  GLY GLY A . n 
A 1 96  LEU 96  96  96  LEU LEU A . n 
A 1 97  CYS 97  97  97  CYS CYS A . n 
A 1 98  HIS 98  98  98  HIS HIS A . n 
A 1 99  ARG 99  99  99  ARG ARG A . n 
A 1 100 LEU 100 100 100 LEU LEU A . n 
A 1 101 THR 101 101 101 THR THR A . n 
A 1 102 THR 102 102 102 THR THR A . n 
A 1 103 VAL 103 103 103 VAL VAL A . n 
A 1 104 CYS 104 104 104 CYS CYS A . n 
A 1 105 PRO 105 105 105 PRO PRO A . n 
A 1 106 THR 106 106 106 THR THR A . n 
A 1 107 SER 107 107 ?   ?   ?   A . n 
A 1 108 LYS 108 108 ?   ?   ?   A . n 
# 
loop_
_pdbx_nonpoly_scheme.asym_id 
_pdbx_nonpoly_scheme.entity_id 
_pdbx_nonpoly_scheme.mon_id 
_pdbx_nonpoly_scheme.ndb_seq_num 
_pdbx_nonpoly_scheme.pdb_seq_num 
_pdbx_nonpoly_scheme.auth_seq_num 
_pdbx_nonpoly_scheme.pdb_mon_id 
_pdbx_nonpoly_scheme.auth_mon_id 
_pdbx_nonpoly_scheme.pdb_strand_id 
_pdbx_nonpoly_scheme.pdb_ins_code 
B 2 197 1   300 1   197 INH A . 
C 3 HOH 1   301 1   HOH HOH A . 
C 3 HOH 2   302 2   HOH HOH A . 
C 3 HOH 3   303 3   HOH HOH A . 
C 3 HOH 4   304 4   HOH HOH A . 
C 3 HOH 5   305 5   HOH HOH A . 
C 3 HOH 6   306 6   HOH HOH A . 
C 3 HOH 7   307 7   HOH HOH A . 
C 3 HOH 8   308 8   HOH HOH A . 
C 3 HOH 9   309 9   HOH HOH A . 
C 3 HOH 10  310 10  HOH HOH A . 
C 3 HOH 11  311 11  HOH HOH A . 
C 3 HOH 12  312 12  HOH HOH A . 
C 3 HOH 13  313 13  HOH HOH A . 
C 3 HOH 14  314 14  HOH HOH A . 
C 3 HOH 15  315 15  HOH HOH A . 
C 3 HOH 16  316 16  HOH HOH A . 
C 3 HOH 17  317 17  HOH HOH A . 
C 3 HOH 18  318 18  HOH HOH A . 
C 3 HOH 19  319 19  HOH HOH A . 
C 3 HOH 20  320 20  HOH HOH A . 
C 3 HOH 21  321 21  HOH HOH A . 
C 3 HOH 22  322 22  HOH HOH A . 
C 3 HOH 23  323 23  HOH HOH A . 
C 3 HOH 24  324 24  HOH HOH A . 
C 3 HOH 25  325 25  HOH HOH A . 
C 3 HOH 26  326 26  HOH HOH A . 
C 3 HOH 27  327 27  HOH HOH A . 
C 3 HOH 28  328 28  HOH HOH A . 
C 3 HOH 29  329 29  HOH HOH A . 
C 3 HOH 30  330 30  HOH HOH A . 
C 3 HOH 31  331 31  HOH HOH A . 
C 3 HOH 32  332 32  HOH HOH A . 
C 3 HOH 33  333 33  HOH HOH A . 
C 3 HOH 34  334 34  HOH HOH A . 
C 3 HOH 35  335 35  HOH HOH A . 
C 3 HOH 36  336 36  HOH HOH A . 
C 3 HOH 37  337 37  HOH HOH A . 
C 3 HOH 38  338 38  HOH HOH A . 
C 3 HOH 39  339 39  HOH HOH A . 
C 3 HOH 40  340 40  HOH HOH A . 
C 3 HOH 41  341 41  HOH HOH A . 
C 3 HOH 42  342 42  HOH HOH A . 
C 3 HOH 43  343 43  HOH HOH A . 
C 3 HOH 44  344 44  HOH HOH A . 
C 3 HOH 45  345 45  HOH HOH A . 
C 3 HOH 46  346 46  HOH HOH A . 
C 3 HOH 47  347 47  HOH HOH A . 
C 3 HOH 48  348 48  HOH HOH A . 
C 3 HOH 49  349 49  HOH HOH A . 
C 3 HOH 50  350 50  HOH HOH A . 
C 3 HOH 51  351 51  HOH HOH A . 
C 3 HOH 52  352 52  HOH HOH A . 
C 3 HOH 53  353 53  HOH HOH A . 
C 3 HOH 54  354 54  HOH HOH A . 
C 3 HOH 55  355 55  HOH HOH A . 
C 3 HOH 56  356 56  HOH HOH A . 
C 3 HOH 57  357 57  HOH HOH A . 
C 3 HOH 58  358 58  HOH HOH A . 
C 3 HOH 59  359 59  HOH HOH A . 
C 3 HOH 60  360 60  HOH HOH A . 
C 3 HOH 61  361 61  HOH HOH A . 
C 3 HOH 62  362 62  HOH HOH A . 
C 3 HOH 63  363 63  HOH HOH A . 
C 3 HOH 64  364 64  HOH HOH A . 
C 3 HOH 65  365 65  HOH HOH A . 
C 3 HOH 66  366 66  HOH HOH A . 
C 3 HOH 67  367 67  HOH HOH A . 
C 3 HOH 68  368 68  HOH HOH A . 
C 3 HOH 69  369 69  HOH HOH A . 
C 3 HOH 70  370 70  HOH HOH A . 
C 3 HOH 71  371 71  HOH HOH A . 
C 3 HOH 72  372 72  HOH HOH A . 
C 3 HOH 73  373 73  HOH HOH A . 
C 3 HOH 74  374 74  HOH HOH A . 
C 3 HOH 75  375 75  HOH HOH A . 
C 3 HOH 76  376 76  HOH HOH A . 
C 3 HOH 77  377 77  HOH HOH A . 
C 3 HOH 78  378 78  HOH HOH A . 
C 3 HOH 79  379 79  HOH HOH A . 
C 3 HOH 80  380 80  HOH HOH A . 
C 3 HOH 81  381 81  HOH HOH A . 
C 3 HOH 82  382 82  HOH HOH A . 
C 3 HOH 83  383 83  HOH HOH A . 
C 3 HOH 84  384 84  HOH HOH A . 
C 3 HOH 85  385 85  HOH HOH A . 
C 3 HOH 86  386 86  HOH HOH A . 
C 3 HOH 87  387 87  HOH HOH A . 
C 3 HOH 88  388 88  HOH HOH A . 
C 3 HOH 89  389 89  HOH HOH A . 
C 3 HOH 90  390 90  HOH HOH A . 
C 3 HOH 91  391 91  HOH HOH A . 
C 3 HOH 92  392 92  HOH HOH A . 
C 3 HOH 93  393 93  HOH HOH A . 
C 3 HOH 94  394 94  HOH HOH A . 
C 3 HOH 95  395 95  HOH HOH A . 
C 3 HOH 96  396 96  HOH HOH A . 
C 3 HOH 97  397 97  HOH HOH A . 
C 3 HOH 98  398 98  HOH HOH A . 
C 3 HOH 99  399 99  HOH HOH A . 
C 3 HOH 100 400 100 HOH HOH A . 
C 3 HOH 101 401 101 HOH HOH A . 
C 3 HOH 102 402 102 HOH HOH A . 
C 3 HOH 103 403 103 HOH HOH A . 
C 3 HOH 104 404 104 HOH HOH A . 
C 3 HOH 105 405 105 HOH HOH A . 
C 3 HOH 106 406 106 HOH HOH A . 
C 3 HOH 107 407 107 HOH HOH A . 
C 3 HOH 108 408 108 HOH HOH A . 
C 3 HOH 109 409 109 HOH HOH A . 
C 3 HOH 110 410 110 HOH HOH A . 
C 3 HOH 111 411 111 HOH HOH A . 
C 3 HOH 112 412 112 HOH HOH A . 
C 3 HOH 113 413 113 HOH HOH A . 
C 3 HOH 114 414 114 HOH HOH A . 
C 3 HOH 115 415 115 HOH HOH A . 
C 3 HOH 116 416 116 HOH HOH A . 
C 3 HOH 117 417 117 HOH HOH A . 
C 3 HOH 118 418 118 HOH HOH A . 
C 3 HOH 119 419 119 HOH HOH A . 
C 3 HOH 120 420 120 HOH HOH A . 
C 3 HOH 121 421 121 HOH HOH A . 
C 3 HOH 122 422 122 HOH HOH A . 
C 3 HOH 123 423 123 HOH HOH A . 
C 3 HOH 124 424 124 HOH HOH A . 
C 3 HOH 125 425 125 HOH HOH A . 
C 3 HOH 126 426 126 HOH HOH A . 
C 3 HOH 127 427 127 HOH HOH A . 
C 3 HOH 128 428 128 HOH HOH A . 
C 3 HOH 129 429 129 HOH HOH A . 
C 3 HOH 130 430 130 HOH HOH A . 
C 3 HOH 131 431 131 HOH HOH A . 
C 3 HOH 132 432 132 HOH HOH A . 
C 3 HOH 133 433 133 HOH HOH A . 
C 3 HOH 134 434 134 HOH HOH A . 
C 3 HOH 135 435 135 HOH HOH A . 
C 3 HOH 136 436 136 HOH HOH A . 
C 3 HOH 137 437 137 HOH HOH A . 
C 3 HOH 138 438 138 HOH HOH A . 
C 3 HOH 139 439 139 HOH HOH A . 
C 3 HOH 140 440 140 HOH HOH A . 
C 3 HOH 141 441 141 HOH HOH A . 
# 
loop_
_software.name 
_software.classification 
_software.version 
_software.citation_id 
_software.pdbx_ordinal 
XDS    'data scaling'   .     ? 1 
XDS    'data reduction' .     ? 2 
X-PLOR 'model building' 3.851 ? 3 
X-PLOR refinement       3.851 ? 4 
X-PLOR phasing          3.851 ? 5 
# 
_cell.entry_id           1O4A 
_cell.length_a           26.414 
_cell.length_b           58.679 
_cell.length_c           63.499 
_cell.angle_alpha        90.00 
_cell.angle_beta         90.00 
_cell.angle_gamma        90.00 
_cell.Z_PDB              4 
_cell.pdbx_unique_axis   ? 
# 
_symmetry.entry_id                         1O4A 
_symmetry.space_group_name_H-M             'P 21 21 21' 
_symmetry.pdbx_full_space_group_name_H-M   ? 
_symmetry.cell_setting                     ? 
_symmetry.Int_Tables_number                19 
# 
_exptl.entry_id          1O4A 
_exptl.method            'X-RAY DIFFRACTION' 
_exptl.crystals_number   1 
# 
_exptl_crystal.id                    1 
_exptl_crystal.density_meas          ? 
_exptl_crystal.density_Matthews      2.2 
_exptl_crystal.density_percent_sol   41.9 
_exptl_crystal.description           ? 
# 
_exptl_crystal_grow.crystal_id      1 
_exptl_crystal_grow.method          ? 
_exptl_crystal_grow.temp            ? 
_exptl_crystal_grow.temp_details    ? 
_exptl_crystal_grow.pH              5.50 
_exptl_crystal_grow.pdbx_pH_range   ? 
_exptl_crystal_grow.pdbx_details    'pH 5.50' 
# 
_diffrn.id                     1 
_diffrn.ambient_temp           100.0 
_diffrn.ambient_temp_details   ? 
_diffrn.crystal_id             1 
# 
_diffrn_detector.diffrn_id              1 
_diffrn_detector.detector               'IMAGE PLATE' 
_diffrn_detector.type                   'MAR scanner 345 mm plate' 
_diffrn_detector.pdbx_collection_date   1999-10-01 
_diffrn_detector.details                ? 
# 
_diffrn_radiation.diffrn_id                        1 
_diffrn_radiation.wavelength_id                    1 
_diffrn_radiation.pdbx_monochromatic_or_laue_m_l   M 
_diffrn_radiation.monochromator                    GRAPHITE 
_diffrn_radiation.pdbx_diffrn_protocol             'SINGLE WAVELENGTH' 
_diffrn_radiation.pdbx_scattering_type             x-ray 
# 
_diffrn_radiation_wavelength.id           1 
_diffrn_radiation_wavelength.wavelength   1.5418 
_diffrn_radiation_wavelength.wt           1.0 
# 
_diffrn_source.diffrn_id                   1 
_diffrn_source.source                      'ROTATING ANODE' 
_diffrn_source.type                        'ELLIOTT GX-21' 
_diffrn_source.pdbx_synchrotron_site       ? 
_diffrn_source.pdbx_synchrotron_beamline   ? 
_diffrn_source.pdbx_wavelength             1.5418 
_diffrn_source.pdbx_wavelength_list        ? 
# 
_reflns.entry_id                     1O4A 
_reflns.observed_criterion_sigma_I   -3.000 
_reflns.observed_criterion_sigma_F   ? 
_reflns.d_resolution_low             40.000 
_reflns.d_resolution_high            1.50 
_reflns.number_obs                   16099 
_reflns.number_all                   ? 
_reflns.percent_possible_obs         97.8 
_reflns.pdbx_Rmerge_I_obs            0.052 
_reflns.pdbx_Rsym_value              ? 
_reflns.pdbx_netI_over_sigmaI        15 
_reflns.B_iso_Wilson_estimate        ? 
_reflns.pdbx_redundancy              ? 
_reflns.pdbx_diffrn_id               1 
_reflns.pdbx_ordinal                 1 
# 
_reflns_shell.d_res_high             1.55 
_reflns_shell.d_res_low              1.60 
_reflns_shell.percent_possible_all   89.7 
_reflns_shell.Rmerge_I_obs           0.278 
_reflns_shell.pdbx_Rsym_value        ? 
_reflns_shell.meanI_over_sigI_obs    3.5 
_reflns_shell.pdbx_redundancy        ? 
_reflns_shell.pdbx_diffrn_id         ? 
_reflns_shell.pdbx_ordinal           1 
# 
_refine.entry_id                                 1O4A 
_refine.ls_number_reflns_obs                     16099 
_refine.ls_number_reflns_all                     ? 
_refine.pdbx_ls_sigma_I                          ? 
_refine.pdbx_ls_sigma_F                          ? 
_refine.pdbx_data_cutoff_high_absF               1000000.000 
_refine.pdbx_data_cutoff_low_absF                0.1000 
_refine.pdbx_data_cutoff_high_rms_absF           ? 
_refine.ls_d_res_low                             8.00 
_refine.ls_d_res_high                            1.50 
_refine.ls_percent_reflns_obs                    97.8 
_refine.ls_R_factor_obs                          0.202 
_refine.ls_R_factor_all                          ? 
_refine.ls_R_factor_R_work                       0.202 
_refine.ls_R_factor_R_free                       ? 
_refine.ls_R_factor_R_free_error                 ? 
_refine.ls_R_factor_R_free_error_details         ? 
_refine.ls_percent_reflns_R_free                 ? 
_refine.ls_number_reflns_R_free                  ? 
_refine.ls_number_parameters                     ? 
_refine.ls_number_restraints                     ? 
_refine.occupancy_min                            ? 
_refine.occupancy_max                            ? 
_refine.correlation_coeff_Fo_to_Fc               ? 
_refine.correlation_coeff_Fo_to_Fc_free          ? 
_refine.B_iso_mean                               21.5 
_refine.aniso_B[1][1]                            ? 
_refine.aniso_B[2][2]                            ? 
_refine.aniso_B[3][3]                            ? 
_refine.aniso_B[1][2]                            ? 
_refine.aniso_B[1][3]                            ? 
_refine.aniso_B[2][3]                            ? 
_refine.solvent_model_details                    ? 
_refine.solvent_model_param_ksol                 ? 
_refine.solvent_model_param_bsol                 ? 
_refine.pdbx_solvent_vdw_probe_radii             ? 
_refine.pdbx_solvent_ion_probe_radii             ? 
_refine.pdbx_solvent_shrinkage_radii             ? 
_refine.pdbx_ls_cross_valid_method               ? 
_refine.details                                  ? 
_refine.pdbx_starting_model                      1SHD 
_refine.pdbx_method_to_determine_struct          MR 
_refine.pdbx_isotropic_thermal_model             ? 
_refine.pdbx_stereochemistry_target_values       ? 
_refine.pdbx_stereochem_target_val_spec_case     ? 
_refine.pdbx_R_Free_selection_details            ? 
_refine.pdbx_overall_ESU_R                       ? 
_refine.pdbx_overall_ESU_R_Free                  ? 
_refine.overall_SU_ML                            ? 
_refine.overall_SU_B                             ? 
_refine.pdbx_refine_id                           'X-RAY DIFFRACTION' 
_refine.pdbx_diffrn_id                           1 
_refine.pdbx_TLS_residual_ADP_flag               ? 
_refine.pdbx_overall_phase_error                 ? 
_refine.overall_SU_R_Cruickshank_DPI             ? 
_refine.pdbx_overall_SU_R_free_Cruickshank_DPI   ? 
_refine.pdbx_overall_SU_R_Blow_DPI               ? 
_refine.pdbx_overall_SU_R_free_Blow_DPI          ? 
# 
_refine_hist.pdbx_refine_id                   'X-RAY DIFFRACTION' 
_refine_hist.cycle_id                         LAST 
_refine_hist.pdbx_number_atoms_protein        856 
_refine_hist.pdbx_number_atoms_nucleic_acid   0 
_refine_hist.pdbx_number_atoms_ligand         41 
_refine_hist.number_atoms_solvent             141 
_refine_hist.number_atoms_total               1038 
_refine_hist.d_res_high                       1.50 
_refine_hist.d_res_low                        8.00 
# 
loop_
_refine_ls_restr.type 
_refine_ls_restr.dev_ideal 
_refine_ls_restr.dev_ideal_target 
_refine_ls_restr.weight 
_refine_ls_restr.number 
_refine_ls_restr.pdbx_refine_id 
_refine_ls_restr.pdbx_restraint_function 
x_bond_d                0.012 ? ? ? 'X-RAY DIFFRACTION' ? 
x_bond_d_na             ?     ? ? ? 'X-RAY DIFFRACTION' ? 
x_bond_d_prot           ?     ? ? ? 'X-RAY DIFFRACTION' ? 
x_angle_d               ?     ? ? ? 'X-RAY DIFFRACTION' ? 
x_angle_d_na            ?     ? ? ? 'X-RAY DIFFRACTION' ? 
x_angle_d_prot          ?     ? ? ? 'X-RAY DIFFRACTION' ? 
x_angle_deg             1.1   ? ? ? 'X-RAY DIFFRACTION' ? 
x_angle_deg_na          ?     ? ? ? 'X-RAY DIFFRACTION' ? 
x_angle_deg_prot        ?     ? ? ? 'X-RAY DIFFRACTION' ? 
x_dihedral_angle_d      ?     ? ? ? 'X-RAY DIFFRACTION' ? 
x_dihedral_angle_d_na   ?     ? ? ? 'X-RAY DIFFRACTION' ? 
x_dihedral_angle_d_prot ?     ? ? ? 'X-RAY DIFFRACTION' ? 
x_improper_angle_d      ?     ? ? ? 'X-RAY DIFFRACTION' ? 
x_improper_angle_d_na   ?     ? ? ? 'X-RAY DIFFRACTION' ? 
x_improper_angle_d_prot ?     ? ? ? 'X-RAY DIFFRACTION' ? 
x_mcbond_it             ?     ? ? ? 'X-RAY DIFFRACTION' ? 
x_mcangle_it            ?     ? ? ? 'X-RAY DIFFRACTION' ? 
x_scbond_it             ?     ? ? ? 'X-RAY DIFFRACTION' ? 
x_scangle_it            ?     ? ? ? 'X-RAY DIFFRACTION' ? 
# 
_struct.entry_id                  1O4A 
_struct.title                     'CRYSTAL STRUCTURE OF SH2 IN COMPLEX WITH RU82197.' 
_struct.pdbx_model_details        ? 
_struct.pdbx_CASP_flag            ? 
_struct.pdbx_model_type_details   ? 
# 
_struct_keywords.entry_id        1O4A 
_struct_keywords.pdbx_keywords   'SIGNALING PROTEIN' 
_struct_keywords.text            'SH2 DOMAIN FRAGMENT APPROACH, SIGNALING PROTEIN' 
# 
loop_
_struct_asym.id 
_struct_asym.pdbx_blank_PDB_chainid_flag 
_struct_asym.pdbx_modified 
_struct_asym.entity_id 
_struct_asym.details 
A N N 1 ? 
B N N 2 ? 
C N N 3 ? 
# 
_struct_ref.id                         1 
_struct_ref.db_name                    UNP 
_struct_ref.db_code                    SRC_HUMAN 
_struct_ref.pdbx_db_accession          P12931 
_struct_ref.entity_id                  1 
_struct_ref.pdbx_seq_one_letter_code   
;SIQAEEWYFGKITRRESERLLLNAENPRGTFLVRESETTKGAYCLSVSDFDNAKGLNVKHYKIRKLDSGGFYITSRTQFN
SLQQLVAYYSKHADGLCHRLTTVCPTSK
;
_struct_ref.pdbx_align_begin           144 
_struct_ref.pdbx_db_isoform            ? 
# 
_struct_ref_seq.align_id                      1 
_struct_ref_seq.ref_id                        1 
_struct_ref_seq.pdbx_PDB_id_code              1O4A 
_struct_ref_seq.pdbx_strand_id                A 
_struct_ref_seq.seq_align_beg                 1 
_struct_ref_seq.pdbx_seq_align_beg_ins_code   ? 
_struct_ref_seq.seq_align_end                 108 
_struct_ref_seq.pdbx_seq_align_end_ins_code   ? 
_struct_ref_seq.pdbx_db_accession             P12931 
_struct_ref_seq.db_align_beg                  144 
_struct_ref_seq.pdbx_db_align_beg_ins_code    ? 
_struct_ref_seq.db_align_end                  251 
_struct_ref_seq.pdbx_db_align_end_ins_code    ? 
_struct_ref_seq.pdbx_auth_seq_align_beg       1 
_struct_ref_seq.pdbx_auth_seq_align_end       108 
# 
_pdbx_struct_assembly.id                   1 
_pdbx_struct_assembly.details              author_defined_assembly 
_pdbx_struct_assembly.method_details       ? 
_pdbx_struct_assembly.oligomeric_details   monomeric 
_pdbx_struct_assembly.oligomeric_count     1 
# 
_pdbx_struct_assembly_gen.assembly_id       1 
_pdbx_struct_assembly_gen.oper_expression   1 
_pdbx_struct_assembly_gen.asym_id_list      A,B,C 
# 
_pdbx_struct_oper_list.id                   1 
_pdbx_struct_oper_list.type                 'identity operation' 
_pdbx_struct_oper_list.name                 1_555 
_pdbx_struct_oper_list.symmetry_operation   x,y,z 
_pdbx_struct_oper_list.matrix[1][1]         1.0000000000 
_pdbx_struct_oper_list.matrix[1][2]         0.0000000000 
_pdbx_struct_oper_list.matrix[1][3]         0.0000000000 
_pdbx_struct_oper_list.vector[1]            0.0000000000 
_pdbx_struct_oper_list.matrix[2][1]         0.0000000000 
_pdbx_struct_oper_list.matrix[2][2]         1.0000000000 
_pdbx_struct_oper_list.matrix[2][3]         0.0000000000 
_pdbx_struct_oper_list.vector[2]            0.0000000000 
_pdbx_struct_oper_list.matrix[3][1]         0.0000000000 
_pdbx_struct_oper_list.matrix[3][2]         0.0000000000 
_pdbx_struct_oper_list.matrix[3][3]         1.0000000000 
_pdbx_struct_oper_list.vector[3]            0.0000000000 
# 
_struct_biol.id   1 
# 
loop_
_struct_conf.conf_type_id 
_struct_conf.id 
_struct_conf.pdbx_PDB_helix_id 
_struct_conf.beg_label_comp_id 
_struct_conf.beg_label_asym_id 
_struct_conf.beg_label_seq_id 
_struct_conf.pdbx_beg_PDB_ins_code 
_struct_conf.end_label_comp_id 
_struct_conf.end_label_asym_id 
_struct_conf.end_label_seq_id 
_struct_conf.pdbx_end_PDB_ins_code 
_struct_conf.beg_auth_comp_id 
_struct_conf.beg_auth_asym_id 
_struct_conf.beg_auth_seq_id 
_struct_conf.end_auth_comp_id 
_struct_conf.end_auth_asym_id 
_struct_conf.end_auth_seq_id 
_struct_conf.pdbx_PDB_helix_class 
_struct_conf.details 
_struct_conf.pdbx_PDB_helix_length 
HELX_P HELX_P1 1 SER A 1  ? GLU A 5  ? SER A 1  GLU A 5  5 ? 5  
HELX_P HELX_P2 2 THR A 13 ? LEU A 22 ? THR A 13 LEU A 22 1 ? 10 
HELX_P HELX_P3 3 SER A 81 ? SER A 90 ? SER A 81 SER A 90 1 ? 10 
# 
_struct_conf_type.id          HELX_P 
_struct_conf_type.criteria    ? 
_struct_conf_type.reference   ? 
# 
_struct_conn.id                            covale1 
_struct_conn.conn_type_id                  covale 
_struct_conn.pdbx_leaving_atom_flag        none 
_struct_conn.pdbx_PDB_id                   ? 
_struct_conn.ptnr1_label_asym_id           A 
_struct_conn.ptnr1_label_comp_id           CYS 
_struct_conn.ptnr1_label_seq_id            44 
_struct_conn.ptnr1_label_atom_id           SG 
_struct_conn.pdbx_ptnr1_label_alt_id       ? 
_struct_conn.pdbx_ptnr1_PDB_ins_code       ? 
_struct_conn.pdbx_ptnr1_standard_comp_id   ? 
_struct_conn.ptnr1_symmetry                1_555 
_struct_conn.ptnr2_label_asym_id           B 
_struct_conn.ptnr2_label_comp_id           197 
_struct_conn.ptnr2_label_seq_id            . 
_struct_conn.ptnr2_label_atom_id           C71 
_struct_conn.pdbx_ptnr2_label_alt_id       ? 
_struct_conn.pdbx_ptnr2_PDB_ins_code       ? 
_struct_conn.ptnr1_auth_asym_id            A 
_struct_conn.ptnr1_auth_comp_id            CYS 
_struct_conn.ptnr1_auth_seq_id             44 
_struct_conn.ptnr2_auth_asym_id            A 
_struct_conn.ptnr2_auth_comp_id            197 
_struct_conn.ptnr2_auth_seq_id             300 
_struct_conn.ptnr2_symmetry                1_555 
_struct_conn.pdbx_ptnr3_label_atom_id      ? 
_struct_conn.pdbx_ptnr3_label_seq_id       ? 
_struct_conn.pdbx_ptnr3_label_comp_id      ? 
_struct_conn.pdbx_ptnr3_label_asym_id      ? 
_struct_conn.pdbx_ptnr3_label_alt_id       ? 
_struct_conn.pdbx_ptnr3_PDB_ins_code       ? 
_struct_conn.details                       ? 
_struct_conn.pdbx_dist_value               1.743 
_struct_conn.pdbx_value_order              ? 
_struct_conn.pdbx_role                     ? 
# 
_struct_conn_type.id          covale 
_struct_conn_type.criteria    ? 
_struct_conn_type.reference   ? 
# 
_pdbx_modification_feature.ordinal                            1 
_pdbx_modification_feature.label_comp_id                      197 
_pdbx_modification_feature.label_asym_id                      B 
_pdbx_modification_feature.label_seq_id                       . 
_pdbx_modification_feature.label_alt_id                       ? 
_pdbx_modification_feature.modified_residue_label_comp_id     CYS 
_pdbx_modification_feature.modified_residue_label_asym_id     A 
_pdbx_modification_feature.modified_residue_label_seq_id      44 
_pdbx_modification_feature.modified_residue_label_alt_id      ? 
_pdbx_modification_feature.auth_comp_id                       197 
_pdbx_modification_feature.auth_asym_id                       A 
_pdbx_modification_feature.auth_seq_id                        300 
_pdbx_modification_feature.PDB_ins_code                       ? 
_pdbx_modification_feature.symmetry                           1_555 
_pdbx_modification_feature.modified_residue_auth_comp_id      CYS 
_pdbx_modification_feature.modified_residue_auth_asym_id      A 
_pdbx_modification_feature.modified_residue_auth_seq_id       44 
_pdbx_modification_feature.modified_residue_PDB_ins_code      ? 
_pdbx_modification_feature.modified_residue_symmetry          1_555 
_pdbx_modification_feature.comp_id_linking_atom               C71 
_pdbx_modification_feature.modified_residue_id_linking_atom   SG 
_pdbx_modification_feature.modified_residue_id                CYS 
_pdbx_modification_feature.ref_pcm_id                         1 
_pdbx_modification_feature.ref_comp_id                        197 
_pdbx_modification_feature.type                               None 
_pdbx_modification_feature.category                           'Covalent chemical modification' 
# 
_struct_sheet.id               A 
_struct_sheet.type             ? 
_struct_sheet.number_strands   5 
_struct_sheet.details          ? 
# 
loop_
_struct_sheet_order.sheet_id 
_struct_sheet_order.range_id_1 
_struct_sheet_order.range_id_2 
_struct_sheet_order.offset 
_struct_sheet_order.sense 
A 1 2 ? anti-parallel 
A 2 3 ? anti-parallel 
A 3 4 ? anti-parallel 
A 4 5 ? anti-parallel 
# 
loop_
_struct_sheet_range.sheet_id 
_struct_sheet_range.id 
_struct_sheet_range.beg_label_comp_id 
_struct_sheet_range.beg_label_asym_id 
_struct_sheet_range.beg_label_seq_id 
_struct_sheet_range.pdbx_beg_PDB_ins_code 
_struct_sheet_range.end_label_comp_id 
_struct_sheet_range.end_label_asym_id 
_struct_sheet_range.end_label_seq_id 
_struct_sheet_range.pdbx_end_PDB_ins_code 
_struct_sheet_range.beg_auth_comp_id 
_struct_sheet_range.beg_auth_asym_id 
_struct_sheet_range.beg_auth_seq_id 
_struct_sheet_range.end_auth_comp_id 
_struct_sheet_range.end_auth_asym_id 
_struct_sheet_range.end_auth_seq_id 
A 1 PHE A 31 ? GLU A 35 ? PHE A 31 GLU A 35 
A 2 TYR A 43 ? ASP A 51 ? TYR A 43 ASP A 51 
A 3 GLY A 55 ? LYS A 65 ? GLY A 55 LYS A 65 
A 4 PHE A 71 ? TYR A 72 ? PHE A 71 TYR A 72 
A 5 GLN A 78 ? PHE A 79 ? GLN A 78 PHE A 79 
# 
loop_
_pdbx_struct_sheet_hbond.sheet_id 
_pdbx_struct_sheet_hbond.range_id_1 
_pdbx_struct_sheet_hbond.range_id_2 
_pdbx_struct_sheet_hbond.range_1_label_atom_id 
_pdbx_struct_sheet_hbond.range_1_label_comp_id 
_pdbx_struct_sheet_hbond.range_1_label_asym_id 
_pdbx_struct_sheet_hbond.range_1_label_seq_id 
_pdbx_struct_sheet_hbond.range_1_PDB_ins_code 
_pdbx_struct_sheet_hbond.range_1_auth_atom_id 
_pdbx_struct_sheet_hbond.range_1_auth_comp_id 
_pdbx_struct_sheet_hbond.range_1_auth_asym_id 
_pdbx_struct_sheet_hbond.range_1_auth_seq_id 
_pdbx_struct_sheet_hbond.range_2_label_atom_id 
_pdbx_struct_sheet_hbond.range_2_label_comp_id 
_pdbx_struct_sheet_hbond.range_2_label_asym_id 
_pdbx_struct_sheet_hbond.range_2_label_seq_id 
_pdbx_struct_sheet_hbond.range_2_PDB_ins_code 
_pdbx_struct_sheet_hbond.range_2_auth_atom_id 
_pdbx_struct_sheet_hbond.range_2_auth_comp_id 
_pdbx_struct_sheet_hbond.range_2_auth_asym_id 
_pdbx_struct_sheet_hbond.range_2_auth_seq_id 
A 1 2 N ARG A 34 ? N ARG A 34 O CYS A 44 ? O CYS A 44 
A 2 3 N TYR A 43 ? N TYR A 43 O ILE A 63 ? O ILE A 63 
A 3 4 N ARG A 64 ? N ARG A 64 O TYR A 72 ? O TYR A 72 
A 4 5 N PHE A 71 ? N PHE A 71 O PHE A 79 ? O PHE A 79 
# 
_struct_site.id                   AC1 
_struct_site.pdbx_evidence_code   Software 
_struct_site.pdbx_auth_asym_id    A 
_struct_site.pdbx_auth_comp_id    197 
_struct_site.pdbx_auth_seq_id     300 
_struct_site.pdbx_auth_ins_code   ? 
_struct_site.pdbx_num_residues    21 
_struct_site.details              'BINDING SITE FOR RESIDUE 197 A 300' 
# 
loop_
_struct_site_gen.id 
_struct_site_gen.site_id 
_struct_site_gen.pdbx_num_res 
_struct_site_gen.label_comp_id 
_struct_site_gen.label_asym_id 
_struct_site_gen.label_seq_id 
_struct_site_gen.pdbx_auth_ins_code 
_struct_site_gen.auth_comp_id 
_struct_site_gen.auth_asym_id 
_struct_site_gen.auth_seq_id 
_struct_site_gen.label_atom_id 
_struct_site_gen.label_alt_id 
_struct_site_gen.symmetry 
_struct_site_gen.details 
1  AC1 21 ARG A 14  ? ARG A 14  . ? 1_555 ? 
2  AC1 21 ARG A 34  ? ARG A 34  . ? 1_555 ? 
3  AC1 21 SER A 36  ? SER A 36  . ? 1_555 ? 
4  AC1 21 GLU A 37  ? GLU A 37  . ? 1_555 ? 
5  AC1 21 THR A 38  ? THR A 38  . ? 1_555 ? 
6  AC1 21 CYS A 44  ? CYS A 44  . ? 1_555 ? 
7  AC1 21 HIS A 60  ? HIS A 60  . ? 1_555 ? 
8  AC1 21 TYR A 61  ? TYR A 61  . ? 1_555 ? 
9  AC1 21 LYS A 62  ? LYS A 62  . ? 1_555 ? 
10 AC1 21 THR A 74  ? THR A 74  . ? 1_555 ? 
11 AC1 21 GLY A 95  ? GLY A 95  . ? 1_555 ? 
12 AC1 21 LEU A 96  ? LEU A 96  . ? 1_555 ? 
13 AC1 21 THR A 102 ? THR A 102 . ? 1_655 ? 
14 AC1 21 VAL A 103 ? VAL A 103 . ? 1_655 ? 
15 AC1 21 PRO A 105 ? PRO A 105 . ? 1_655 ? 
16 AC1 21 THR A 106 ? THR A 106 . ? 1_655 ? 
17 AC1 21 HOH C .   ? HOH A 336 . ? 1_655 ? 
18 AC1 21 HOH C .   ? HOH A 375 . ? 1_555 ? 
19 AC1 21 HOH C .   ? HOH A 426 . ? 1_555 ? 
20 AC1 21 HOH C .   ? HOH A 431 . ? 1_555 ? 
21 AC1 21 HOH C .   ? HOH A 432 . ? 1_555 ? 
# 
_pdbx_entry_details.entry_id                   1O4A 
_pdbx_entry_details.compound_details           ? 
_pdbx_entry_details.source_details             ? 
_pdbx_entry_details.nonpolymer_details         ? 
_pdbx_entry_details.sequence_details           ? 
_pdbx_entry_details.has_ligand_of_interest     ? 
_pdbx_entry_details.has_protein_modification   Y 
# 
_pdbx_validate_rmsd_bond.id                        1 
_pdbx_validate_rmsd_bond.PDB_model_num             1 
_pdbx_validate_rmsd_bond.auth_atom_id_1            CA 
_pdbx_validate_rmsd_bond.auth_asym_id_1            A 
_pdbx_validate_rmsd_bond.auth_comp_id_1            GLU 
_pdbx_validate_rmsd_bond.auth_seq_id_1             37 
_pdbx_validate_rmsd_bond.PDB_ins_code_1            ? 
_pdbx_validate_rmsd_bond.label_alt_id_1            ? 
_pdbx_validate_rmsd_bond.auth_atom_id_2            C 
_pdbx_validate_rmsd_bond.auth_asym_id_2            A 
_pdbx_validate_rmsd_bond.auth_comp_id_2            GLU 
_pdbx_validate_rmsd_bond.auth_seq_id_2             37 
_pdbx_validate_rmsd_bond.PDB_ins_code_2            ? 
_pdbx_validate_rmsd_bond.label_alt_id_2            ? 
_pdbx_validate_rmsd_bond.bond_value                1.698 
_pdbx_validate_rmsd_bond.bond_target_value         1.525 
_pdbx_validate_rmsd_bond.bond_deviation            0.173 
_pdbx_validate_rmsd_bond.bond_standard_deviation   0.026 
_pdbx_validate_rmsd_bond.linker_flag               N 
# 
_pdbx_validate_rmsd_angle.id                         1 
_pdbx_validate_rmsd_angle.PDB_model_num              1 
_pdbx_validate_rmsd_angle.auth_atom_id_1             CA 
_pdbx_validate_rmsd_angle.auth_asym_id_1             A 
_pdbx_validate_rmsd_angle.auth_comp_id_1             GLU 
_pdbx_validate_rmsd_angle.auth_seq_id_1              37 
_pdbx_validate_rmsd_angle.PDB_ins_code_1             ? 
_pdbx_validate_rmsd_angle.label_alt_id_1             ? 
_pdbx_validate_rmsd_angle.auth_atom_id_2             CB 
_pdbx_validate_rmsd_angle.auth_asym_id_2             A 
_pdbx_validate_rmsd_angle.auth_comp_id_2             GLU 
_pdbx_validate_rmsd_angle.auth_seq_id_2              37 
_pdbx_validate_rmsd_angle.PDB_ins_code_2             ? 
_pdbx_validate_rmsd_angle.label_alt_id_2             ? 
_pdbx_validate_rmsd_angle.auth_atom_id_3             CG 
_pdbx_validate_rmsd_angle.auth_asym_id_3             A 
_pdbx_validate_rmsd_angle.auth_comp_id_3             GLU 
_pdbx_validate_rmsd_angle.auth_seq_id_3              37 
_pdbx_validate_rmsd_angle.PDB_ins_code_3             ? 
_pdbx_validate_rmsd_angle.label_alt_id_3             ? 
_pdbx_validate_rmsd_angle.angle_value                128.77 
_pdbx_validate_rmsd_angle.angle_target_value         113.40 
_pdbx_validate_rmsd_angle.angle_deviation            15.37 
_pdbx_validate_rmsd_angle.angle_standard_deviation   2.20 
_pdbx_validate_rmsd_angle.linker_flag                N 
# 
loop_
_pdbx_validate_torsion.id 
_pdbx_validate_torsion.PDB_model_num 
_pdbx_validate_torsion.auth_comp_id 
_pdbx_validate_torsion.auth_asym_id 
_pdbx_validate_torsion.auth_seq_id 
_pdbx_validate_torsion.PDB_ins_code 
_pdbx_validate_torsion.label_alt_id 
_pdbx_validate_torsion.phi 
_pdbx_validate_torsion.psi 
1 1 ASP A 94  ? ? 47.58   -119.12 
2 1 THR A 101 ? ? -108.48 -84.64  
# 
loop_
_pdbx_unobs_or_zero_occ_residues.id 
_pdbx_unobs_or_zero_occ_residues.PDB_model_num 
_pdbx_unobs_or_zero_occ_residues.polymer_flag 
_pdbx_unobs_or_zero_occ_residues.occupancy_flag 
_pdbx_unobs_or_zero_occ_residues.auth_asym_id 
_pdbx_unobs_or_zero_occ_residues.auth_comp_id 
_pdbx_unobs_or_zero_occ_residues.auth_seq_id 
_pdbx_unobs_or_zero_occ_residues.PDB_ins_code 
_pdbx_unobs_or_zero_occ_residues.label_asym_id 
_pdbx_unobs_or_zero_occ_residues.label_comp_id 
_pdbx_unobs_or_zero_occ_residues.label_seq_id 
1 1 Y 1 A SER 107 ? A SER 107 
2 1 Y 1 A LYS 108 ? A LYS 108 
# 
loop_
_chem_comp_atom.comp_id 
_chem_comp_atom.atom_id 
_chem_comp_atom.type_symbol 
_chem_comp_atom.pdbx_aromatic_flag 
_chem_comp_atom.pdbx_stereo_config 
_chem_comp_atom.pdbx_ordinal 
197 C1   C Y N 1   
197 C2   C Y N 2   
197 C3   C Y N 3   
197 C4   C Y N 4   
197 C5   C Y N 5   
197 C6   C Y N 6   
197 C7   C N N 7   
197 C8   C N S 8   
197 C9   C N N 9   
197 N10  N N N 10  
197 N11  N N N 11  
197 C12  C N N 12  
197 C13  C N N 13  
197 O14  O N N 14  
197 O15  O N N 15  
197 C16  C N S 16  
197 C17  C N N 17  
197 C18  C N N 18  
197 C19  C N N 19  
197 C20  C N N 20  
197 N21  N N N 21  
197 C22  C N N 22  
197 C23  C N N 23  
197 C24  C Y N 24  
197 O25  O N N 25  
197 C46  C Y N 26  
197 C47  C Y N 27  
197 C48  C Y N 28  
197 C49  C Y N 29  
197 C50  C Y N 30  
197 C55  C Y N 31  
197 C56  C Y N 32  
197 C57  C Y N 33  
197 C58  C Y N 34  
197 C59  C Y N 35  
197 C60  C Y N 36  
197 C68  C N N 37  
197 O69  O N N 38  
197 O70  O N N 39  
197 C71  C N N 40  
197 O72  O N N 41  
197 H1   H N N 42  
197 H2   H N N 43  
197 H5   H N N 44  
197 H71A H N N 45  
197 H72  H N N 46  
197 H8   H N N 47  
197 H10  H N N 48  
197 H11  H N N 49  
197 H131 H N N 50  
197 H132 H N N 51  
197 H133 H N N 52  
197 H16  H N N 53  
197 H171 H N N 54  
197 H172 H N N 55  
197 H181 H N N 56  
197 H182 H N N 57  
197 H191 H N N 58  
197 H192 H N N 59  
197 H201 H N N 60  
197 H202 H N N 61  
197 H231 H N N 62  
197 H232 H N N 63  
197 H46  H N N 64  
197 H47  H N N 65  
197 H49  H N N 66  
197 H50  H N N 67  
197 H56  H N N 68  
197 H57  H N N 69  
197 H58  H N N 70  
197 H59  H N N 71  
197 H60  H N N 72  
197 H69  H N N 73  
197 H71  H N N 74  
ALA N    N N N 75  
ALA CA   C N S 76  
ALA C    C N N 77  
ALA O    O N N 78  
ALA CB   C N N 79  
ALA OXT  O N N 80  
ALA H    H N N 81  
ALA H2   H N N 82  
ALA HA   H N N 83  
ALA HB1  H N N 84  
ALA HB2  H N N 85  
ALA HB3  H N N 86  
ALA HXT  H N N 87  
ARG N    N N N 88  
ARG CA   C N S 89  
ARG C    C N N 90  
ARG O    O N N 91  
ARG CB   C N N 92  
ARG CG   C N N 93  
ARG CD   C N N 94  
ARG NE   N N N 95  
ARG CZ   C N N 96  
ARG NH1  N N N 97  
ARG NH2  N N N 98  
ARG OXT  O N N 99  
ARG H    H N N 100 
ARG H2   H N N 101 
ARG HA   H N N 102 
ARG HB2  H N N 103 
ARG HB3  H N N 104 
ARG HG2  H N N 105 
ARG HG3  H N N 106 
ARG HD2  H N N 107 
ARG HD3  H N N 108 
ARG HE   H N N 109 
ARG HH11 H N N 110 
ARG HH12 H N N 111 
ARG HH21 H N N 112 
ARG HH22 H N N 113 
ARG HXT  H N N 114 
ASN N    N N N 115 
ASN CA   C N S 116 
ASN C    C N N 117 
ASN O    O N N 118 
ASN CB   C N N 119 
ASN CG   C N N 120 
ASN OD1  O N N 121 
ASN ND2  N N N 122 
ASN OXT  O N N 123 
ASN H    H N N 124 
ASN H2   H N N 125 
ASN HA   H N N 126 
ASN HB2  H N N 127 
ASN HB3  H N N 128 
ASN HD21 H N N 129 
ASN HD22 H N N 130 
ASN HXT  H N N 131 
ASP N    N N N 132 
ASP CA   C N S 133 
ASP C    C N N 134 
ASP O    O N N 135 
ASP CB   C N N 136 
ASP CG   C N N 137 
ASP OD1  O N N 138 
ASP OD2  O N N 139 
ASP OXT  O N N 140 
ASP H    H N N 141 
ASP H2   H N N 142 
ASP HA   H N N 143 
ASP HB2  H N N 144 
ASP HB3  H N N 145 
ASP HD2  H N N 146 
ASP HXT  H N N 147 
CYS N    N N N 148 
CYS CA   C N R 149 
CYS C    C N N 150 
CYS O    O N N 151 
CYS CB   C N N 152 
CYS SG   S N N 153 
CYS OXT  O N N 154 
CYS H    H N N 155 
CYS H2   H N N 156 
CYS HA   H N N 157 
CYS HB2  H N N 158 
CYS HB3  H N N 159 
CYS HG   H N N 160 
CYS HXT  H N N 161 
GLN N    N N N 162 
GLN CA   C N S 163 
GLN C    C N N 164 
GLN O    O N N 165 
GLN CB   C N N 166 
GLN CG   C N N 167 
GLN CD   C N N 168 
GLN OE1  O N N 169 
GLN NE2  N N N 170 
GLN OXT  O N N 171 
GLN H    H N N 172 
GLN H2   H N N 173 
GLN HA   H N N 174 
GLN HB2  H N N 175 
GLN HB3  H N N 176 
GLN HG2  H N N 177 
GLN HG3  H N N 178 
GLN HE21 H N N 179 
GLN HE22 H N N 180 
GLN HXT  H N N 181 
GLU N    N N N 182 
GLU CA   C N S 183 
GLU C    C N N 184 
GLU O    O N N 185 
GLU CB   C N N 186 
GLU CG   C N N 187 
GLU CD   C N N 188 
GLU OE1  O N N 189 
GLU OE2  O N N 190 
GLU OXT  O N N 191 
GLU H    H N N 192 
GLU H2   H N N 193 
GLU HA   H N N 194 
GLU HB2  H N N 195 
GLU HB3  H N N 196 
GLU HG2  H N N 197 
GLU HG3  H N N 198 
GLU HE2  H N N 199 
GLU HXT  H N N 200 
GLY N    N N N 201 
GLY CA   C N N 202 
GLY C    C N N 203 
GLY O    O N N 204 
GLY OXT  O N N 205 
GLY H    H N N 206 
GLY H2   H N N 207 
GLY HA2  H N N 208 
GLY HA3  H N N 209 
GLY HXT  H N N 210 
HIS N    N N N 211 
HIS CA   C N S 212 
HIS C    C N N 213 
HIS O    O N N 214 
HIS CB   C N N 215 
HIS CG   C Y N 216 
HIS ND1  N Y N 217 
HIS CD2  C Y N 218 
HIS CE1  C Y N 219 
HIS NE2  N Y N 220 
HIS OXT  O N N 221 
HIS H    H N N 222 
HIS H2   H N N 223 
HIS HA   H N N 224 
HIS HB2  H N N 225 
HIS HB3  H N N 226 
HIS HD1  H N N 227 
HIS HD2  H N N 228 
HIS HE1  H N N 229 
HIS HE2  H N N 230 
HIS HXT  H N N 231 
HOH O    O N N 232 
HOH H1   H N N 233 
HOH H2   H N N 234 
ILE N    N N N 235 
ILE CA   C N S 236 
ILE C    C N N 237 
ILE O    O N N 238 
ILE CB   C N S 239 
ILE CG1  C N N 240 
ILE CG2  C N N 241 
ILE CD1  C N N 242 
ILE OXT  O N N 243 
ILE H    H N N 244 
ILE H2   H N N 245 
ILE HA   H N N 246 
ILE HB   H N N 247 
ILE HG12 H N N 248 
ILE HG13 H N N 249 
ILE HG21 H N N 250 
ILE HG22 H N N 251 
ILE HG23 H N N 252 
ILE HD11 H N N 253 
ILE HD12 H N N 254 
ILE HD13 H N N 255 
ILE HXT  H N N 256 
LEU N    N N N 257 
LEU CA   C N S 258 
LEU C    C N N 259 
LEU O    O N N 260 
LEU CB   C N N 261 
LEU CG   C N N 262 
LEU CD1  C N N 263 
LEU CD2  C N N 264 
LEU OXT  O N N 265 
LEU H    H N N 266 
LEU H2   H N N 267 
LEU HA   H N N 268 
LEU HB2  H N N 269 
LEU HB3  H N N 270 
LEU HG   H N N 271 
LEU HD11 H N N 272 
LEU HD12 H N N 273 
LEU HD13 H N N 274 
LEU HD21 H N N 275 
LEU HD22 H N N 276 
LEU HD23 H N N 277 
LEU HXT  H N N 278 
LYS N    N N N 279 
LYS CA   C N S 280 
LYS C    C N N 281 
LYS O    O N N 282 
LYS CB   C N N 283 
LYS CG   C N N 284 
LYS CD   C N N 285 
LYS CE   C N N 286 
LYS NZ   N N N 287 
LYS OXT  O N N 288 
LYS H    H N N 289 
LYS H2   H N N 290 
LYS HA   H N N 291 
LYS HB2  H N N 292 
LYS HB3  H N N 293 
LYS HG2  H N N 294 
LYS HG3  H N N 295 
LYS HD2  H N N 296 
LYS HD3  H N N 297 
LYS HE2  H N N 298 
LYS HE3  H N N 299 
LYS HZ1  H N N 300 
LYS HZ2  H N N 301 
LYS HZ3  H N N 302 
LYS HXT  H N N 303 
PHE N    N N N 304 
PHE CA   C N S 305 
PHE C    C N N 306 
PHE O    O N N 307 
PHE CB   C N N 308 
PHE CG   C Y N 309 
PHE CD1  C Y N 310 
PHE CD2  C Y N 311 
PHE CE1  C Y N 312 
PHE CE2  C Y N 313 
PHE CZ   C Y N 314 
PHE OXT  O N N 315 
PHE H    H N N 316 
PHE H2   H N N 317 
PHE HA   H N N 318 
PHE HB2  H N N 319 
PHE HB3  H N N 320 
PHE HD1  H N N 321 
PHE HD2  H N N 322 
PHE HE1  H N N 323 
PHE HE2  H N N 324 
PHE HZ   H N N 325 
PHE HXT  H N N 326 
PRO N    N N N 327 
PRO CA   C N S 328 
PRO C    C N N 329 
PRO O    O N N 330 
PRO CB   C N N 331 
PRO CG   C N N 332 
PRO CD   C N N 333 
PRO OXT  O N N 334 
PRO H    H N N 335 
PRO HA   H N N 336 
PRO HB2  H N N 337 
PRO HB3  H N N 338 
PRO HG2  H N N 339 
PRO HG3  H N N 340 
PRO HD2  H N N 341 
PRO HD3  H N N 342 
PRO HXT  H N N 343 
SER N    N N N 344 
SER CA   C N S 345 
SER C    C N N 346 
SER O    O N N 347 
SER CB   C N N 348 
SER OG   O N N 349 
SER OXT  O N N 350 
SER H    H N N 351 
SER H2   H N N 352 
SER HA   H N N 353 
SER HB2  H N N 354 
SER HB3  H N N 355 
SER HG   H N N 356 
SER HXT  H N N 357 
THR N    N N N 358 
THR CA   C N S 359 
THR C    C N N 360 
THR O    O N N 361 
THR CB   C N R 362 
THR OG1  O N N 363 
THR CG2  C N N 364 
THR OXT  O N N 365 
THR H    H N N 366 
THR H2   H N N 367 
THR HA   H N N 368 
THR HB   H N N 369 
THR HG1  H N N 370 
THR HG21 H N N 371 
THR HG22 H N N 372 
THR HG23 H N N 373 
THR HXT  H N N 374 
TRP N    N N N 375 
TRP CA   C N S 376 
TRP C    C N N 377 
TRP O    O N N 378 
TRP CB   C N N 379 
TRP CG   C Y N 380 
TRP CD1  C Y N 381 
TRP CD2  C Y N 382 
TRP NE1  N Y N 383 
TRP CE2  C Y N 384 
TRP CE3  C Y N 385 
TRP CZ2  C Y N 386 
TRP CZ3  C Y N 387 
TRP CH2  C Y N 388 
TRP OXT  O N N 389 
TRP H    H N N 390 
TRP H2   H N N 391 
TRP HA   H N N 392 
TRP HB2  H N N 393 
TRP HB3  H N N 394 
TRP HD1  H N N 395 
TRP HE1  H N N 396 
TRP HE3  H N N 397 
TRP HZ2  H N N 398 
TRP HZ3  H N N 399 
TRP HH2  H N N 400 
TRP HXT  H N N 401 
TYR N    N N N 402 
TYR CA   C N S 403 
TYR C    C N N 404 
TYR O    O N N 405 
TYR CB   C N N 406 
TYR CG   C Y N 407 
TYR CD1  C Y N 408 
TYR CD2  C Y N 409 
TYR CE1  C Y N 410 
TYR CE2  C Y N 411 
TYR CZ   C Y N 412 
TYR OH   O N N 413 
TYR OXT  O N N 414 
TYR H    H N N 415 
TYR H2   H N N 416 
TYR HA   H N N 417 
TYR HB2  H N N 418 
TYR HB3  H N N 419 
TYR HD1  H N N 420 
TYR HD2  H N N 421 
TYR HE1  H N N 422 
TYR HE2  H N N 423 
TYR HH   H N N 424 
TYR HXT  H N N 425 
VAL N    N N N 426 
VAL CA   C N S 427 
VAL C    C N N 428 
VAL O    O N N 429 
VAL CB   C N N 430 
VAL CG1  C N N 431 
VAL CG2  C N N 432 
VAL OXT  O N N 433 
VAL H    H N N 434 
VAL H2   H N N 435 
VAL HA   H N N 436 
VAL HB   H N N 437 
VAL HG11 H N N 438 
VAL HG12 H N N 439 
VAL HG13 H N N 440 
VAL HG21 H N N 441 
VAL HG22 H N N 442 
VAL HG23 H N N 443 
VAL HXT  H N N 444 
# 
loop_
_chem_comp_bond.comp_id 
_chem_comp_bond.atom_id_1 
_chem_comp_bond.atom_id_2 
_chem_comp_bond.value_order 
_chem_comp_bond.pdbx_aromatic_flag 
_chem_comp_bond.pdbx_stereo_config 
_chem_comp_bond.pdbx_ordinal 
197 C1  C2   sing Y N 1   
197 C1  C6   doub Y N 2   
197 C1  H1   sing N N 3   
197 C2  C3   doub Y N 4   
197 C2  H2   sing N N 5   
197 C3  C4   sing Y N 6   
197 C3  C68  sing N N 7   
197 C4  C5   doub Y N 8   
197 C4  C71  sing N N 9   
197 C5  C6   sing Y N 10  
197 C5  H5   sing N N 11  
197 C6  C7   sing N N 12  
197 C7  C8   sing N N 13  
197 C7  H71A sing N N 14  
197 C7  H72  sing N N 15  
197 C8  C9   sing N N 16  
197 C8  N11  sing N N 17  
197 C8  H8   sing N N 18  
197 C9  N10  sing N N 19  
197 C9  O15  doub N N 20  
197 N10 C16  sing N N 21  
197 N10 H10  sing N N 22  
197 N11 C12  sing N N 23  
197 N11 H11  sing N N 24  
197 C12 C13  sing N N 25  
197 C12 O14  doub N N 26  
197 C13 H131 sing N N 27  
197 C13 H132 sing N N 28  
197 C13 H133 sing N N 29  
197 C16 C17  sing N N 30  
197 C16 C22  sing N N 31  
197 C16 H16  sing N N 32  
197 C17 C18  sing N N 33  
197 C17 H171 sing N N 34  
197 C17 H172 sing N N 35  
197 C18 C19  sing N N 36  
197 C18 H181 sing N N 37  
197 C18 H182 sing N N 38  
197 C19 C20  sing N N 39  
197 C19 H191 sing N N 40  
197 C19 H192 sing N N 41  
197 C20 N21  sing N N 42  
197 C20 H201 sing N N 43  
197 C20 H202 sing N N 44  
197 N21 C22  sing N N 45  
197 N21 C23  sing N N 46  
197 C22 O25  doub N N 47  
197 C23 C24  sing N N 48  
197 C23 H231 sing N N 49  
197 C23 H232 sing N N 50  
197 C24 C46  sing Y N 51  
197 C24 C50  doub Y N 52  
197 C46 C47  doub Y N 53  
197 C46 H46  sing N N 54  
197 C47 C48  sing Y N 55  
197 C47 H47  sing N N 56  
197 C48 C49  doub Y N 57  
197 C48 C55  sing Y N 58  
197 C49 C50  sing Y N 59  
197 C49 H49  sing N N 60  
197 C50 H50  sing N N 61  
197 C55 C56  sing Y N 62  
197 C55 C60  doub Y N 63  
197 C56 C57  doub Y N 64  
197 C56 H56  sing N N 65  
197 C57 C58  sing Y N 66  
197 C57 H57  sing N N 67  
197 C58 C59  doub Y N 68  
197 C58 H58  sing N N 69  
197 C59 C60  sing Y N 70  
197 C59 H59  sing N N 71  
197 C60 H60  sing N N 72  
197 C68 O69  sing N N 73  
197 C68 O70  doub N N 74  
197 O69 H69  sing N N 75  
197 C71 O72  doub N N 76  
197 C71 H71  sing N N 77  
ALA N   CA   sing N N 78  
ALA N   H    sing N N 79  
ALA N   H2   sing N N 80  
ALA CA  C    sing N N 81  
ALA CA  CB   sing N N 82  
ALA CA  HA   sing N N 83  
ALA C   O    doub N N 84  
ALA C   OXT  sing N N 85  
ALA CB  HB1  sing N N 86  
ALA CB  HB2  sing N N 87  
ALA CB  HB3  sing N N 88  
ALA OXT HXT  sing N N 89  
ARG N   CA   sing N N 90  
ARG N   H    sing N N 91  
ARG N   H2   sing N N 92  
ARG CA  C    sing N N 93  
ARG CA  CB   sing N N 94  
ARG CA  HA   sing N N 95  
ARG C   O    doub N N 96  
ARG C   OXT  sing N N 97  
ARG CB  CG   sing N N 98  
ARG CB  HB2  sing N N 99  
ARG CB  HB3  sing N N 100 
ARG CG  CD   sing N N 101 
ARG CG  HG2  sing N N 102 
ARG CG  HG3  sing N N 103 
ARG CD  NE   sing N N 104 
ARG CD  HD2  sing N N 105 
ARG CD  HD3  sing N N 106 
ARG NE  CZ   sing N N 107 
ARG NE  HE   sing N N 108 
ARG CZ  NH1  sing N N 109 
ARG CZ  NH2  doub N N 110 
ARG NH1 HH11 sing N N 111 
ARG NH1 HH12 sing N N 112 
ARG NH2 HH21 sing N N 113 
ARG NH2 HH22 sing N N 114 
ARG OXT HXT  sing N N 115 
ASN N   CA   sing N N 116 
ASN N   H    sing N N 117 
ASN N   H2   sing N N 118 
ASN CA  C    sing N N 119 
ASN CA  CB   sing N N 120 
ASN CA  HA   sing N N 121 
ASN C   O    doub N N 122 
ASN C   OXT  sing N N 123 
ASN CB  CG   sing N N 124 
ASN CB  HB2  sing N N 125 
ASN CB  HB3  sing N N 126 
ASN CG  OD1  doub N N 127 
ASN CG  ND2  sing N N 128 
ASN ND2 HD21 sing N N 129 
ASN ND2 HD22 sing N N 130 
ASN OXT HXT  sing N N 131 
ASP N   CA   sing N N 132 
ASP N   H    sing N N 133 
ASP N   H2   sing N N 134 
ASP CA  C    sing N N 135 
ASP CA  CB   sing N N 136 
ASP CA  HA   sing N N 137 
ASP C   O    doub N N 138 
ASP C   OXT  sing N N 139 
ASP CB  CG   sing N N 140 
ASP CB  HB2  sing N N 141 
ASP CB  HB3  sing N N 142 
ASP CG  OD1  doub N N 143 
ASP CG  OD2  sing N N 144 
ASP OD2 HD2  sing N N 145 
ASP OXT HXT  sing N N 146 
CYS N   CA   sing N N 147 
CYS N   H    sing N N 148 
CYS N   H2   sing N N 149 
CYS CA  C    sing N N 150 
CYS CA  CB   sing N N 151 
CYS CA  HA   sing N N 152 
CYS C   O    doub N N 153 
CYS C   OXT  sing N N 154 
CYS CB  SG   sing N N 155 
CYS CB  HB2  sing N N 156 
CYS CB  HB3  sing N N 157 
CYS SG  HG   sing N N 158 
CYS OXT HXT  sing N N 159 
GLN N   CA   sing N N 160 
GLN N   H    sing N N 161 
GLN N   H2   sing N N 162 
GLN CA  C    sing N N 163 
GLN CA  CB   sing N N 164 
GLN CA  HA   sing N N 165 
GLN C   O    doub N N 166 
GLN C   OXT  sing N N 167 
GLN CB  CG   sing N N 168 
GLN CB  HB2  sing N N 169 
GLN CB  HB3  sing N N 170 
GLN CG  CD   sing N N 171 
GLN CG  HG2  sing N N 172 
GLN CG  HG3  sing N N 173 
GLN CD  OE1  doub N N 174 
GLN CD  NE2  sing N N 175 
GLN NE2 HE21 sing N N 176 
GLN NE2 HE22 sing N N 177 
GLN OXT HXT  sing N N 178 
GLU N   CA   sing N N 179 
GLU N   H    sing N N 180 
GLU N   H2   sing N N 181 
GLU CA  C    sing N N 182 
GLU CA  CB   sing N N 183 
GLU CA  HA   sing N N 184 
GLU C   O    doub N N 185 
GLU C   OXT  sing N N 186 
GLU CB  CG   sing N N 187 
GLU CB  HB2  sing N N 188 
GLU CB  HB3  sing N N 189 
GLU CG  CD   sing N N 190 
GLU CG  HG2  sing N N 191 
GLU CG  HG3  sing N N 192 
GLU CD  OE1  doub N N 193 
GLU CD  OE2  sing N N 194 
GLU OE2 HE2  sing N N 195 
GLU OXT HXT  sing N N 196 
GLY N   CA   sing N N 197 
GLY N   H    sing N N 198 
GLY N   H2   sing N N 199 
GLY CA  C    sing N N 200 
GLY CA  HA2  sing N N 201 
GLY CA  HA3  sing N N 202 
GLY C   O    doub N N 203 
GLY C   OXT  sing N N 204 
GLY OXT HXT  sing N N 205 
HIS N   CA   sing N N 206 
HIS N   H    sing N N 207 
HIS N   H2   sing N N 208 
HIS CA  C    sing N N 209 
HIS CA  CB   sing N N 210 
HIS CA  HA   sing N N 211 
HIS C   O    doub N N 212 
HIS C   OXT  sing N N 213 
HIS CB  CG   sing N N 214 
HIS CB  HB2  sing N N 215 
HIS CB  HB3  sing N N 216 
HIS CG  ND1  sing Y N 217 
HIS CG  CD2  doub Y N 218 
HIS ND1 CE1  doub Y N 219 
HIS ND1 HD1  sing N N 220 
HIS CD2 NE2  sing Y N 221 
HIS CD2 HD2  sing N N 222 
HIS CE1 NE2  sing Y N 223 
HIS CE1 HE1  sing N N 224 
HIS NE2 HE2  sing N N 225 
HIS OXT HXT  sing N N 226 
HOH O   H1   sing N N 227 
HOH O   H2   sing N N 228 
ILE N   CA   sing N N 229 
ILE N   H    sing N N 230 
ILE N   H2   sing N N 231 
ILE CA  C    sing N N 232 
ILE CA  CB   sing N N 233 
ILE CA  HA   sing N N 234 
ILE C   O    doub N N 235 
ILE C   OXT  sing N N 236 
ILE CB  CG1  sing N N 237 
ILE CB  CG2  sing N N 238 
ILE CB  HB   sing N N 239 
ILE CG1 CD1  sing N N 240 
ILE CG1 HG12 sing N N 241 
ILE CG1 HG13 sing N N 242 
ILE CG2 HG21 sing N N 243 
ILE CG2 HG22 sing N N 244 
ILE CG2 HG23 sing N N 245 
ILE CD1 HD11 sing N N 246 
ILE CD1 HD12 sing N N 247 
ILE CD1 HD13 sing N N 248 
ILE OXT HXT  sing N N 249 
LEU N   CA   sing N N 250 
LEU N   H    sing N N 251 
LEU N   H2   sing N N 252 
LEU CA  C    sing N N 253 
LEU CA  CB   sing N N 254 
LEU CA  HA   sing N N 255 
LEU C   O    doub N N 256 
LEU C   OXT  sing N N 257 
LEU CB  CG   sing N N 258 
LEU CB  HB2  sing N N 259 
LEU CB  HB3  sing N N 260 
LEU CG  CD1  sing N N 261 
LEU CG  CD2  sing N N 262 
LEU CG  HG   sing N N 263 
LEU CD1 HD11 sing N N 264 
LEU CD1 HD12 sing N N 265 
LEU CD1 HD13 sing N N 266 
LEU CD2 HD21 sing N N 267 
LEU CD2 HD22 sing N N 268 
LEU CD2 HD23 sing N N 269 
LEU OXT HXT  sing N N 270 
LYS N   CA   sing N N 271 
LYS N   H    sing N N 272 
LYS N   H2   sing N N 273 
LYS CA  C    sing N N 274 
LYS CA  CB   sing N N 275 
LYS CA  HA   sing N N 276 
LYS C   O    doub N N 277 
LYS C   OXT  sing N N 278 
LYS CB  CG   sing N N 279 
LYS CB  HB2  sing N N 280 
LYS CB  HB3  sing N N 281 
LYS CG  CD   sing N N 282 
LYS CG  HG2  sing N N 283 
LYS CG  HG3  sing N N 284 
LYS CD  CE   sing N N 285 
LYS CD  HD2  sing N N 286 
LYS CD  HD3  sing N N 287 
LYS CE  NZ   sing N N 288 
LYS CE  HE2  sing N N 289 
LYS CE  HE3  sing N N 290 
LYS NZ  HZ1  sing N N 291 
LYS NZ  HZ2  sing N N 292 
LYS NZ  HZ3  sing N N 293 
LYS OXT HXT  sing N N 294 
PHE N   CA   sing N N 295 
PHE N   H    sing N N 296 
PHE N   H2   sing N N 297 
PHE CA  C    sing N N 298 
PHE CA  CB   sing N N 299 
PHE CA  HA   sing N N 300 
PHE C   O    doub N N 301 
PHE C   OXT  sing N N 302 
PHE CB  CG   sing N N 303 
PHE CB  HB2  sing N N 304 
PHE CB  HB3  sing N N 305 
PHE CG  CD1  doub Y N 306 
PHE CG  CD2  sing Y N 307 
PHE CD1 CE1  sing Y N 308 
PHE CD1 HD1  sing N N 309 
PHE CD2 CE2  doub Y N 310 
PHE CD2 HD2  sing N N 311 
PHE CE1 CZ   doub Y N 312 
PHE CE1 HE1  sing N N 313 
PHE CE2 CZ   sing Y N 314 
PHE CE2 HE2  sing N N 315 
PHE CZ  HZ   sing N N 316 
PHE OXT HXT  sing N N 317 
PRO N   CA   sing N N 318 
PRO N   CD   sing N N 319 
PRO N   H    sing N N 320 
PRO CA  C    sing N N 321 
PRO CA  CB   sing N N 322 
PRO CA  HA   sing N N 323 
PRO C   O    doub N N 324 
PRO C   OXT  sing N N 325 
PRO CB  CG   sing N N 326 
PRO CB  HB2  sing N N 327 
PRO CB  HB3  sing N N 328 
PRO CG  CD   sing N N 329 
PRO CG  HG2  sing N N 330 
PRO CG  HG3  sing N N 331 
PRO CD  HD2  sing N N 332 
PRO CD  HD3  sing N N 333 
PRO OXT HXT  sing N N 334 
SER N   CA   sing N N 335 
SER N   H    sing N N 336 
SER N   H2   sing N N 337 
SER CA  C    sing N N 338 
SER CA  CB   sing N N 339 
SER CA  HA   sing N N 340 
SER C   O    doub N N 341 
SER C   OXT  sing N N 342 
SER CB  OG   sing N N 343 
SER CB  HB2  sing N N 344 
SER CB  HB3  sing N N 345 
SER OG  HG   sing N N 346 
SER OXT HXT  sing N N 347 
THR N   CA   sing N N 348 
THR N   H    sing N N 349 
THR N   H2   sing N N 350 
THR CA  C    sing N N 351 
THR CA  CB   sing N N 352 
THR CA  HA   sing N N 353 
THR C   O    doub N N 354 
THR C   OXT  sing N N 355 
THR CB  OG1  sing N N 356 
THR CB  CG2  sing N N 357 
THR CB  HB   sing N N 358 
THR OG1 HG1  sing N N 359 
THR CG2 HG21 sing N N 360 
THR CG2 HG22 sing N N 361 
THR CG2 HG23 sing N N 362 
THR OXT HXT  sing N N 363 
TRP N   CA   sing N N 364 
TRP N   H    sing N N 365 
TRP N   H2   sing N N 366 
TRP CA  C    sing N N 367 
TRP CA  CB   sing N N 368 
TRP CA  HA   sing N N 369 
TRP C   O    doub N N 370 
TRP C   OXT  sing N N 371 
TRP CB  CG   sing N N 372 
TRP CB  HB2  sing N N 373 
TRP CB  HB3  sing N N 374 
TRP CG  CD1  doub Y N 375 
TRP CG  CD2  sing Y N 376 
TRP CD1 NE1  sing Y N 377 
TRP CD1 HD1  sing N N 378 
TRP CD2 CE2  doub Y N 379 
TRP CD2 CE3  sing Y N 380 
TRP NE1 CE2  sing Y N 381 
TRP NE1 HE1  sing N N 382 
TRP CE2 CZ2  sing Y N 383 
TRP CE3 CZ3  doub Y N 384 
TRP CE3 HE3  sing N N 385 
TRP CZ2 CH2  doub Y N 386 
TRP CZ2 HZ2  sing N N 387 
TRP CZ3 CH2  sing Y N 388 
TRP CZ3 HZ3  sing N N 389 
TRP CH2 HH2  sing N N 390 
TRP OXT HXT  sing N N 391 
TYR N   CA   sing N N 392 
TYR N   H    sing N N 393 
TYR N   H2   sing N N 394 
TYR CA  C    sing N N 395 
TYR CA  CB   sing N N 396 
TYR CA  HA   sing N N 397 
TYR C   O    doub N N 398 
TYR C   OXT  sing N N 399 
TYR CB  CG   sing N N 400 
TYR CB  HB2  sing N N 401 
TYR CB  HB3  sing N N 402 
TYR CG  CD1  doub Y N 403 
TYR CG  CD2  sing Y N 404 
TYR CD1 CE1  sing Y N 405 
TYR CD1 HD1  sing N N 406 
TYR CD2 CE2  doub Y N 407 
TYR CD2 HD2  sing N N 408 
TYR CE1 CZ   doub Y N 409 
TYR CE1 HE1  sing N N 410 
TYR CE2 CZ   sing Y N 411 
TYR CE2 HE2  sing N N 412 
TYR CZ  OH   sing N N 413 
TYR OH  HH   sing N N 414 
TYR OXT HXT  sing N N 415 
VAL N   CA   sing N N 416 
VAL N   H    sing N N 417 
VAL N   H2   sing N N 418 
VAL CA  C    sing N N 419 
VAL CA  CB   sing N N 420 
VAL CA  HA   sing N N 421 
VAL C   O    doub N N 422 
VAL C   OXT  sing N N 423 
VAL CB  CG1  sing N N 424 
VAL CB  CG2  sing N N 425 
VAL CB  HB   sing N N 426 
VAL CG1 HG11 sing N N 427 
VAL CG1 HG12 sing N N 428 
VAL CG1 HG13 sing N N 429 
VAL CG2 HG21 sing N N 430 
VAL CG2 HG22 sing N N 431 
VAL CG2 HG23 sing N N 432 
VAL OXT HXT  sing N N 433 
# 
_pdbx_initial_refinement_model.id               1 
_pdbx_initial_refinement_model.entity_id_list   ? 
_pdbx_initial_refinement_model.type             'experimental model' 
_pdbx_initial_refinement_model.source_name      PDB 
_pdbx_initial_refinement_model.accession_code   1SHD 
_pdbx_initial_refinement_model.details          ? 
# 
_atom_sites.entry_id                    1O4A 
_atom_sites.fract_transf_matrix[1][1]   0.03596628 
_atom_sites.fract_transf_matrix[1][2]   -0.00332811 
_atom_sites.fract_transf_matrix[1][3]   0.01134258 
_atom_sites.fract_transf_matrix[2][1]   0.00279327 
_atom_sites.fract_transf_matrix[2][2]   -0.01152542 
_atom_sites.fract_transf_matrix[2][3]   -0.01223896 
_atom_sites.fract_transf_matrix[3][1]   0.00418505 
_atom_sites.fract_transf_matrix[3][2]   0.01151756 
_atom_sites.fract_transf_matrix[3][3]   -0.00989094 
_atom_sites.fract_transf_vector[1]      0.387928 
_atom_sites.fract_transf_vector[2]      0.327508 
_atom_sites.fract_transf_vector[3]      0.311456 
# 
loop_
_atom_type.symbol 
C 
N 
O 
S 
# 
loop_
_atom_site.group_PDB 
_atom_site.id 
_atom_site.type_symbol 
_atom_site.label_atom_id 
_atom_site.label_alt_id 
_atom_site.label_comp_id 
_atom_site.label_asym_id 
_atom_site.label_entity_id 
_atom_site.label_seq_id 
_atom_site.pdbx_PDB_ins_code 
_atom_site.Cartn_x 
_atom_site.Cartn_y 
_atom_site.Cartn_z 
_atom_site.occupancy 
_atom_site.B_iso_or_equiv 
_atom_site.pdbx_formal_charge 
_atom_site.auth_seq_id 
_atom_site.auth_comp_id 
_atom_site.auth_asym_id 
_atom_site.auth_atom_id 
_atom_site.pdbx_PDB_model_num 
ATOM   1    N N   . SER A 1 1   ? -12.069 -5.844  10.054  1.00 51.88 ? 1   SER A N   1 
ATOM   2    C CA  . SER A 1 1   ? -11.573 -6.949  9.180   1.00 51.18 ? 1   SER A CA  1 
ATOM   3    C C   . SER A 1 1   ? -11.002 -6.441  7.881   1.00 50.13 ? 1   SER A C   1 
ATOM   4    O O   . SER A 1 1   ? -11.629 -5.681  7.127   1.00 50.51 ? 1   SER A O   1 
ATOM   5    C CB  . SER A 1 1   ? -12.692 -7.942  8.846   1.00 51.88 ? 1   SER A CB  1 
ATOM   6    O OG  . SER A 1 1   ? -12.193 -9.019  8.063   1.00 53.45 ? 1   SER A OG  1 
ATOM   7    N N   . ILE A 1 2   ? -9.808  -6.944  7.588   1.00 48.30 ? 2   ILE A N   1 
ATOM   8    C CA  . ILE A 1 2   ? -9.041  -6.589  6.395   1.00 45.85 ? 2   ILE A CA  1 
ATOM   9    C C   . ILE A 1 2   ? -9.715  -6.977  5.030   1.00 44.17 ? 2   ILE A C   1 
ATOM   10   O O   . ILE A 1 2   ? -9.769  -6.195  4.088   1.00 43.34 ? 2   ILE A O   1 
ATOM   11   C CB  . ILE A 1 2   ? -7.607  -7.172  6.531   1.00 45.69 ? 2   ILE A CB  1 
ATOM   12   C CG1 . ILE A 1 2   ? -6.831  -6.319  7.541   1.00 45.91 ? 2   ILE A CG1 1 
ATOM   13   C CG2 . ILE A 1 2   ? -6.908  -7.259  5.193   1.00 44.48 ? 2   ILE A CG2 1 
ATOM   14   C CD1 . ILE A 1 2   ? -5.872  -7.092  8.415   1.00 46.56 ? 2   ILE A CD1 1 
ATOM   15   N N   . GLN A 1 3   ? -10.272 -8.175  4.969   1.00 42.46 ? 3   GLN A N   1 
ATOM   16   C CA  . GLN A 1 3   ? -10.920 -8.645  3.752   1.00 41.38 ? 3   GLN A CA  1 
ATOM   17   C C   . GLN A 1 3   ? -12.215 -7.810  3.434   1.00 39.65 ? 3   GLN A C   1 
ATOM   18   O O   . GLN A 1 3   ? -12.788 -7.874  2.345   1.00 39.56 ? 3   GLN A O   1 
ATOM   19   C CB  . GLN A 1 3   ? -11.179 -10.160 3.876   1.00 43.23 ? 3   GLN A CB  1 
ATOM   20   C CG  . GLN A 1 3   ? -9.980  -11.121 3.787   1.00 44.53 ? 3   GLN A CG  1 
ATOM   21   C CD  . GLN A 1 3   ? -9.861  -11.833 2.429   1.00 46.07 ? 3   GLN A CD  1 
ATOM   22   O OE1 . GLN A 1 3   ? -9.927  -11.206 1.356   1.00 46.77 ? 3   GLN A OE1 1 
ATOM   23   N NE2 . GLN A 1 3   ? -9.658  -13.153 2.477   1.00 46.66 ? 3   GLN A NE2 1 
ATOM   24   N N   . ALA A 1 4   ? -12.640 -7.028  4.422   1.00 37.27 ? 4   ALA A N   1 
ATOM   25   C CA  . ALA A 1 4   ? -13.831 -6.185  4.306   1.00 34.88 ? 4   ALA A CA  1 
ATOM   26   C C   . ALA A 1 4   ? -13.464 -4.787  3.776   1.00 31.97 ? 4   ALA A C   1 
ATOM   27   O O   . ALA A 1 4   ? -14.303 -4.067  3.247   1.00 32.38 ? 4   ALA A O   1 
ATOM   28   C CB  . ALA A 1 4   ? -14.513 -6.061  5.675   1.00 34.95 ? 4   ALA A CB  1 
ATOM   29   N N   . GLU A 1 5   ? -12.193 -4.434  3.904   1.00 27.70 ? 5   GLU A N   1 
ATOM   30   C CA  . GLU A 1 5   ? -11.709 -3.146  3.471   1.00 24.50 ? 5   GLU A CA  1 
ATOM   31   C C   . GLU A 1 5   ? -11.704 -3.028  1.951   1.00 21.57 ? 5   GLU A C   1 
ATOM   32   O O   . GLU A 1 5   ? -11.208 -3.904  1.242   1.00 20.61 ? 5   GLU A O   1 
ATOM   33   C CB  . GLU A 1 5   ? -10.320 -2.946  4.060   1.00 25.81 ? 5   GLU A CB  1 
ATOM   34   C CG  . GLU A 1 5   ? -10.391 -3.233  5.561   1.00 27.02 ? 5   GLU A CG  1 
ATOM   35   C CD  . GLU A 1 5   ? -11.325 -2.279  6.298   1.00 28.87 ? 5   GLU A CD  1 
ATOM   36   O OE1 . GLU A 1 5   ? -11.943 -2.735  7.282   1.00 30.62 ? 5   GLU A OE1 1 
ATOM   37   O OE2 . GLU A 1 5   ? -11.422 -1.078  5.923   1.00 28.06 ? 5   GLU A OE2 1 
ATOM   38   N N   . GLU A 1 6   ? -12.232 -1.926  1.438   1.00 18.26 ? 6   GLU A N   1 
ATOM   39   C CA  . GLU A 1 6   ? -12.273 -1.743  -0.014  1.00 17.27 ? 6   GLU A CA  1 
ATOM   40   C C   . GLU A 1 6   ? -10.848 -1.654  -0.681  1.00 16.74 ? 6   GLU A C   1 
ATOM   41   O O   . GLU A 1 6   ? -10.717 -1.895  -1.890  1.00 17.21 ? 6   GLU A O   1 
ATOM   42   C CB  . GLU A 1 6   ? -13.060 -0.493  -0.450  1.00 15.38 ? 6   GLU A CB  1 
ATOM   43   C CG  . GLU A 1 6   ? -12.511 0.869   -0.126  1.00 14.48 ? 6   GLU A CG  1 
ATOM   44   C CD  . GLU A 1 6   ? -12.715 1.278   1.312   1.00 12.87 ? 6   GLU A CD  1 
ATOM   45   O OE1 . GLU A 1 6   ? -12.330 2.399   1.659   1.00 14.31 ? 6   GLU A OE1 1 
ATOM   46   O OE2 . GLU A 1 6   ? -13.264 0.503   2.104   1.00 14.59 ? 6   GLU A OE2 1 
ATOM   47   N N   . TRP A 1 7   ? -9.833  -1.268  0.090   1.00 15.32 ? 7   TRP A N   1 
ATOM   48   C CA  . TRP A 1 7   ? -8.483  -1.184  -0.476  1.00 14.64 ? 7   TRP A CA  1 
ATOM   49   C C   . TRP A 1 7   ? -7.695  -2.525  -0.336  1.00 15.14 ? 7   TRP A C   1 
ATOM   50   O O   . TRP A 1 7   ? -6.500  -2.568  -0.675  1.00 14.44 ? 7   TRP A O   1 
ATOM   51   C CB  . TRP A 1 7   ? -7.640  -0.126  0.221   1.00 14.86 ? 7   TRP A CB  1 
ATOM   52   C CG  . TRP A 1 7   ? -7.955  0.045   1.671   1.00 15.71 ? 7   TRP A CG  1 
ATOM   53   C CD1 . TRP A 1 7   ? -8.776  0.996   2.217   1.00 16.13 ? 7   TRP A CD1 1 
ATOM   54   C CD2 . TRP A 1 7   ? -7.458  -0.730  2.763   1.00 15.85 ? 7   TRP A CD2 1 
ATOM   55   N NE1 . TRP A 1 7   ? -8.803  0.855   3.580   1.00 16.44 ? 7   TRP A NE1 1 
ATOM   56   C CE2 . TRP A 1 7   ? -8.005  -0.195  3.941   1.00 15.83 ? 7   TRP A CE2 1 
ATOM   57   C CE3 . TRP A 1 7   ? -6.589  -1.830  2.860   1.00 16.55 ? 7   TRP A CE3 1 
ATOM   58   C CZ2 . TRP A 1 7   ? -7.720  -0.716  5.208   1.00 17.41 ? 7   TRP A CZ2 1 
ATOM   59   C CZ3 . TRP A 1 7   ? -6.303  -2.348  4.128   1.00 17.28 ? 7   TRP A CZ3 1 
ATOM   60   C CH2 . TRP A 1 7   ? -6.865  -1.792  5.280   1.00 17.16 ? 7   TRP A CH2 1 
ATOM   61   N N   . TYR A 1 8   ? -8.330  -3.563  0.208   1.00 14.01 ? 8   TYR A N   1 
ATOM   62   C CA  . TYR A 1 8   ? -7.633  -4.833  0.315   1.00 15.53 ? 8   TYR A CA  1 
ATOM   63   C C   . TYR A 1 8   ? -7.947  -5.675  -0.917  1.00 16.28 ? 8   TYR A C   1 
ATOM   64   O O   . TYR A 1 8   ? -9.054  -6.184  -1.088  1.00 17.86 ? 8   TYR A O   1 
ATOM   65   C CB  . TYR A 1 8   ? -8.033  -5.603  1.579   1.00 16.18 ? 8   TYR A CB  1 
ATOM   66   C CG  . TYR A 1 8   ? -7.206  -6.860  1.787   1.00 15.52 ? 8   TYR A CG  1 
ATOM   67   C CD1 . TYR A 1 8   ? -5.829  -6.765  1.989   1.00 17.37 ? 8   TYR A CD1 1 
ATOM   68   C CD2 . TYR A 1 8   ? -7.779  -8.121  1.694   1.00 15.62 ? 8   TYR A CD2 1 
ATOM   69   C CE1 . TYR A 1 8   ? -5.022  -7.909  2.090   1.00 18.31 ? 8   TYR A CE1 1 
ATOM   70   C CE2 . TYR A 1 8   ? -6.997  -9.277  1.788   1.00 18.52 ? 8   TYR A CE2 1 
ATOM   71   C CZ  . TYR A 1 8   ? -5.606  -9.161  1.990   1.00 19.67 ? 8   TYR A CZ  1 
ATOM   72   O OH  . TYR A 1 8   ? -4.788  -10.273 2.106   1.00 19.60 ? 8   TYR A OH  1 
ATOM   73   N N   . PHE A 1 9   ? -6.950  -5.871  -1.767  1.00 15.96 ? 9   PHE A N   1 
ATOM   74   C CA  . PHE A 1 9   ? -7.139  -6.634  -2.991  1.00 15.99 ? 9   PHE A CA  1 
ATOM   75   C C   . PHE A 1 9   ? -6.751  -8.066  -2.858  1.00 16.39 ? 9   PHE A C   1 
ATOM   76   O O   . PHE A 1 9   ? -6.694  -8.769  -3.864  1.00 17.66 ? 9   PHE A O   1 
ATOM   77   C CB  . PHE A 1 9   ? -6.372  -5.978  -4.143  1.00 15.33 ? 9   PHE A CB  1 
ATOM   78   C CG  . PHE A 1 9   ? -7.024  -4.711  -4.674  1.00 16.01 ? 9   PHE A CG  1 
ATOM   79   C CD1 . PHE A 1 9   ? -7.668  -3.827  -3.825  1.00 15.80 ? 9   PHE A CD1 1 
ATOM   80   C CD2 . PHE A 1 9   ? -6.978  -4.399  -6.019  1.00 16.58 ? 9   PHE A CD2 1 
ATOM   81   C CE1 . PHE A 1 9   ? -8.251  -2.655  -4.323  1.00 16.29 ? 9   PHE A CE1 1 
ATOM   82   C CE2 . PHE A 1 9   ? -7.557  -3.232  -6.521  1.00 17.81 ? 9   PHE A CE2 1 
ATOM   83   C CZ  . PHE A 1 9   ? -8.192  -2.365  -5.670  1.00 17.00 ? 9   PHE A CZ  1 
ATOM   84   N N   . GLY A 1 10  ? -6.395  -8.495  -1.656  1.00 16.18 ? 10  GLY A N   1 
ATOM   85   C CA  . GLY A 1 10  ? -6.039  -9.891  -1.459  1.00 17.61 ? 10  GLY A CA  1 
ATOM   86   C C   . GLY A 1 10  ? -4.861  -10.488 -2.224  1.00 17.34 ? 10  GLY A C   1 
ATOM   87   O O   . GLY A 1 10  ? -3.768  -9.929  -2.283  1.00 16.37 ? 10  GLY A O   1 
ATOM   88   N N   . LYS A 1 11  ? -5.093  -11.645 -2.816  1.00 18.50 ? 11  LYS A N   1 
ATOM   89   C CA  . LYS A 1 11  ? -4.039  -12.331 -3.531  1.00 21.84 ? 11  LYS A CA  1 
ATOM   90   C C   . LYS A 1 11  ? -3.858  -11.948 -4.996  1.00 21.81 ? 11  LYS A C   1 
ATOM   91   O O   . LYS A 1 11  ? -4.224  -12.707 -5.892  1.00 23.69 ? 11  LYS A O   1 
ATOM   92   C CB  . LYS A 1 11  ? -4.189  -13.860 -3.375  1.00 23.25 ? 11  LYS A CB  1 
ATOM   93   C CG  . LYS A 1 11  ? -2.768  -14.380 -3.556  1.00 26.22 ? 11  LYS A CG  1 
ATOM   94   C CD  . LYS A 1 11  ? -2.291  -15.808 -3.324  1.00 29.70 ? 11  LYS A CD  1 
ATOM   95   C CE  . LYS A 1 11  ? -2.970  -16.645 -4.400  1.00 31.33 ? 11  LYS A CE  1 
ATOM   96   N NZ  . LYS A 1 11  ? -2.533  -18.067 -4.380  1.00 33.05 ? 11  LYS A NZ  1 
ATOM   97   N N   . ILE A 1 12  ? -3.317  -10.760 -5.233  1.00 22.01 ? 12  ILE A N   1 
ATOM   98   C CA  . ILE A 1 12  ? -3.035  -10.310 -6.585  1.00 19.20 ? 12  ILE A CA  1 
ATOM   99   C C   . ILE A 1 12  ? -1.517  -10.101 -6.647  1.00 18.63 ? 12  ILE A C   1 
ATOM   100  O O   . ILE A 1 12  ? -0.827  -9.824  -5.672  1.00 18.00 ? 12  ILE A O   1 
ATOM   101  C CB  . ILE A 1 12  ? -3.814  -9.028  -6.979  1.00 19.75 ? 12  ILE A CB  1 
ATOM   102  C CG1 . ILE A 1 12  ? -3.410  -7.820  -6.126  1.00 18.08 ? 12  ILE A CG1 1 
ATOM   103  C CG2 . ILE A 1 12  ? -5.324  -9.258  -6.850  1.00 21.08 ? 12  ILE A CG2 1 
ATOM   104  C CD1 . ILE A 1 12  ? -3.852  -6.532  -6.775  1.00 16.24 ? 12  ILE A CD1 1 
ATOM   105  N N   . THR A 1 13  ? -0.975  -10.278 -7.833  1.00 17.57 ? 13  THR A N   1 
ATOM   106  C CA  . THR A 1 13  ? 0.458   -10.155 -8.037  1.00 16.10 ? 13  THR A CA  1 
ATOM   107  C C   . THR A 1 13  ? 0.966   -8.729  -8.166  1.00 15.68 ? 13  THR A C   1 
ATOM   108  O O   . THR A 1 13  ? 0.223   -7.764  -8.376  1.00 14.68 ? 13  THR A O   1 
ATOM   109  C CB  . THR A 1 13  ? 0.913   -10.944 -9.334  1.00 17.17 ? 13  THR A CB  1 
ATOM   110  O OG1 . THR A 1 13  ? 0.338   -10.357 -10.518 1.00 16.81 ? 13  THR A OG1 1 
ATOM   111  C CG2 . THR A 1 13  ? 0.471   -12.401 -9.247  1.00 17.35 ? 13  THR A CG2 1 
ATOM   112  N N   . ARG A 1 14  ? 2.285   -8.631  -8.118  1.00 14.82 ? 14  ARG A N   1 
ATOM   113  C CA  . ARG A 1 14  ? 2.992   -7.392  -8.277  1.00 16.74 ? 14  ARG A CA  1 
ATOM   114  C C   . ARG A 1 14  ? 2.662   -6.824  -9.665  1.00 16.68 ? 14  ARG A C   1 
ATOM   115  O O   . ARG A 1 14  ? 2.329   -5.639  -9.766  1.00 15.58 ? 14  ARG A O   1 
ATOM   116  C CB  . ARG A 1 14  ? 4.500   -7.644  -8.167  1.00 18.73 ? 14  ARG A CB  1 
ATOM   117  C CG  . ARG A 1 14  ? 5.408   -6.522  -8.595  1.00 23.08 ? 14  ARG A CG  1 
ATOM   118  C CD  . ARG A 1 14  ? 6.806   -6.944  -8.210  1.00 28.14 ? 14  ARG A CD  1 
ATOM   119  N NE  . ARG A 1 14  ? 7.476   -5.898  -7.428  1.00 34.74 ? 14  ARG A NE  1 
ATOM   120  C CZ  . ARG A 1 14  ? 8.140   -4.861  -7.952  1.00 37.84 ? 14  ARG A CZ  1 
ATOM   121  N NH1 . ARG A 1 14  ? 8.239   -4.720  -9.281  1.00 38.67 ? 14  ARG A NH1 1 
ATOM   122  N NH2 . ARG A 1 14  ? 8.674   -3.934  -7.153  1.00 38.88 ? 14  ARG A NH2 1 
ATOM   123  N N   . ARG A 1 15  ? 2.755   -7.657  -10.715 1.00 16.06 ? 15  ARG A N   1 
ATOM   124  C CA  . ARG A 1 15  ? 2.464   -7.206  -12.075 1.00 14.44 ? 15  ARG A CA  1 
ATOM   125  C C   . ARG A 1 15  ? 0.970   -6.705  -12.205 1.00 13.97 ? 15  ARG A C   1 
ATOM   126  O O   . ARG A 1 15  ? 0.680   -5.698  -12.850 1.00 12.92 ? 15  ARG A O   1 
ATOM   127  C CB  . ARG A 1 15  ? 2.718   -8.328  -13.067 1.00 15.58 ? 15  ARG A CB  1 
ATOM   128  C CG  . ARG A 1 15  ? 2.408   -7.829  -14.486 1.00 16.58 ? 15  ARG A CG  1 
ATOM   129  C CD  . ARG A 1 15  ? 2.710   -8.897  -15.540 1.00 17.53 ? 15  ARG A CD  1 
ATOM   130  N NE  . ARG A 1 15  ? 2.417   -8.468  -16.909 1.00 18.67 ? 15  ARG A NE  1 
ATOM   131  C CZ  . ARG A 1 15  ? 3.215   -7.717  -17.651 1.00 18.54 ? 15  ARG A CZ  1 
ATOM   132  N NH1 . ARG A 1 15  ? 4.375   -7.304  -17.165 1.00 19.31 ? 15  ARG A NH1 1 
ATOM   133  N NH2 . ARG A 1 15  ? 2.842   -7.360  -18.875 1.00 20.24 ? 15  ARG A NH2 1 
ATOM   134  N N   . GLU A 1 16  ? 0.053   -7.454  -11.604 1.00 13.38 ? 16  GLU A N   1 
ATOM   135  C CA  . GLU A 1 16  ? -1.341  -7.071  -11.614 1.00 14.04 ? 16  GLU A CA  1 
ATOM   136  C C   . GLU A 1 16  ? -1.509  -5.764  -10.909 1.00 12.72 ? 16  GLU A C   1 
ATOM   137  O O   . GLU A 1 16  ? -2.130  -4.865  -11.470 1.00 12.81 ? 16  GLU A O   1 
ATOM   138  C CB  . GLU A 1 16  ? -2.208  -8.167  -10.990 1.00 16.71 ? 16  GLU A CB  1 
ATOM   139  C CG  . GLU A 1 16  ? -3.684  -7.904  -10.812 1.00 18.47 ? 16  GLU A CG  1 
ATOM   140  C CD  . GLU A 1 16  ? -4.403  -7.514  -12.104 1.00 21.13 ? 16  GLU A CD  1 
ATOM   141  O OE1 . GLU A 1 16  ? -5.599  -7.164  -11.984 1.00 24.66 ? 16  GLU A OE1 1 
ATOM   142  O OE2 . GLU A 1 16  ? -3.822  -7.551  -13.220 1.00 20.33 ? 16  GLU A OE2 1 
ATOM   143  N N   . SER A 1 17  ? -0.911  -5.617  -9.730  1.00 11.91 ? 17  SER A N   1 
ATOM   144  C CA  . SER A 1 17  ? -1.033  -4.366  -8.993  1.00 12.00 ? 17  SER A CA  1 
ATOM   145  C C   . SER A 1 17  ? -0.520  -3.191  -9.837  1.00 11.39 ? 17  SER A C   1 
ATOM   146  O O   . SER A 1 17  ? -1.145  -2.114  -9.824  1.00 11.11 ? 17  SER A O   1 
ATOM   147  C CB  . SER A 1 17  ? -0.405  -4.498  -7.602  1.00 12.82 ? 17  SER A CB  1 
ATOM   148  O OG  . SER A 1 17  ? 1.003   -4.359  -7.651  1.00 15.26 ? 17  SER A OG  1 
ATOM   149  N N   . GLU A 1 18  ? 0.599   -3.387  -10.552 1.00 10.73 ? 18  GLU A N   1 
ATOM   150  C CA  . GLU A 1 18  ? 1.155   -2.346  -11.415 1.00 11.97 ? 18  GLU A CA  1 
ATOM   151  C C   . GLU A 1 18  ? 0.206   -2.061  -12.596 1.00 13.11 ? 18  GLU A C   1 
ATOM   152  O O   . GLU A 1 18  ? -0.011  -0.923  -12.965 1.00 13.23 ? 18  GLU A O   1 
ATOM   153  C CB  . GLU A 1 18  ? 2.538   -2.718  -11.938 1.00 13.24 ? 18  GLU A CB  1 
ATOM   154  C CG  . GLU A 1 18  ? 3.461   -2.784  -10.715 1.00 15.00 ? 18  GLU A CG  1 
ATOM   155  C CD  . GLU A 1 18  ? 4.864   -3.264  -11.045 1.00 18.87 ? 18  GLU A CD  1 
ATOM   156  O OE1 . GLU A 1 18  ? 5.773   -3.175  -10.197 1.00 16.64 ? 18  GLU A OE1 1 
ATOM   157  O OE2 . GLU A 1 18  ? 5.069   -3.773  -12.159 1.00 22.25 ? 18  GLU A OE2 1 
ATOM   158  N N   . ARG A 1 19  ? -0.409  -3.103  -13.141 1.00 13.97 ? 19  ARG A N   1 
ATOM   159  C CA  . ARG A 1 19  ? -1.329  -2.917  -14.252 1.00 16.10 ? 19  ARG A CA  1 
ATOM   160  C C   . ARG A 1 19  ? -2.498  -2.003  -13.815 1.00 16.02 ? 19  ARG A C   1 
ATOM   161  O O   . ARG A 1 19  ? -2.894  -1.099  -14.559 1.00 17.30 ? 19  ARG A O   1 
ATOM   162  C CB  . ARG A 1 19  ? -1.890  -4.269  -14.691 1.00 18.12 ? 19  ARG A CB  1 
ATOM   163  C CG  . ARG A 1 19  ? -2.627  -4.099  -16.029 1.00 21.72 ? 19  ARG A CG  1 
ATOM   164  C CD  . ARG A 1 19  ? -3.369  -5.396  -16.325 1.00 24.28 ? 19  ARG A CD  1 
ATOM   165  N NE  . ARG A 1 19  ? -4.407  -5.694  -15.330 1.00 26.25 ? 19  ARG A NE  1 
ATOM   166  C CZ  . ARG A 1 19  ? -5.650  -5.215  -15.366 1.00 25.94 ? 19  ARG A CZ  1 
ATOM   167  N NH1 . ARG A 1 19  ? -6.019  -4.398  -16.356 1.00 26.58 ? 19  ARG A NH1 1 
ATOM   168  N NH2 . ARG A 1 19  ? -6.525  -5.570  -14.432 1.00 24.65 ? 19  ARG A NH2 1 
ATOM   169  N N   . LEU A 1 20  ? -3.034  -2.249  -12.619 1.00 16.13 ? 20  LEU A N   1 
ATOM   170  C CA  . LEU A 1 20  ? -4.147  -1.462  -12.079 1.00 15.55 ? 20  LEU A CA  1 
ATOM   171  C C   . LEU A 1 20  ? -3.747  -0.014  -11.709 1.00 16.05 ? 20  LEU A C   1 
ATOM   172  O O   . LEU A 1 20  ? -4.499  0.945   -11.938 1.00 17.64 ? 20  LEU A O   1 
ATOM   173  C CB  . LEU A 1 20  ? -4.690  -2.104  -10.804 1.00 15.56 ? 20  LEU A CB  1 
ATOM   174  C CG  . LEU A 1 20  ? -5.288  -3.504  -10.947 1.00 14.83 ? 20  LEU A CG  1 
ATOM   175  C CD1 . LEU A 1 20  ? -5.620  -4.085  -9.588  1.00 16.90 ? 20  LEU A CD1 1 
ATOM   176  C CD2 . LEU A 1 20  ? -6.508  -3.416  -11.798 1.00 17.09 ? 20  LEU A CD2 1 
ATOM   177  N N   . LEU A 1 21  ? -2.557  0.142   -11.139 1.00 14.38 ? 21  LEU A N   1 
ATOM   178  C CA  . LEU A 1 21  ? -2.078  1.446   -10.691 1.00 13.43 ? 21  LEU A CA  1 
ATOM   179  C C   . LEU A 1 21  ? -1.540  2.333   -11.793 1.00 14.50 ? 21  LEU A C   1 
ATOM   180  O O   . LEU A 1 21  ? -1.554  3.560   -11.648 1.00 14.77 ? 21  LEU A O   1 
ATOM   181  C CB  . LEU A 1 21  ? -1.081  1.251   -9.536  1.00 12.34 ? 21  LEU A CB  1 
ATOM   182  C CG  . LEU A 1 21  ? -1.627  0.719   -8.212  1.00 12.16 ? 21  LEU A CG  1 
ATOM   183  C CD1 . LEU A 1 21  ? -0.515  0.241   -7.279  1.00 12.04 ? 21  LEU A CD1 1 
ATOM   184  C CD2 . LEU A 1 21  ? -2.469  1.814   -7.551  1.00 13.16 ? 21  LEU A CD2 1 
ATOM   185  N N   . LEU A 1 22  ? -1.058  1.747   -12.886 1.00 15.44 ? 22  LEU A N   1 
ATOM   186  C CA  . LEU A 1 22  ? -0.537  2.548   -13.985 1.00 16.98 ? 22  LEU A CA  1 
ATOM   187  C C   . LEU A 1 22  ? -1.615  2.975   -14.930 1.00 17.81 ? 22  LEU A C   1 
ATOM   188  O O   . LEU A 1 22  ? -1.618  2.676   -16.122 1.00 20.30 ? 22  LEU A O   1 
ATOM   189  C CB  . LEU A 1 22  ? 0.573   1.813   -14.736 1.00 16.73 ? 22  LEU A CB  1 
ATOM   190  C CG  . LEU A 1 22  ? 1.865   1.551   -13.966 1.00 16.82 ? 22  LEU A CG  1 
ATOM   191  C CD1 . LEU A 1 22  ? 2.709   0.509   -14.719 1.00 16.66 ? 22  LEU A CD1 1 
ATOM   192  C CD2 . LEU A 1 22  ? 2.626   2.861   -13.774 1.00 17.80 ? 22  LEU A CD2 1 
ATOM   193  N N   . ASN A 1 23  ? -2.595  3.664   -14.381 1.00 19.07 ? 23  ASN A N   1 
ATOM   194  C CA  . ASN A 1 23  ? -3.699  4.196   -15.174 1.00 18.30 ? 23  ASN A CA  1 
ATOM   195  C C   . ASN A 1 23  ? -3.542  5.682   -15.093 1.00 17.36 ? 23  ASN A C   1 
ATOM   196  O O   . ASN A 1 23  ? -3.453  6.201   -13.992 1.00 16.50 ? 23  ASN A O   1 
ATOM   197  C CB  . ASN A 1 23  ? -5.030  3.695   -14.622 1.00 20.39 ? 23  ASN A CB  1 
ATOM   198  C CG  . ASN A 1 23  ? -6.215  4.230   -15.413 1.00 22.60 ? 23  ASN A CG  1 
ATOM   199  O OD1 . ASN A 1 23  ? -6.263  5.415   -15.754 1.00 21.71 ? 23  ASN A OD1 1 
ATOM   200  N ND2 . ASN A 1 23  ? -7.145  3.341   -15.764 1.00 23.11 ? 23  ASN A ND2 1 
ATOM   201  N N   . ALA A 1 24  ? -3.433  6.354   -16.237 1.00 17.02 ? 24  ALA A N   1 
ATOM   202  C CA  . ALA A 1 24  ? -3.230  7.799   -16.300 1.00 17.55 ? 24  ALA A CA  1 
ATOM   203  C C   . ALA A 1 24  ? -4.150  8.583   -15.526 1.00 17.76 ? 24  ALA A C   1 
ATOM   204  O O   . ALA A 1 24  ? -3.880  9.753   -15.278 1.00 18.51 ? 24  ALA A O   1 
ATOM   205  C CB  . ALA A 1 24  ? -3.254  8.289   -17.748 1.00 17.88 ? 24  ALA A CB  1 
ATOM   206  N N   . GLU A 1 25  ? -5.288  8.013   -15.169 1.00 18.31 ? 25  GLU A N   1 
ATOM   207  C CA  . GLU A 1 25  ? -6.267  8.758   -14.401 1.00 18.53 ? 25  GLU A CA  1 
ATOM   208  C C   . GLU A 1 25  ? -5.973  8.735   -12.954 1.00 17.54 ? 25  GLU A C   1 
ATOM   209  O O   . GLU A 1 25  ? -6.560  9.506   -12.192 1.00 17.72 ? 25  GLU A O   1 
ATOM   210  C CB  . GLU A 1 25  ? -7.659  8.169   -14.572 1.00 20.39 ? 25  GLU A CB  1 
ATOM   211  C CG  . GLU A 1 25  ? -8.074  8.462   -16.002 1.00 24.12 ? 25  GLU A CG  1 
ATOM   212  C CD  . GLU A 1 25  ? -9.473  7.949   -16.318 1.00 27.06 ? 25  GLU A CD  1 
ATOM   213  O OE1 . GLU A 1 25  ? -9.943  8.178   -17.454 1.00 29.51 ? 25  GLU A OE1 1 
ATOM   214  O OE2 . GLU A 1 25  ? -10.095 7.299   -15.454 1.00 28.84 ? 25  GLU A OE2 1 
ATOM   215  N N   . ASN A 1 26  ? -5.044  7.891   -12.537 1.00 15.83 ? 26  ASN A N   1 
ATOM   216  C CA  . ASN A 1 26  ? -4.738  7.788   -11.102 1.00 15.08 ? 26  ASN A CA  1 
ATOM   217  C C   . ASN A 1 26  ? -3.799  8.923   -10.568 1.00 14.29 ? 26  ASN A C   1 
ATOM   218  O O   . ASN A 1 26  ? -2.656  9.066   -11.051 1.00 13.52 ? 26  ASN A O   1 
ATOM   219  C CB  . ASN A 1 26  ? -4.017  6.461   -10.770 1.00 13.24 ? 26  ASN A CB  1 
ATOM   220  C CG  . ASN A 1 26  ? -4.931  5.243   -10.884 1.00 14.53 ? 26  ASN A CG  1 
ATOM   221  O OD1 . ASN A 1 26  ? -6.171  5.356   -10.780 1.00 14.60 ? 26  ASN A OD1 1 
ATOM   222  N ND2 . ASN A 1 26  ? -4.330  4.068   -11.066 1.00 14.02 ? 26  ASN A ND2 1 
ATOM   223  N N   . PRO A 1 27  ? -4.298  9.758   -9.627  1.00 13.37 ? 27  PRO A N   1 
ATOM   224  C CA  . PRO A 1 27  ? -3.403  10.801  -9.112  1.00 13.23 ? 27  PRO A CA  1 
ATOM   225  C C   . PRO A 1 27  ? -2.381  10.110  -8.164  1.00 12.66 ? 27  PRO A C   1 
ATOM   226  O O   . PRO A 1 27  ? -2.585  8.934   -7.789  1.00 11.39 ? 27  PRO A O   1 
ATOM   227  C CB  . PRO A 1 27  ? -4.353  11.774  -8.391  1.00 13.67 ? 27  PRO A CB  1 
ATOM   228  C CG  . PRO A 1 27  ? -5.564  10.996  -8.112  1.00 15.34 ? 27  PRO A CG  1 
ATOM   229  C CD  . PRO A 1 27  ? -5.696  9.972   -9.212  1.00 14.29 ? 27  PRO A CD  1 
ATOM   230  N N   . ARG A 1 28  ? -1.334  10.831  -7.761  1.00 11.51 ? 28  ARG A N   1 
ATOM   231  C CA  . ARG A 1 28  ? -0.331  10.259  -6.878  1.00 11.45 ? 28  ARG A CA  1 
ATOM   232  C C   . ARG A 1 28  ? -0.981  9.766   -5.610  1.00 10.53 ? 28  ARG A C   1 
ATOM   233  O O   . ARG A 1 28  ? -1.950  10.396  -5.126  1.00 10.84 ? 28  ARG A O   1 
ATOM   234  C CB  . ARG A 1 28  ? 0.701   11.321  -6.501  1.00 12.47 ? 28  ARG A CB  1 
ATOM   235  C CG  . ARG A 1 28  ? 1.251   11.882  -7.787  1.00 15.62 ? 28  ARG A CG  1 
ATOM   236  C CD  . ARG A 1 28  ? 2.202   13.021  -7.499  1.00 19.44 ? 28  ARG A CD  1 
ATOM   237  N NE  . ARG A 1 28  ? 3.404   12.529  -6.811  1.00 24.49 ? 28  ARG A NE  1 
ATOM   238  C CZ  . ARG A 1 28  ? 4.197   13.268  -6.027  1.00 26.30 ? 28  ARG A CZ  1 
ATOM   239  N NH1 . ARG A 1 28  ? 3.901   14.558  -5.811  1.00 26.98 ? 28  ARG A NH1 1 
ATOM   240  N NH2 . ARG A 1 28  ? 5.315   12.739  -5.512  1.00 24.79 ? 28  ARG A NH2 1 
ATOM   241  N N   . GLY A 1 29  ? -0.485  8.676   -5.037  1.00 8.26  ? 29  GLY A N   1 
ATOM   242  C CA  . GLY A 1 29  ? -1.093  8.193   -3.808  1.00 8.76  ? 29  GLY A CA  1 
ATOM   243  C C   . GLY A 1 29  ? -2.214  7.184   -3.997  1.00 9.58  ? 29  GLY A C   1 
ATOM   244  O O   . GLY A 1 29  ? -2.741  6.683   -3.022  1.00 10.81 ? 29  GLY A O   1 
ATOM   245  N N   . THR A 1 30  ? -2.582  6.863   -5.242  1.00 9.67  ? 30  THR A N   1 
ATOM   246  C CA  . THR A 1 30  ? -3.612  5.855   -5.457  1.00 9.49  ? 30  THR A CA  1 
ATOM   247  C C   . THR A 1 30  ? -2.987  4.548   -4.929  1.00 9.64  ? 30  THR A C   1 
ATOM   248  O O   . THR A 1 30  ? -1.805  4.300   -5.124  1.00 8.69  ? 30  THR A O   1 
ATOM   249  C CB  . THR A 1 30  ? -4.024  5.780   -6.912  1.00 10.50 ? 30  THR A CB  1 
ATOM   250  O OG1 . THR A 1 30  ? -4.564  7.056   -7.308  1.00 11.25 ? 30  THR A OG1 1 
ATOM   251  C CG2 . THR A 1 30  ? -5.094  4.723   -7.093  1.00 11.21 ? 30  THR A CG2 1 
ATOM   252  N N   . PHE A 1 31  ? -3.767  3.727   -4.241  1.00 8.58  ? 31  PHE A N   1 
ATOM   253  C CA  . PHE A 1 31  ? -3.158  2.564   -3.623  1.00 8.55  ? 31  PHE A CA  1 
ATOM   254  C C   . PHE A 1 31  ? -4.043  1.427   -3.416  1.00 9.77  ? 31  PHE A C   1 
ATOM   255  O O   . PHE A 1 31  ? -5.260  1.501   -3.580  1.00 9.54  ? 31  PHE A O   1 
ATOM   256  C CB  . PHE A 1 31  ? -2.626  2.968   -2.216  1.00 9.46  ? 31  PHE A CB  1 
ATOM   257  C CG  . PHE A 1 31  ? -3.734  3.176   -1.174  1.00 9.28  ? 31  PHE A CG  1 
ATOM   258  C CD1 . PHE A 1 31  ? -4.030  2.175   -0.250  1.00 10.60 ? 31  PHE A CD1 1 
ATOM   259  C CD2 . PHE A 1 31  ? -4.544  4.323   -1.197  1.00 11.53 ? 31  PHE A CD2 1 
ATOM   260  C CE1 . PHE A 1 31  ? -5.134  2.293   0.644   1.00 10.35 ? 31  PHE A CE1 1 
ATOM   261  C CE2 . PHE A 1 31  ? -5.651  4.456   -0.312  1.00 9.94  ? 31  PHE A CE2 1 
ATOM   262  C CZ  . PHE A 1 31  ? -5.940  3.444   0.597   1.00 10.79 ? 31  PHE A CZ  1 
ATOM   263  N N   . LEU A 1 32  ? -3.435  0.320   -2.994  1.00 9.37  ? 32  LEU A N   1 
ATOM   264  C CA  . LEU A 1 32  ? -4.147  -0.913  -2.675  1.00 9.24  ? 32  LEU A CA  1 
ATOM   265  C C   . LEU A 1 32  ? -3.232  -1.715  -1.737  1.00 9.14  ? 32  LEU A C   1 
ATOM   266  O O   . LEU A 1 32  ? -2.034  -1.440  -1.661  1.00 8.93  ? 32  LEU A O   1 
ATOM   267  C CB  . LEU A 1 32  ? -4.418  -1.725  -3.946  1.00 9.24  ? 32  LEU A CB  1 
ATOM   268  C CG  . LEU A 1 32  ? -3.218  -2.157  -4.817  1.00 10.15 ? 32  LEU A CG  1 
ATOM   269  C CD1 . LEU A 1 32  ? -2.691  -3.523  -4.398  1.00 10.45 ? 32  LEU A CD1 1 
ATOM   270  C CD2 . LEU A 1 32  ? -3.621  -2.191  -6.254  1.00 10.81 ? 32  LEU A CD2 1 
ATOM   271  N N   . VAL A 1 33  ? -3.800  -2.674  -1.020  1.00 9.54  ? 33  VAL A N   1 
ATOM   272  C CA  . VAL A 1 33  ? -3.028  -3.533  -0.132  1.00 9.38  ? 33  VAL A CA  1 
ATOM   273  C C   . VAL A 1 33  ? -3.280  -4.914  -0.612  1.00 10.94 ? 33  VAL A C   1 
ATOM   274  O O   . VAL A 1 33  ? -4.402  -5.251  -0.988  1.00 12.15 ? 33  VAL A O   1 
ATOM   275  C CB  . VAL A 1 33  ? -3.437  -3.358  1.373   1.00 8.88  ? 33  VAL A CB  1 
ATOM   276  C CG1 . VAL A 1 33  ? -2.651  -4.305  2.245   1.00 7.09  ? 33  VAL A CG1 1 
ATOM   277  C CG2 . VAL A 1 33  ? -3.216  -1.878  1.811   1.00 10.01 ? 33  VAL A CG2 1 
ATOM   278  N N   . ARG A 1 34  ? -2.221  -5.715  -0.706  1.00 11.38 ? 34  ARG A N   1 
ATOM   279  C CA  . ARG A 1 34  ? -2.318  -7.089  -1.178  1.00 11.42 ? 34  ARG A CA  1 
ATOM   280  C C   . ARG A 1 34  ? -1.431  -7.967  -0.326  1.00 12.15 ? 34  ARG A C   1 
ATOM   281  O O   . ARG A 1 34  ? -0.682  -7.494  0.535   1.00 11.84 ? 34  ARG A O   1 
ATOM   282  C CB  . ARG A 1 34  ? -1.907  -7.135  -2.650  1.00 11.35 ? 34  ARG A CB  1 
ATOM   283  C CG  . ARG A 1 34  ? -0.538  -6.530  -2.926  1.00 11.50 ? 34  ARG A CG  1 
ATOM   284  C CD  . ARG A 1 34  ? -0.143  -6.542  -4.392  1.00 10.99 ? 34  ARG A CD  1 
ATOM   285  N NE  . ARG A 1 34  ? 1.182   -5.954  -4.636  1.00 11.54 ? 34  ARG A NE  1 
ATOM   286  C CZ  . ARG A 1 34  ? 2.333   -6.643  -4.669  1.00 12.95 ? 34  ARG A CZ  1 
ATOM   287  N NH1 . ARG A 1 34  ? 3.478   -6.010  -4.921  1.00 14.05 ? 34  ARG A NH1 1 
ATOM   288  N NH2 . ARG A 1 34  ? 2.352   -7.948  -4.427  1.00 12.75 ? 34  ARG A NH2 1 
ATOM   289  N N   . GLU A 1 35  ? -1.538  -9.275  -0.508  1.00 12.89 ? 35  GLU A N   1 
ATOM   290  C CA  . GLU A 1 35  ? -0.686  -10.179 0.245   1.00 15.13 ? 35  GLU A CA  1 
ATOM   291  C C   . GLU A 1 35  ? 0.767   -10.047 -0.291  1.00 15.87 ? 35  GLU A C   1 
ATOM   292  O O   . GLU A 1 35  ? 0.964   -9.724  -1.452  1.00 16.45 ? 35  GLU A O   1 
ATOM   293  C CB  . GLU A 1 35  ? -0.987  -11.651 -0.046  1.00 15.64 ? 35  GLU A CB  1 
ATOM   294  C CG  . GLU A 1 35  ? -2.264  -12.175 0.585   1.00 17.97 ? 35  GLU A CG  1 
ATOM   295  C CD  . GLU A 1 35  ? -2.578  -13.639 0.216   1.00 19.97 ? 35  GLU A CD  1 
ATOM   296  O OE1 . GLU A 1 35  ? -3.722  -14.061 0.486   1.00 21.21 ? 35  GLU A OE1 1 
ATOM   297  O OE2 . GLU A 1 35  ? -1.715  -14.362 -0.353  1.00 20.34 ? 35  GLU A OE2 1 
ATOM   298  N N   . SER A 1 36  ? 1.745   -10.226 0.593   1.00 19.07 ? 36  SER A N   1 
ATOM   299  C CA  . SER A 1 36  ? 3.158   -10.203 0.240   1.00 21.70 ? 36  SER A CA  1 
ATOM   300  C C   . SER A 1 36  ? 3.300   -11.456 -0.677  1.00 24.10 ? 36  SER A C   1 
ATOM   301  O O   . SER A 1 36  ? 2.630   -12.461 -0.408  1.00 22.88 ? 36  SER A O   1 
ATOM   302  C CB  . SER A 1 36  ? 3.978   -10.387 1.529   1.00 22.22 ? 36  SER A CB  1 
ATOM   303  O OG  . SER A 1 36  ? 5.290   -10.882 1.291   1.00 25.91 ? 36  SER A OG  1 
ATOM   304  N N   . GLU A 1 37  ? 4.035   -11.369 -1.782  1.00 27.51 ? 37  GLU A N   1 
ATOM   305  C CA  . GLU A 1 37  ? 4.197   -12.548 -2.637  1.00 30.98 ? 37  GLU A CA  1 
ATOM   306  C C   . GLU A 1 37  ? 5.241   -13.665 -1.899  1.00 32.86 ? 37  GLU A C   1 
ATOM   307  O O   . GLU A 1 37  ? 5.111   -14.899 -2.032  1.00 32.10 ? 37  GLU A O   1 
ATOM   308  C CB  . GLU A 1 37  ? 4.676   -12.135 -4.049  1.00 32.19 ? 37  GLU A CB  1 
ATOM   309  C CG  . GLU A 1 37  ? 3.905   -11.353 -5.149  1.00 34.78 ? 37  GLU A CG  1 
ATOM   310  C CD  . GLU A 1 37  ? 4.623   -11.340 -6.529  1.00 37.00 ? 37  GLU A CD  1 
ATOM   311  O OE1 . GLU A 1 37  ? 5.861   -11.521 -6.563  1.00 39.31 ? 37  GLU A OE1 1 
ATOM   312  O OE2 . GLU A 1 37  ? 3.966   -11.151 -7.596  1.00 37.47 ? 37  GLU A OE2 1 
ATOM   313  N N   . THR A 1 38  ? 6.146   -13.130 -1.071  1.00 34.58 ? 38  THR A N   1 
ATOM   314  C CA  . THR A 1 38  ? 7.173   -13.925 -0.391  1.00 36.42 ? 38  THR A CA  1 
ATOM   315  C C   . THR A 1 38  ? 7.158   -14.129 1.118   1.00 36.31 ? 38  THR A C   1 
ATOM   316  O O   . THR A 1 38  ? 7.924   -14.994 1.568   1.00 36.61 ? 38  THR A O   1 
ATOM   317  C CB  . THR A 1 38  ? 8.590   -13.422 -0.769  1.00 37.79 ? 38  THR A CB  1 
ATOM   318  O OG1 . THR A 1 38  ? 8.506   -12.146 -1.427  1.00 39.01 ? 38  THR A OG1 1 
ATOM   319  C CG2 . THR A 1 38  ? 9.294   -14.445 -1.677  1.00 39.32 ? 38  THR A CG2 1 
ATOM   320  N N   . THR A 1 39  ? 6.449   -13.326 1.906   1.00 35.59 ? 39  THR A N   1 
ATOM   321  C CA  . THR A 1 39  ? 6.446   -13.568 3.353   1.00 34.59 ? 39  THR A CA  1 
ATOM   322  C C   . THR A 1 39  ? 5.166   -13.927 3.766   1.00 34.27 ? 39  THR A C   1 
ATOM   323  O O   . THR A 1 39  ? 4.210   -13.166 3.597   1.00 33.92 ? 39  THR A O   1 
ATOM   324  C CB  . THR A 1 39  ? 6.846   -12.355 4.222   1.00 34.15 ? 39  THR A CB  1 
ATOM   325  O OG1 . THR A 1 39  ? 8.134   -11.875 3.855   1.00 33.97 ? 39  THR A OG1 1 
ATOM   326  C CG2 . THR A 1 39  ? 6.854   -12.734 5.677   1.00 33.33 ? 39  THR A CG2 1 
ATOM   327  N N   . LYS A 1 40  ? 5.064   -15.120 4.329   1.00 34.22 ? 40  LYS A N   1 
ATOM   328  C CA  . LYS A 1 40  ? 3.798   -15.611 4.841   1.00 34.43 ? 40  LYS A CA  1 
ATOM   329  C C   . LYS A 1 40  ? 3.488   -14.668 5.967   1.00 33.05 ? 40  LYS A C   1 
ATOM   330  O O   . LYS A 1 40  ? 4.399   -14.199 6.669   1.00 33.51 ? 40  LYS A O   1 
ATOM   331  C CB  . LYS A 1 40  ? 3.915   -17.064 5.329   1.00 35.99 ? 40  LYS A CB  1 
ATOM   332  C CG  . LYS A 1 40  ? 5.067   -17.280 6.324   1.00 39.12 ? 40  LYS A CG  1 
ATOM   333  C CD  . LYS A 1 40  ? 6.475   -17.282 5.706   1.00 41.13 ? 40  LYS A CD  1 
ATOM   334  C CE  . LYS A 1 40  ? 7.581   -16.375 6.257   1.00 42.83 ? 40  LYS A CE  1 
ATOM   335  N NZ  . LYS A 1 40  ? 8.475   -15.826 5.162   1.00 43.71 ? 40  LYS A NZ  1 
ATOM   336  N N   . GLY A 1 41  ? 2.220   -14.292 6.082   1.00 31.20 ? 41  GLY A N   1 
ATOM   337  C CA  . GLY A 1 41  ? 1.833   -13.381 7.140   1.00 29.72 ? 41  GLY A CA  1 
ATOM   338  C C   . GLY A 1 41  ? 1.981   -11.899 6.832   1.00 27.94 ? 41  GLY A C   1 
ATOM   339  O O   . GLY A 1 41  ? 1.300   -11.110 7.477   1.00 28.95 ? 41  GLY A O   1 
ATOM   340  N N   . ALA A 1 42  ? 2.845   -11.508 5.889   1.00 25.59 ? 42  ALA A N   1 
ATOM   341  C CA  . ALA A 1 42  ? 3.021   -10.093 5.559   1.00 22.90 ? 42  ALA A CA  1 
ATOM   342  C C   . ALA A 1 42  ? 2.175   -9.643  4.370   1.00 21.30 ? 42  ALA A C   1 
ATOM   343  O O   . ALA A 1 42  ? 1.591   -10.465 3.666   1.00 20.81 ? 42  ALA A O   1 
ATOM   344  C CB  . ALA A 1 42  ? 4.464   -9.779  5.327   1.00 22.69 ? 42  ALA A CB  1 
ATOM   345  N N   . TYR A 1 43  ? 2.123   -8.329  4.149   1.00 19.06 ? 43  TYR A N   1 
ATOM   346  C CA  . TYR A 1 43  ? 1.340   -7.723  3.062   1.00 16.43 ? 43  TYR A CA  1 
ATOM   347  C C   . TYR A 1 43  ? 2.151   -6.717  2.359   1.00 15.46 ? 43  TYR A C   1 
ATOM   348  O O   . TYR A 1 43  ? 3.294   -6.454  2.733   1.00 13.61 ? 43  TYR A O   1 
ATOM   349  C CB  . TYR A 1 43  ? 0.158   -6.927  3.634   1.00 16.79 ? 43  TYR A CB  1 
ATOM   350  C CG  . TYR A 1 43  ? -0.790  -7.758  4.428   1.00 16.34 ? 43  TYR A CG  1 
ATOM   351  C CD1 . TYR A 1 43  ? -0.682  -7.841  5.805   1.00 18.67 ? 43  TYR A CD1 1 
ATOM   352  C CD2 . TYR A 1 43  ? -1.788  -8.479  3.799   1.00 18.98 ? 43  TYR A CD2 1 
ATOM   353  C CE1 . TYR A 1 43  ? -1.553  -8.634  6.544   1.00 20.88 ? 43  TYR A CE1 1 
ATOM   354  C CE2 . TYR A 1 43  ? -2.664  -9.268  4.512   1.00 20.95 ? 43  TYR A CE2 1 
ATOM   355  C CZ  . TYR A 1 43  ? -2.542  -9.347  5.881   1.00 21.71 ? 43  TYR A CZ  1 
ATOM   356  O OH  . TYR A 1 43  ? -3.395  -10.174 6.583   1.00 25.33 ? 43  TYR A OH  1 
ATOM   357  N N   . CYS A 1 44  ? 1.588   -6.131  1.313   1.00 13.44 ? 44  CYS A N   1 
ATOM   358  C CA  . CYS A 1 44  ? 2.280   -5.097  0.580   1.00 13.88 ? 44  CYS A CA  1 
ATOM   359  C C   . CYS A 1 44  ? 1.375   -4.030  0.228   1.00 11.99 ? 44  CYS A C   1 
ATOM   360  O O   . CYS A 1 44  ? 0.231   -4.279  -0.091  1.00 12.34 ? 44  CYS A O   1 
ATOM   361  C CB  . CYS A 1 44  ? 2.934   -5.669  -0.673  1.00 15.95 ? 44  CYS A CB  1 
ATOM   362  S SG  . CYS A 1 44  ? 4.503   -6.532  -0.302  1.00 19.04 ? 44  CYS A SG  1 
ATOM   363  N N   . LEU A 1 45  ? 1.858   -2.806  0.315   1.00 10.54 ? 45  LEU A N   1 
ATOM   364  C CA  . LEU A 1 45  ? 1.095   -1.619  -0.025  1.00 10.18 ? 45  LEU A CA  1 
ATOM   365  C C   . LEU A 1 45  ? 1.656   -1.127  -1.348  1.00 9.86  ? 45  LEU A C   1 
ATOM   366  O O   . LEU A 1 45  ? 2.822   -0.753  -1.408  1.00 10.12 ? 45  LEU A O   1 
ATOM   367  C CB  . LEU A 1 45  ? 1.324   -0.571  1.057   1.00 11.04 ? 45  LEU A CB  1 
ATOM   368  C CG  . LEU A 1 45  ? 0.843   0.870   0.875   1.00 11.61 ? 45  LEU A CG  1 
ATOM   369  C CD1 . LEU A 1 45  ? -0.669  0.911   0.825   1.00 11.55 ? 45  LEU A CD1 1 
ATOM   370  C CD2 . LEU A 1 45  ? 1.383   1.720   2.048   1.00 11.92 ? 45  LEU A CD2 1 
ATOM   371  N N   . SER A 1 46  ? 0.860   -1.122  -2.404  1.00 9.42  ? 46  SER A N   1 
ATOM   372  C CA  . SER A 1 46  ? 1.327   -0.667  -3.706  1.00 9.30  ? 46  SER A CA  1 
ATOM   373  C C   . SER A 1 46  ? 0.730   0.702   -3.912  1.00 10.10 ? 46  SER A C   1 
ATOM   374  O O   . SER A 1 46  ? -0.483  0.877   -3.763  1.00 9.88  ? 46  SER A O   1 
ATOM   375  C CB  . SER A 1 46  ? 0.961   -1.706  -4.768  1.00 9.90  ? 46  SER A CB  1 
ATOM   376  O OG  . SER A 1 46  ? 1.536   -2.953  -4.419  1.00 7.02  ? 46  SER A OG  1 
ATOM   377  N N   . VAL A 1 47  ? 1.565   1.668   -4.272  1.00 9.37  ? 47  VAL A N   1 
ATOM   378  C CA  . VAL A 1 47  ? 1.137   3.066   -4.391  1.00 9.67  ? 47  VAL A CA  1 
ATOM   379  C C   . VAL A 1 47  ? 1.586   3.681   -5.692  1.00 10.68 ? 47  VAL A C   1 
ATOM   380  O O   . VAL A 1 47  ? 2.764   3.492   -6.087  1.00 10.12 ? 47  VAL A O   1 
ATOM   381  C CB  . VAL A 1 47  ? 1.798   3.876   -3.224  1.00 9.23  ? 47  VAL A CB  1 
ATOM   382  C CG1 . VAL A 1 47  ? 1.158   5.293   -3.104  1.00 10.84 ? 47  VAL A CG1 1 
ATOM   383  C CG2 . VAL A 1 47  ? 1.704   3.107   -1.941  1.00 8.93  ? 47  VAL A CG2 1 
ATOM   384  N N   . SER A 1 48  ? 0.697   4.435   -6.347  1.00 10.42 ? 48  SER A N   1 
ATOM   385  C CA  . SER A 1 48  ? 1.056   5.096   -7.590  1.00 11.27 ? 48  SER A CA  1 
ATOM   386  C C   . SER A 1 48  ? 1.809   6.459   -7.248  1.00 13.27 ? 48  SER A C   1 
ATOM   387  O O   . SER A 1 48  ? 1.584   7.090   -6.206  1.00 11.64 ? 48  SER A O   1 
ATOM   388  C CB  . SER A 1 48  ? -0.181  5.340   -8.468  1.00 11.18 ? 48  SER A CB  1 
ATOM   389  O OG  . SER A 1 48  ? -0.980  6.414   -8.001  1.00 11.00 ? 48  SER A OG  1 
ATOM   390  N N   . ASP A 1 49  ? 2.764   6.802   -8.101  1.00 14.25 ? 49  ASP A N   1 
ATOM   391  C CA  . ASP A 1 49  ? 3.503   8.034   -7.959  1.00 15.61 ? 49  ASP A CA  1 
ATOM   392  C C   . ASP A 1 49  ? 3.592   8.619   -9.297  1.00 16.61 ? 49  ASP A C   1 
ATOM   393  O O   . ASP A 1 49  ? 3.256   7.954   -10.277 1.00 16.72 ? 49  ASP A O   1 
ATOM   394  C CB  . ASP A 1 49  ? 4.907   7.776   -7.444  1.00 17.15 ? 49  ASP A CB  1 
ATOM   395  C CG  . ASP A 1 49  ? 5.602   9.062   -6.945  1.00 19.73 ? 49  ASP A CG  1 
ATOM   396  O OD1 . ASP A 1 49  ? 4.934   10.110  -6.708  1.00 17.53 ? 49  ASP A OD1 1 
ATOM   397  O OD2 . ASP A 1 49  ? 6.828   8.998   -6.712  1.00 20.81 ? 49  ASP A OD2 1 
ATOM   398  N N   . PHE A 1 50  ? 4.008   9.886   -9.369  1.00 17.42 ? 50  PHE A N   1 
ATOM   399  C CA  . PHE A 1 50  ? 4.165   10.605  -10.637 1.00 17.98 ? 50  PHE A CA  1 
ATOM   400  C C   . PHE A 1 50  ? 5.145   11.763  -10.489 1.00 18.57 ? 50  PHE A C   1 
ATOM   401  O O   . PHE A 1 50  ? 5.003   12.576  -9.558  1.00 18.68 ? 50  PHE A O   1 
ATOM   402  C CB  . PHE A 1 50  ? 2.850   11.265  -11.109 1.00 16.90 ? 50  PHE A CB  1 
ATOM   403  C CG  . PHE A 1 50  ? 2.958   11.939  -12.463 1.00 16.07 ? 50  PHE A CG  1 
ATOM   404  C CD1 . PHE A 1 50  ? 3.435   13.249  -12.570 1.00 16.48 ? 50  PHE A CD1 1 
ATOM   405  C CD2 . PHE A 1 50  ? 2.671   11.224  -13.635 1.00 15.72 ? 50  PHE A CD2 1 
ATOM   406  C CE1 . PHE A 1 50  ? 3.631   13.827  -13.817 1.00 14.97 ? 50  PHE A CE1 1 
ATOM   407  C CE2 . PHE A 1 50  ? 2.860   11.780  -14.884 1.00 14.68 ? 50  PHE A CE2 1 
ATOM   408  C CZ  . PHE A 1 50  ? 3.345   13.084  -14.978 1.00 16.79 ? 50  PHE A CZ  1 
ATOM   409  N N   . ASP A 1 51  ? 6.155   11.792  -11.357 1.00 19.17 ? 51  ASP A N   1 
ATOM   410  C CA  . ASP A 1 51  ? 7.117   12.887  -11.392 1.00 19.72 ? 51  ASP A CA  1 
ATOM   411  C C   . ASP A 1 51  ? 7.562   13.073  -12.723 1.00 20.61 ? 51  ASP A C   1 
ATOM   412  O O   . ASP A 1 51  ? 7.295   12.241  -13.602 1.00 20.87 ? 51  ASP A O   1 
ATOM   413  C CB  . ASP A 1 51  ? 8.132   12.844  -10.241 1.00 21.36 ? 51  ASP A CB  1 
ATOM   414  C CG  . ASP A 1 51  ? 9.090   11.691  -10.311 1.00 22.82 ? 51  ASP A CG  1 
ATOM   415  O OD1 . ASP A 1 51  ? 9.572   11.302  -9.240  1.00 23.05 ? 51  ASP A OD1 1 
ATOM   416  O OD2 . ASP A 1 51  ? 9.420   11.218  -11.407 1.00 24.82 ? 51  ASP A OD2 1 
ATOM   417  N N   . ASN A 1 52  ? 8.218   14.207  -12.954 1.00 21.97 ? 52  ASN A N   1 
ATOM   418  C CA  . ASN A 1 52  ? 8.697   14.559  -14.287 1.00 24.14 ? 52  ASN A CA  1 
ATOM   419  C C   . ASN A 1 52  ? 9.787   13.609  -14.734 1.00 25.58 ? 52  ASN A C   1 
ATOM   420  O O   . ASN A 1 52  ? 9.765   13.160  -15.896 1.00 27.92 ? 52  ASN A O   1 
ATOM   421  C CB  . ASN A 1 52  ? 9.079   16.048  -14.332 1.00 24.86 ? 52  ASN A CB  1 
ATOM   422  C CG  . ASN A 1 52  ? 7.855   16.974  -14.317 1.00 25.81 ? 52  ASN A CG  1 
ATOM   423  O OD1 . ASN A 1 52  ? 6.703   16.528  -14.473 1.00 26.69 ? 52  ASN A OD1 1 
ATOM   424  N ND2 . ASN A 1 52  ? 8.100   18.265  -14.125 1.00 24.59 ? 52  ASN A ND2 1 
ATOM   425  N N   . ALA A 1 53  ? 10.702  13.266  -13.825 1.00 24.90 ? 53  ALA A N   1 
ATOM   426  C CA  . ALA A 1 53  ? 11.773  12.328  -14.129 1.00 25.74 ? 53  ALA A CA  1 
ATOM   427  C C   . ALA A 1 53  ? 11.151  10.954  -14.645 1.00 26.28 ? 53  ALA A C   1 
ATOM   428  O O   . ALA A 1 53  ? 11.247  10.593  -15.820 1.00 27.23 ? 53  ALA A O   1 
ATOM   429  C CB  . ALA A 1 53  ? 12.631  12.078  -12.869 1.00 24.60 ? 53  ALA A CB  1 
ATOM   430  N N   . LYS A 1 54  ? 10.468  10.264  -13.737 1.00 26.07 ? 54  LYS A N   1 
ATOM   431  C CA  . LYS A 1 54  ? 9.858   8.952   -13.994 1.00 26.37 ? 54  LYS A CA  1 
ATOM   432  C C   . LYS A 1 54  ? 8.423   8.834   -14.570 1.00 25.48 ? 54  LYS A C   1 
ATOM   433  O O   . LYS A 1 54  ? 8.052   7.720   -14.957 1.00 26.07 ? 54  LYS A O   1 
ATOM   434  C CB  . LYS A 1 54  ? 9.760   8.161   -12.690 1.00 27.99 ? 54  LYS A CB  1 
ATOM   435  C CG  . LYS A 1 54  ? 11.133  7.922   -12.116 1.00 30.05 ? 54  LYS A CG  1 
ATOM   436  C CD  . LYS A 1 54  ? 10.995  7.093   -10.856 1.00 32.50 ? 54  LYS A CD  1 
ATOM   437  C CE  . LYS A 1 54  ? 12.300  6.421   -10.427 1.00 33.10 ? 54  LYS A CE  1 
ATOM   438  N NZ  . LYS A 1 54  ? 12.163  5.705   -9.108  1.00 35.81 ? 54  LYS A NZ  1 
ATOM   439  N N   . GLY A 1 55  ? 7.635   9.906   -14.600 1.00 24.19 ? 55  GLY A N   1 
ATOM   440  C CA  . GLY A 1 55  ? 6.265   9.775   -15.101 1.00 21.19 ? 55  GLY A CA  1 
ATOM   441  C C   . GLY A 1 55  ? 5.460   8.969   -14.087 1.00 18.19 ? 55  GLY A C   1 
ATOM   442  O O   . GLY A 1 55  ? 5.836   8.925   -12.908 1.00 16.05 ? 55  GLY A O   1 
ATOM   443  N N   . LEU A 1 56  ? 4.362   8.348   -14.525 1.00 17.46 ? 56  LEU A N   1 
ATOM   444  C CA  . LEU A 1 56  ? 3.521   7.523   -13.645 1.00 16.86 ? 56  LEU A CA  1 
ATOM   445  C C   . LEU A 1 56  ? 4.276   6.254   -13.320 1.00 17.34 ? 56  LEU A C   1 
ATOM   446  O O   . LEU A 1 56  ? 4.755   5.591   -14.237 1.00 17.92 ? 56  LEU A O   1 
ATOM   447  C CB  . LEU A 1 56  ? 2.227   7.122   -14.356 1.00 18.31 ? 56  LEU A CB  1 
ATOM   448  C CG  . LEU A 1 56  ? 1.089   6.289   -13.745 1.00 17.93 ? 56  LEU A CG  1 
ATOM   449  C CD1 . LEU A 1 56  ? 0.544   6.849   -12.463 1.00 17.74 ? 56  LEU A CD1 1 
ATOM   450  C CD2 . LEU A 1 56  ? -0.009  6.221   -14.804 1.00 19.09 ? 56  LEU A CD2 1 
ATOM   451  N N   . ASN A 1 57  ? 4.422   5.920   -12.044 1.00 16.46 ? 57  ASN A N   1 
ATOM   452  C CA  . ASN A 1 57  ? 5.172   4.721   -11.671 1.00 14.90 ? 57  ASN A CA  1 
ATOM   453  C C   . ASN A 1 57  ? 4.600   4.195   -10.369 1.00 15.17 ? 57  ASN A C   1 
ATOM   454  O O   . ASN A 1 57  ? 3.804   4.873   -9.713  1.00 15.20 ? 57  ASN A O   1 
ATOM   455  C CB  . ASN A 1 57  ? 6.675   5.049   -11.542 1.00 15.95 ? 57  ASN A CB  1 
ATOM   456  C CG  . ASN A 1 57  ? 6.961   6.060   -10.441 1.00 15.49 ? 57  ASN A CG  1 
ATOM   457  O OD1 . ASN A 1 57  ? 7.424   5.704   -9.360  1.00 16.30 ? 57  ASN A OD1 1 
ATOM   458  N ND2 . ASN A 1 57  ? 6.626   7.323   -10.693 1.00 16.24 ? 57  ASN A ND2 1 
ATOM   459  N N   . VAL A 1 58  ? 5.027   2.998   -9.962  1.00 13.64 ? 58  VAL A N   1 
ATOM   460  C CA  . VAL A 1 58  ? 4.518   2.375   -8.747  1.00 12.31 ? 58  VAL A CA  1 
ATOM   461  C C   . VAL A 1 58  ? 5.620   1.962   -7.808  1.00 12.56 ? 58  VAL A C   1 
ATOM   462  O O   . VAL A 1 58  ? 6.677   1.514   -8.264  1.00 12.25 ? 58  VAL A O   1 
ATOM   463  C CB  . VAL A 1 58  ? 3.735   1.083   -9.095  1.00 11.33 ? 58  VAL A CB  1 
ATOM   464  C CG1 . VAL A 1 58  ? 3.216   0.405   -7.846  1.00 10.66 ? 58  VAL A CG1 1 
ATOM   465  C CG2 . VAL A 1 58  ? 2.631   1.396   -10.092 1.00 12.48 ? 58  VAL A CG2 1 
ATOM   466  N N   . LYS A 1 59  ? 5.350   2.058   -6.515  1.00 11.60 ? 59  LYS A N   1 
ATOM   467  C CA  . LYS A 1 59  ? 6.281   1.645   -5.485  1.00 12.89 ? 59  LYS A CA  1 
ATOM   468  C C   . LYS A 1 59  ? 5.542   0.631   -4.626  1.00 11.56 ? 59  LYS A C   1 
ATOM   469  O O   . LYS A 1 59  ? 4.310   0.714   -4.486  1.00 11.10 ? 59  LYS A O   1 
ATOM   470  C CB  . LYS A 1 59  ? 6.758   2.855   -4.669  1.00 14.49 ? 59  LYS A CB  1 
ATOM   471  C CG  . LYS A 1 59  ? 7.601   3.919   -5.354  1.00 16.07 ? 59  LYS A CG  1 
ATOM   472  C CD  . LYS A 1 59  ? 8.867   3.213   -5.720  1.00 21.87 ? 59  LYS A CD  1 
ATOM   473  C CE  . LYS A 1 59  ? 9.967   4.200   -6.159  1.00 23.66 ? 59  LYS A CE  1 
ATOM   474  N NZ  . LYS A 1 59  ? 11.088  3.516   -6.910  1.00 26.13 ? 59  LYS A NZ  1 
ATOM   475  N N   . HIS A 1 60  ? 6.275   -0.340  -4.083  1.00 9.84  ? 60  HIS A N   1 
ATOM   476  C CA  . HIS A 1 60  ? 5.690   -1.380  -3.256  1.00 9.35  ? 60  HIS A CA  1 
ATOM   477  C C   . HIS A 1 60  ? 6.349   -1.420  -1.952  1.00 9.33  ? 60  HIS A C   1 
ATOM   478  O O   . HIS A 1 60  ? 7.560   -1.549  -1.919  1.00 11.34 ? 60  HIS A O   1 
ATOM   479  C CB  . HIS A 1 60  ? 5.860   -2.757  -3.938  1.00 8.89  ? 60  HIS A CB  1 
ATOM   480  C CG  . HIS A 1 60  ? 5.348   -2.793  -5.350  1.00 9.99  ? 60  HIS A CG  1 
ATOM   481  N ND1 . HIS A 1 60  ? 4.022   -3.004  -5.657  1.00 9.53  ? 60  HIS A ND1 1 
ATOM   482  C CD2 . HIS A 1 60  ? 5.985   -2.639  -6.538  1.00 9.63  ? 60  HIS A CD2 1 
ATOM   483  C CE1 . HIS A 1 60  ? 3.865   -2.983  -6.967  1.00 9.76  ? 60  HIS A CE1 1 
ATOM   484  N NE2 . HIS A 1 60  ? 5.040   -2.759  -7.524  1.00 9.34  ? 60  HIS A NE2 1 
ATOM   485  N N   . TYR A 1 61  ? 5.585   -1.363  -0.866  1.00 9.16  ? 61  TYR A N   1 
ATOM   486  C CA  . TYR A 1 61  ? 6.140   -1.354  0.476   1.00 10.45 ? 61  TYR A CA  1 
ATOM   487  C C   . TYR A 1 61  ? 5.682   -2.574  1.240   1.00 11.57 ? 61  TYR A C   1 
ATOM   488  O O   . TYR A 1 61  ? 4.493   -2.885  1.312   1.00 11.89 ? 61  TYR A O   1 
ATOM   489  C CB  . TYR A 1 61  ? 5.678   -0.081  1.231   1.00 10.37 ? 61  TYR A CB  1 
ATOM   490  C CG  . TYR A 1 61  ? 6.011   1.215   0.525   1.00 9.47  ? 61  TYR A CG  1 
ATOM   491  C CD1 . TYR A 1 61  ? 5.127   1.783   -0.425  1.00 10.20 ? 61  TYR A CD1 1 
ATOM   492  C CD2 . TYR A 1 61  ? 7.249   1.854   0.719   1.00 9.92  ? 61  TYR A CD2 1 
ATOM   493  C CE1 . TYR A 1 61  ? 5.462   2.904   -1.149  1.00 9.68  ? 61  TYR A CE1 1 
ATOM   494  C CE2 . TYR A 1 61  ? 7.592   2.979   -0.002  1.00 10.43 ? 61  TYR A CE2 1 
ATOM   495  C CZ  . TYR A 1 61  ? 6.698   3.496   -0.937  1.00 9.23  ? 61  TYR A CZ  1 
ATOM   496  O OH  . TYR A 1 61  ? 7.056   4.559   -1.686  1.00 11.26 ? 61  TYR A OH  1 
ATOM   497  N N   . LYS A 1 62  ? 6.613   -3.241  1.903   1.00 11.77 ? 62  LYS A N   1 
ATOM   498  C CA  . LYS A 1 62  ? 6.264   -4.416  2.665   1.00 13.55 ? 62  LYS A CA  1 
ATOM   499  C C   . LYS A 1 62  ? 5.705   -4.039  4.020   1.00 13.72 ? 62  LYS A C   1 
ATOM   500  O O   . LYS A 1 62  ? 6.294   -3.204  4.683   1.00 13.89 ? 62  LYS A O   1 
ATOM   501  C CB  . LYS A 1 62  ? 7.500   -5.291  2.892   1.00 14.53 ? 62  LYS A CB  1 
ATOM   502  C CG  . LYS A 1 62  ? 7.012   -6.488  3.677   1.00 20.18 ? 62  LYS A CG  1 
ATOM   503  C CD  . LYS A 1 62  ? 8.081   -7.477  4.061   1.00 24.27 ? 62  LYS A CD  1 
ATOM   504  C CE  . LYS A 1 62  ? 8.481   -8.248  2.847   1.00 27.32 ? 62  LYS A CE  1 
ATOM   505  N NZ  . LYS A 1 62  ? 7.473   -9.315  2.595   1.00 30.94 ? 62  LYS A NZ  1 
ATOM   506  N N   . ILE A 1 63  ? 4.555   -4.588  4.387   1.00 13.28 ? 63  ILE A N   1 
ATOM   507  C CA  . ILE A 1 63  ? 3.953   -4.333  5.677   1.00 14.35 ? 63  ILE A CA  1 
ATOM   508  C C   . ILE A 1 63  ? 4.101   -5.587  6.488   1.00 17.09 ? 63  ILE A C   1 
ATOM   509  O O   . ILE A 1 63  ? 3.555   -6.655  6.134   1.00 16.06 ? 63  ILE A O   1 
ATOM   510  C CB  . ILE A 1 63  ? 2.445   -4.014  5.584   1.00 13.14 ? 63  ILE A CB  1 
ATOM   511  C CG1 . ILE A 1 63  ? 2.219   -2.689  4.844   1.00 13.39 ? 63  ILE A CG1 1 
ATOM   512  C CG2 . ILE A 1 63  ? 1.835   -3.967  6.983   1.00 13.30 ? 63  ILE A CG2 1 
ATOM   513  C CD1 . ILE A 1 63  ? 0.717   -2.335  4.648   1.00 11.70 ? 63  ILE A CD1 1 
ATOM   514  N N   . ARG A 1 64  ? 4.827   -5.468  7.597   1.00 18.77 ? 64  ARG A N   1 
ATOM   515  C CA  . ARG A 1 64  ? 5.042   -6.585  8.512   1.00 22.31 ? 64  ARG A CA  1 
ATOM   516  C C   . ARG A 1 64  ? 3.951   -6.588  9.559   1.00 23.14 ? 64  ARG A C   1 
ATOM   517  O O   . ARG A 1 64  ? 3.419   -5.561  9.952   1.00 19.82 ? 64  ARG A O   1 
ATOM   518  C CB  . ARG A 1 64  ? 6.365   -6.430  9.269   1.00 24.18 ? 64  ARG A CB  1 
ATOM   519  C CG  . ARG A 1 64  ? 7.306   -6.152  8.126   1.00 28.31 ? 64  ARG A CG  1 
ATOM   520  C CD  . ARG A 1 64  ? 7.667   -7.475  7.527   1.00 32.74 ? 64  ARG A CD  1 
ATOM   521  N NE  . ARG A 1 64  ? 9.044   -7.824  7.870   1.00 36.53 ? 64  ARG A NE  1 
ATOM   522  C CZ  . ARG A 1 64  ? 10.117  -7.159  7.440   1.00 37.87 ? 64  ARG A CZ  1 
ATOM   523  N NH1 . ARG A 1 64  ? 9.998   -6.083  6.642   1.00 36.74 ? 64  ARG A NH1 1 
ATOM   524  N NH2 . ARG A 1 64  ? 11.318  -7.621  7.768   1.00 39.00 ? 64  ARG A NH2 1 
ATOM   525  N N   . LYS A 1 65  ? 3.639   -7.789  10.028  1.00 27.20 ? 65  LYS A N   1 
ATOM   526  C CA  . LYS A 1 65  ? 2.617   -7.996  11.043  1.00 31.01 ? 65  LYS A CA  1 
ATOM   527  C C   . LYS A 1 65  ? 3.241   -8.843  12.083  1.00 32.87 ? 65  LYS A C   1 
ATOM   528  O O   . LYS A 1 65  ? 3.722   -9.930  11.767  1.00 33.17 ? 65  LYS A O   1 
ATOM   529  C CB  . LYS A 1 65  ? 1.354   -8.600  10.399  1.00 31.04 ? 65  LYS A CB  1 
ATOM   530  C CG  . LYS A 1 65  ? 0.453   -9.231  11.463  1.00 33.79 ? 65  LYS A CG  1 
ATOM   531  C CD  . LYS A 1 65  ? 0.005   -8.443  12.702  1.00 35.70 ? 65  LYS A CD  1 
ATOM   532  C CE  . LYS A 1 65  ? -0.669  -9.311  13.764  1.00 37.05 ? 65  LYS A CE  1 
ATOM   533  N NZ  . LYS A 1 65  ? -1.627  -10.297 13.154  1.00 39.33 ? 65  LYS A NZ  1 
ATOM   534  N N   . LEU A 1 66  ? 3.267   -8.366  13.320  1.00 35.69 ? 66  LEU A N   1 
ATOM   535  C CA  . LEU A 1 66  ? 3.869   -9.112  14.424  1.00 39.40 ? 66  LEU A CA  1 
ATOM   536  C C   . LEU A 1 66  ? 2.869   -9.984  15.115  1.00 41.33 ? 66  LEU A C   1 
ATOM   537  O O   . LEU A 1 66  ? 1.697   -9.626  15.196  1.00 42.00 ? 66  LEU A O   1 
ATOM   538  C CB  . LEU A 1 66  ? 4.294   -8.175  15.547  1.00 39.95 ? 66  LEU A CB  1 
ATOM   539  C CG  . LEU A 1 66  ? 5.226   -7.061  15.094  1.00 40.74 ? 66  LEU A CG  1 
ATOM   540  C CD1 . LEU A 1 66  ? 5.405   -6.051  16.194  1.00 40.99 ? 66  LEU A CD1 1 
ATOM   541  C CD2 . LEU A 1 66  ? 6.548   -7.657  14.685  1.00 41.37 ? 66  LEU A CD2 1 
ATOM   542  N N   . ASP A 1 67  ? 3.326   -11.110 15.655  1.00 43.76 ? 67  ASP A N   1 
ATOM   543  C CA  . ASP A 1 67  ? 2.463   -12.041 16.412  1.00 45.78 ? 67  ASP A CA  1 
ATOM   544  C C   . ASP A 1 67  ? 2.148   -11.325 17.710  1.00 45.61 ? 67  ASP A C   1 
ATOM   545  O O   . ASP A 1 67  ? 1.141   -11.556 18.380  1.00 45.80 ? 67  ASP A O   1 
ATOM   546  C CB  . ASP A 1 67  ? 3.249   -13.277 16.809  1.00 48.71 ? 67  ASP A CB  1 
ATOM   547  C CG  . ASP A 1 67  ? 4.347   -13.587 15.819  1.00 52.19 ? 67  ASP A CG  1 
ATOM   548  O OD1 . ASP A 1 67  ? 4.090   -14.405 14.891  1.00 53.39 ? 67  ASP A OD1 1 
ATOM   549  O OD2 . ASP A 1 67  ? 5.441   -12.954 15.943  1.00 53.88 ? 67  ASP A OD2 1 
ATOM   550  N N   . SER A 1 68  ? 3.087   -10.447 18.070  1.00 45.28 ? 68  SER A N   1 
ATOM   551  C CA  . SER A 1 68  ? 2.992   -9.579  19.239  1.00 44.50 ? 68  SER A CA  1 
ATOM   552  C C   . SER A 1 68  ? 1.786   -8.554  18.925  1.00 43.74 ? 68  SER A C   1 
ATOM   553  O O   . SER A 1 68  ? 1.296   -7.855  19.837  1.00 44.50 ? 68  SER A O   1 
ATOM   554  C CB  . SER A 1 68  ? 4.275   -8.755  19.371  1.00 45.04 ? 68  SER A CB  1 
ATOM   555  O OG  . SER A 1 68  ? 5.315   -9.352  18.607  1.00 45.99 ? 68  SER A OG  1 
ATOM   556  N N   . GLY A 1 69  ? 1.443   -8.440  17.632  1.00 41.33 ? 69  GLY A N   1 
ATOM   557  C CA  . GLY A 1 69  ? 0.333   -7.608  17.196  1.00 37.86 ? 69  GLY A CA  1 
ATOM   558  C C   . GLY A 1 69  ? 0.562   -6.387  16.330  1.00 34.85 ? 69  GLY A C   1 
ATOM   559  O O   . GLY A 1 69  ? -0.358  -5.939  15.646  1.00 35.94 ? 69  GLY A O   1 
ATOM   560  N N   . GLY A 1 70  ? 1.767   -5.849  16.317  1.00 32.04 ? 70  GLY A N   1 
ATOM   561  C CA  . GLY A 1 70  ? 1.975   -4.654  15.529  1.00 28.02 ? 70  GLY A CA  1 
ATOM   562  C C   . GLY A 1 70  ? 2.113   -4.845  14.034  1.00 25.72 ? 70  GLY A C   1 
ATOM   563  O O   . GLY A 1 70  ? 2.688   -5.837  13.589  1.00 26.09 ? 70  GLY A O   1 
ATOM   564  N N   . PHE A 1 71  ? 1.543   -3.907  13.272  1.00 22.04 ? 71  PHE A N   1 
ATOM   565  C CA  . PHE A 1 71  ? 1.646   -3.855  11.805  1.00 18.13 ? 71  PHE A CA  1 
ATOM   566  C C   . PHE A 1 71  ? 2.492   -2.656  11.510  1.00 15.93 ? 71  PHE A C   1 
ATOM   567  O O   . PHE A 1 71  ? 2.283   -1.588  12.114  1.00 14.87 ? 71  PHE A O   1 
ATOM   568  C CB  . PHE A 1 71  ? 0.329   -3.467  11.145  1.00 17.63 ? 71  PHE A CB  1 
ATOM   569  C CG  . PHE A 1 71  ? -0.702  -4.553  11.180  1.00 18.17 ? 71  PHE A CG  1 
ATOM   570  C CD1 . PHE A 1 71  ? -1.502  -4.735  12.310  1.00 17.94 ? 71  PHE A CD1 1 
ATOM   571  C CD2 . PHE A 1 71  ? -0.897  -5.373  10.076  1.00 16.79 ? 71  PHE A CD2 1 
ATOM   572  C CE1 . PHE A 1 71  ? -2.475  -5.709  12.326  1.00 17.98 ? 71  PHE A CE1 1 
ATOM   573  C CE2 . PHE A 1 71  ? -1.862  -6.339  10.092  1.00 18.28 ? 71  PHE A CE2 1 
ATOM   574  C CZ  . PHE A 1 71  ? -2.657  -6.509  11.215  1.00 17.82 ? 71  PHE A CZ  1 
ATOM   575  N N   . TYR A 1 72  ? 3.462   -2.793  10.613  1.00 13.68 ? 72  TYR A N   1 
ATOM   576  C CA  . TYR A 1 72  ? 4.321   -1.662  10.295  1.00 12.61 ? 72  TYR A CA  1 
ATOM   577  C C   . TYR A 1 72  ? 5.073   -1.806  9.066   1.00 12.53 ? 72  TYR A C   1 
ATOM   578  O O   . TYR A 1 72  ? 5.181   -2.935  8.572   1.00 12.82 ? 72  TYR A O   1 
ATOM   579  C CB  . TYR A 1 72  ? 5.370   -1.437  11.396  1.00 13.57 ? 72  TYR A CB  1 
ATOM   580  C CG  . TYR A 1 72  ? 6.295   -2.595  11.622  1.00 13.55 ? 72  TYR A CG  1 
ATOM   581  C CD1 . TYR A 1 72  ? 7.449   -2.758  10.850  1.00 15.92 ? 72  TYR A CD1 1 
ATOM   582  C CD2 . TYR A 1 72  ? 6.012   -3.537  12.600  1.00 15.46 ? 72  TYR A CD2 1 
ATOM   583  C CE1 . TYR A 1 72  ? 8.319   -3.848  11.043  1.00 17.33 ? 72  TYR A CE1 1 
ATOM   584  C CE2 . TYR A 1 72  ? 6.858   -4.631  12.813  1.00 19.29 ? 72  TYR A CE2 1 
ATOM   585  C CZ  . TYR A 1 72  ? 8.015   -4.778  12.030  1.00 19.20 ? 72  TYR A CZ  1 
ATOM   586  O OH  . TYR A 1 72  ? 8.854   -5.836  12.284  1.00 21.48 ? 72  TYR A OH  1 
ATOM   587  N N   . ILE A 1 73  ? 5.456   -0.679  8.469   1.00 11.79 ? 73  ILE A N   1 
ATOM   588  C CA  . ILE A 1 73  ? 6.331   -0.666  7.286   1.00 12.71 ? 73  ILE A CA  1 
ATOM   589  C C   . ILE A 1 73  ? 7.766   -0.526  7.928   1.00 13.77 ? 73  ILE A C   1 
ATOM   590  O O   . ILE A 1 73  ? 8.704   -1.258  7.559   1.00 15.03 ? 73  ILE A O   1 
ATOM   591  C CB  . ILE A 1 73  ? 6.042   0.478   6.331   1.00 12.49 ? 73  ILE A CB  1 
ATOM   592  C CG1 . ILE A 1 73  ? 4.676   0.247   5.670   1.00 12.49 ? 73  ILE A CG1 1 
ATOM   593  C CG2 . ILE A 1 73  ? 7.178   0.586   5.283   1.00 13.50 ? 73  ILE A CG2 1 
ATOM   594  C CD1 . ILE A 1 73  ? 4.227   1.373   4.778   1.00 13.44 ? 73  ILE A CD1 1 
ATOM   595  N N   . THR A 1 74  ? 7.922   0.424   8.852   1.00 13.20 ? 74  THR A N   1 
ATOM   596  C CA  . THR A 1 74  ? 9.176   0.538   9.591   1.00 13.13 ? 74  THR A CA  1 
ATOM   597  C C   . THR A 1 74  ? 8.838   0.186   11.027  1.00 14.18 ? 74  THR A C   1 
ATOM   598  O O   . THR A 1 74  ? 7.841   0.632   11.556  1.00 12.56 ? 74  THR A O   1 
ATOM   599  C CB  . THR A 1 74  ? 9.839   1.904   9.497   1.00 13.73 ? 74  THR A CB  1 
ATOM   600  O OG1 . THR A 1 74  ? 10.917  1.951   10.444  1.00 13.61 ? 74  THR A OG1 1 
ATOM   601  C CG2 . THR A 1 74  ? 8.848   3.034   9.739   1.00 12.94 ? 74  THR A CG2 1 
ATOM   602  N N   . SER A 1 75  ? 9.672   -0.638  11.657  1.00 15.60 ? 75  SER A N   1 
ATOM   603  C CA  . SER A 1 75  ? 9.443   -1.095  13.026  1.00 17.38 ? 75  SER A CA  1 
ATOM   604  C C   . SER A 1 75  ? 9.332   0.055   14.028  1.00 18.52 ? 75  SER A C   1 
ATOM   605  O O   . SER A 1 75  ? 8.733   -0.112  15.102  1.00 17.60 ? 75  SER A O   1 
ATOM   606  C CB  . SER A 1 75  ? 10.526  -2.121  13.460  1.00 17.70 ? 75  SER A CB  1 
ATOM   607  O OG  . SER A 1 75  ? 11.838  -1.580  13.438  1.00 18.14 ? 75  SER A OG  1 
ATOM   608  N N   . ARG A 1 76  ? 9.888   1.210   13.656  1.00 19.28 ? 76  ARG A N   1 
ATOM   609  C CA  . ARG A 1 76  ? 9.856   2.380   14.520  1.00 21.23 ? 76  ARG A CA  1 
ATOM   610  C C   . ARG A 1 76  ? 8.460   3.013   14.593  1.00 20.45 ? 76  ARG A C   1 
ATOM   611  O O   . ARG A 1 76  ? 8.215   3.787   15.534  1.00 20.74 ? 76  ARG A O   1 
ATOM   612  C CB  . ARG A 1 76  ? 10.740  3.489   13.960  1.00 25.16 ? 76  ARG A CB  1 
ATOM   613  C CG  . ARG A 1 76  ? 12.163  3.109   13.603  1.00 31.84 ? 76  ARG A CG  1 
ATOM   614  C CD  . ARG A 1 76  ? 13.232  2.949   14.686  1.00 37.18 ? 76  ARG A CD  1 
ATOM   615  N NE  . ARG A 1 76  ? 14.581  2.790   14.112  1.00 41.79 ? 76  ARG A NE  1 
ATOM   616  C CZ  . ARG A 1 76  ? 15.665  3.481   14.487  1.00 43.17 ? 76  ARG A CZ  1 
ATOM   617  N NH1 . ARG A 1 76  ? 15.585  4.404   15.457  1.00 44.48 ? 76  ARG A NH1 1 
ATOM   618  N NH2 . ARG A 1 76  ? 16.837  3.252   13.889  1.00 43.02 ? 76  ARG A NH2 1 
ATOM   619  N N   . THR A 1 77  ? 7.562   2.664   13.660  1.00 18.13 ? 77  THR A N   1 
ATOM   620  C CA  . THR A 1 77  ? 6.204   3.256   13.597  1.00 16.51 ? 77  THR A CA  1 
ATOM   621  C C   . THR A 1 77  ? 5.201   2.198   13.375  1.00 15.17 ? 77  THR A C   1 
ATOM   622  O O   . THR A 1 77  ? 4.888   1.852   12.244  1.00 14.88 ? 77  THR A O   1 
ATOM   623  C CB  . THR A 1 77  ? 6.191   4.306   12.453  1.00 16.83 ? 77  THR A CB  1 
ATOM   624  O OG1 . THR A 1 77  ? 7.356   5.128   12.606  1.00 19.21 ? 77  THR A OG1 1 
ATOM   625  C CG2 . THR A 1 77  ? 4.951   5.197   12.459  1.00 17.03 ? 77  THR A CG2 1 
ATOM   626  N N   . GLN A 1 78  ? 4.676   1.674   14.470  1.00 14.56 ? 78  GLN A N   1 
ATOM   627  C CA  . GLN A 1 78  ? 3.732   0.557   14.459  1.00 15.71 ? 78  GLN A CA  1 
ATOM   628  C C   . GLN A 1 78  ? 2.306   0.906   14.736  1.00 16.10 ? 78  GLN A C   1 
ATOM   629  O O   . GLN A 1 78  ? 2.050   1.932   15.379  1.00 16.62 ? 78  GLN A O   1 
ATOM   630  C CB  . GLN A 1 78  ? 4.129   -0.481  15.511  1.00 16.12 ? 78  GLN A CB  1 
ATOM   631  C CG  . GLN A 1 78  ? 5.524   -0.956  15.144  1.00 19.04 ? 78  GLN A CG  1 
ATOM   632  C CD  . GLN A 1 78  ? 6.006   -2.131  16.002  1.00 20.74 ? 78  GLN A CD  1 
ATOM   633  O OE1 . GLN A 1 78  ? 7.219   -2.365  16.127  1.00 22.24 ? 78  GLN A OE1 1 
ATOM   634  N NE2 . GLN A 1 78  ? 5.066   -2.858  16.609  1.00 20.06 ? 78  GLN A NE2 1 
ATOM   635  N N   . PHE A 1 79  ? 1.384   0.043   14.296  1.00 17.27 ? 79  PHE A N   1 
ATOM   636  C CA  . PHE A 1 79  ? -0.076  0.235   14.440  1.00 17.71 ? 79  PHE A CA  1 
ATOM   637  C C   . PHE A 1 79  ? -0.777  -1.035  14.930  1.00 19.34 ? 79  PHE A C   1 
ATOM   638  O O   . PHE A 1 79  ? -0.303  -2.161  14.758  1.00 18.07 ? 79  PHE A O   1 
ATOM   639  C CB  . PHE A 1 79  ? -0.698  0.703   13.104  1.00 16.09 ? 79  PHE A CB  1 
ATOM   640  C CG  . PHE A 1 79  ? -0.039  1.928   12.548  1.00 15.11 ? 79  PHE A CG  1 
ATOM   641  C CD1 . PHE A 1 79  ? 1.082   1.813   11.751  1.00 12.99 ? 79  PHE A CD1 1 
ATOM   642  C CD2 . PHE A 1 79  ? -0.442  3.197   12.949  1.00 14.75 ? 79  PHE A CD2 1 
ATOM   643  C CE1 . PHE A 1 79  ? 1.800   2.930   11.364  1.00 13.09 ? 79  PHE A CE1 1 
ATOM   644  C CE2 . PHE A 1 79  ? 0.283   4.335   12.563  1.00 14.54 ? 79  PHE A CE2 1 
ATOM   645  C CZ  . PHE A 1 79  ? 1.412   4.199   11.768  1.00 13.39 ? 79  PHE A CZ  1 
ATOM   646  N N   . ASN A 1 80  ? -1.904  -0.835  15.608  1.00 20.92 ? 80  ASN A N   1 
ATOM   647  C CA  . ASN A 1 80  ? -2.645  -1.969  16.145  1.00 23.38 ? 80  ASN A CA  1 
ATOM   648  C C   . ASN A 1 80  ? -3.462  -2.637  15.074  1.00 22.97 ? 80  ASN A C   1 
ATOM   649  O O   . ASN A 1 80  ? -3.969  -3.749  15.256  1.00 24.92 ? 80  ASN A O   1 
ATOM   650  C CB  . ASN A 1 80  ? -3.506  -1.538  17.348  1.00 25.09 ? 80  ASN A CB  1 
ATOM   651  C CG  . ASN A 1 80  ? -2.689  -0.850  18.433  1.00 27.26 ? 80  ASN A CG  1 
ATOM   652  O OD1 . ASN A 1 80  ? -1.729  -1.417  18.965  1.00 27.63 ? 80  ASN A OD1 1 
ATOM   653  N ND2 . ASN A 1 80  ? -3.049  0.396   18.748  1.00 28.89 ? 80  ASN A ND2 1 
ATOM   654  N N   . SER A 1 81  ? -3.597  -1.979  13.930  1.00 21.15 ? 81  SER A N   1 
ATOM   655  C CA  . SER A 1 81  ? -4.342  -2.571  12.851  1.00 19.04 ? 81  SER A CA  1 
ATOM   656  C C   . SER A 1 81  ? -3.851  -2.023  11.512  1.00 19.14 ? 81  SER A C   1 
ATOM   657  O O   . SER A 1 81  ? -3.247  -0.945  11.416  1.00 18.29 ? 81  SER A O   1 
ATOM   658  C CB  . SER A 1 81  ? -5.812  -2.228  12.999  1.00 17.35 ? 81  SER A CB  1 
ATOM   659  O OG  . SER A 1 81  ? -5.976  -0.855  12.768  1.00 17.06 ? 81  SER A OG  1 
ATOM   660  N N   . LEU A 1 82  ? -4.181  -2.772  10.466  1.00 18.68 ? 82  LEU A N   1 
ATOM   661  C CA  . LEU A 1 82  ? -3.854  -2.423  9.095   1.00 18.87 ? 82  LEU A CA  1 
ATOM   662  C C   . LEU A 1 82  ? -4.633  -1.121  8.726   1.00 18.10 ? 82  LEU A C   1 
ATOM   663  O O   . LEU A 1 82  ? -4.135  -0.229  8.041   1.00 17.42 ? 82  LEU A O   1 
ATOM   664  C CB  . LEU A 1 82  ? -4.186  -3.631  8.214   1.00 19.48 ? 82  LEU A CB  1 
ATOM   665  C CG  . LEU A 1 82  ? -3.533  -3.730  6.847   1.00 20.73 ? 82  LEU A CG  1 
ATOM   666  C CD1 . LEU A 1 82  ? -2.041  -3.531  6.971   1.00 19.85 ? 82  LEU A CD1 1 
ATOM   667  C CD2 . LEU A 1 82  ? -3.852  -5.105  6.257   1.00 21.34 ? 82  LEU A CD2 1 
ATOM   668  N N   . GLN A 1 83  ? -5.836  -1.005  9.286   1.00 18.67 ? 83  GLN A N   1 
ATOM   669  C CA  . GLN A 1 83  ? -6.711  0.143   9.069   1.00 19.69 ? 83  GLN A CA  1 
ATOM   670  C C   . GLN A 1 83  ? -6.087  1.398   9.631   1.00 18.80 ? 83  GLN A C   1 
ATOM   671  O O   . GLN A 1 83  ? -6.074  2.452   8.982   1.00 19.70 ? 83  GLN A O   1 
ATOM   672  C CB  . GLN A 1 83  ? -8.124  -0.148  9.601   1.00 22.81 ? 83  GLN A CB  1 
ATOM   673  C CG  . GLN A 1 83  ? -8.923  -1.251  8.834   1.00 26.28 ? 83  GLN A CG  1 
ATOM   674  C CD  . GLN A 1 83  ? -8.684  -2.740  9.266   1.00 27.62 ? 83  GLN A CD  1 
ATOM   675  O OE1 . GLN A 1 83  ? -9.485  -3.630  8.918   1.00 30.41 ? 83  GLN A OE1 1 
ATOM   676  N NE2 . GLN A 1 83  ? -7.625  -2.999  10.029  1.00 26.73 ? 83  GLN A NE2 1 
ATOM   677  N N   . GLN A 1 84  ? -5.502  1.272   10.816  1.00 17.34 ? 84  GLN A N   1 
ATOM   678  C CA  . GLN A 1 84  ? -4.833  2.399   11.453  1.00 17.96 ? 84  GLN A CA  1 
ATOM   679  C C   . GLN A 1 84  ? -3.601  2.809   10.681  1.00 14.93 ? 84  GLN A C   1 
ATOM   680  O O   . GLN A 1 84  ? -3.293  3.982   10.565  1.00 15.57 ? 84  GLN A O   1 
ATOM   681  C CB  . GLN A 1 84  ? -4.495  2.074   12.923  1.00 21.14 ? 84  GLN A CB  1 
ATOM   682  C CG  . GLN A 1 84  ? -5.766  2.127   13.783  1.00 24.97 ? 84  GLN A CG  1 
ATOM   683  C CD  . GLN A 1 84  ? -5.551  1.610   15.208  1.00 27.56 ? 84  GLN A CD  1 
ATOM   684  O OE1 . GLN A 1 84  ? -4.994  0.527   15.418  1.00 28.45 ? 84  GLN A OE1 1 
ATOM   685  N NE2 . GLN A 1 84  ? -6.005  2.381   16.190  1.00 29.08 ? 84  GLN A NE2 1 
ATOM   686  N N   . LEU A 1 85  ? -2.871  1.839   10.161  1.00 14.08 ? 85  LEU A N   1 
ATOM   687  C CA  . LEU A 1 85  ? -1.677  2.140   9.381   1.00 13.18 ? 85  LEU A CA  1 
ATOM   688  C C   . LEU A 1 85  ? -2.077  2.899   8.137   1.00 12.44 ? 85  LEU A C   1 
ATOM   689  O O   . LEU A 1 85  ? -1.461  3.917   7.835   1.00 13.64 ? 85  LEU A O   1 
ATOM   690  C CB  . LEU A 1 85  ? -0.928  0.847   9.047   1.00 11.53 ? 85  LEU A CB  1 
ATOM   691  C CG  . LEU A 1 85  ? 0.387   0.928   8.269   1.00 12.38 ? 85  LEU A CG  1 
ATOM   692  C CD1 . LEU A 1 85  ? 1.173   -0.346  8.606   1.00 11.27 ? 85  LEU A CD1 1 
ATOM   693  C CD2 . LEU A 1 85  ? 0.153   1.025   6.763   1.00 11.90 ? 85  LEU A CD2 1 
ATOM   694  N N   . VAL A 1 86  ? -3.114  2.440   7.439   1.00 13.24 ? 86  VAL A N   1 
ATOM   695  C CA  . VAL A 1 86  ? -3.584  3.109   6.230   1.00 14.36 ? 86  VAL A CA  1 
ATOM   696  C C   . VAL A 1 86  ? -3.992  4.514   6.568   1.00 14.53 ? 86  VAL A C   1 
ATOM   697  O O   . VAL A 1 86  ? -3.628  5.471   5.881   1.00 14.87 ? 86  VAL A O   1 
ATOM   698  C CB  . VAL A 1 86  ? -4.766  2.333   5.581   1.00 14.04 ? 86  VAL A CB  1 
ATOM   699  C CG1 . VAL A 1 86  ? -5.397  3.135   4.436   1.00 12.86 ? 86  VAL A CG1 1 
ATOM   700  C CG2 . VAL A 1 86  ? -4.241  0.995   5.009   1.00 16.00 ? 86  VAL A CG2 1 
ATOM   701  N N   . ALA A 1 87  ? -4.731  4.653   7.665   1.00 15.65 ? 87  ALA A N   1 
ATOM   702  C CA  . ALA A 1 87  ? -5.189  5.974   8.104   1.00 15.98 ? 87  ALA A CA  1 
ATOM   703  C C   . ALA A 1 87  ? -4.032  6.936   8.338   1.00 15.33 ? 87  ALA A C   1 
ATOM   704  O O   . ALA A 1 87  ? -4.033  8.064   7.860   1.00 15.62 ? 87  ALA A O   1 
ATOM   705  C CB  . ALA A 1 87  ? -6.058  5.850   9.369   1.00 17.15 ? 87  ALA A CB  1 
ATOM   706  N N   . TYR A 1 88  ? -3.002  6.467   9.037   1.00 15.29 ? 88  TYR A N   1 
ATOM   707  C CA  . TYR A 1 88  ? -1.832  7.293   9.329   1.00 14.29 ? 88  TYR A CA  1 
ATOM   708  C C   . TYR A 1 88  ? -1.094  7.707   8.049   1.00 13.10 ? 88  TYR A C   1 
ATOM   709  O O   . TYR A 1 88  ? -0.745  8.873   7.894   1.00 12.92 ? 88  TYR A O   1 
ATOM   710  C CB  . TYR A 1 88  ? -0.938  6.576   10.363  1.00 15.25 ? 88  TYR A CB  1 
ATOM   711  C CG  . TYR A 1 88  ? 0.361   7.274   10.618  1.00 16.03 ? 88  TYR A CG  1 
ATOM   712  C CD1 . TYR A 1 88  ? 0.539   8.144   11.725  1.00 18.50 ? 88  TYR A CD1 1 
ATOM   713  C CD2 . TYR A 1 88  ? 1.420   7.081   9.758   1.00 17.09 ? 88  TYR A CD2 1 
ATOM   714  C CE1 . TYR A 1 88  ? 1.787   8.802   11.938  1.00 19.18 ? 88  TYR A CE1 1 
ATOM   715  C CE2 . TYR A 1 88  ? 2.643   7.719   9.947   1.00 19.24 ? 88  TYR A CE2 1 
ATOM   716  C CZ  . TYR A 1 88  ? 2.829   8.569   11.020  1.00 19.43 ? 88  TYR A CZ  1 
ATOM   717  O OH  . TYR A 1 88  ? 4.059   9.191   11.106  1.00 21.93 ? 88  TYR A OH  1 
ATOM   718  N N   . TYR A 1 89  ? -0.860  6.764   7.136   1.00 12.89 ? 89  TYR A N   1 
ATOM   719  C CA  . TYR A 1 89  ? -0.158  7.083   5.894   1.00 12.13 ? 89  TYR A CA  1 
ATOM   720  C C   . TYR A 1 89  ? -0.968  7.915   4.889   1.00 12.25 ? 89  TYR A C   1 
ATOM   721  O O   . TYR A 1 89  ? -0.447  8.364   3.886   1.00 12.38 ? 89  TYR A O   1 
ATOM   722  C CB  . TYR A 1 89  ? 0.517   5.823   5.319   1.00 11.55 ? 89  TYR A CB  1 
ATOM   723  C CG  . TYR A 1 89  ? 1.731   5.369   6.133   1.00 12.32 ? 89  TYR A CG  1 
ATOM   724  C CD1 . TYR A 1 89  ? 1.699   4.180   6.868   1.00 10.62 ? 89  TYR A CD1 1 
ATOM   725  C CD2 . TYR A 1 89  ? 2.899   6.159   6.200   1.00 12.12 ? 89  TYR A CD2 1 
ATOM   726  C CE1 . TYR A 1 89  ? 2.784   3.792   7.648   1.00 11.58 ? 89  TYR A CE1 1 
ATOM   727  C CE2 . TYR A 1 89  ? 3.989   5.764   6.988   1.00 10.93 ? 89  TYR A CE2 1 
ATOM   728  C CZ  . TYR A 1 89  ? 3.905   4.587   7.701   1.00 11.02 ? 89  TYR A CZ  1 
ATOM   729  O OH  . TYR A 1 89  ? 4.928   4.205   8.527   1.00 13.12 ? 89  TYR A OH  1 
ATOM   730  N N   . SER A 1 90  ? -2.253  8.076   5.137   1.00 13.12 ? 90  SER A N   1 
ATOM   731  C CA  . SER A 1 90  ? -3.083  8.929   4.269   1.00 15.04 ? 90  SER A CA  1 
ATOM   732  C C   . SER A 1 90  ? -2.912  10.406  4.691   1.00 16.28 ? 90  SER A C   1 
ATOM   733  O O   . SER A 1 90  ? -3.300  11.347  3.994   1.00 17.16 ? 90  SER A O   1 
ATOM   734  C CB  . SER A 1 90  ? -4.554  8.573   4.408   1.00 14.76 ? 90  SER A CB  1 
ATOM   735  O OG  . SER A 1 90  ? -4.776  7.242   4.031   1.00 14.86 ? 90  SER A OG  1 
ATOM   736  N N   . LYS A 1 91  ? -2.275  10.586  5.844   1.00 17.76 ? 91  LYS A N   1 
ATOM   737  C CA  . LYS A 1 91  ? -2.003  11.896  6.416   1.00 19.06 ? 91  LYS A CA  1 
ATOM   738  C C   . LYS A 1 91  ? -0.518  12.263  6.409   1.00 19.15 ? 91  LYS A C   1 
ATOM   739  O O   . LYS A 1 91  ? -0.170  13.435  6.398   1.00 20.61 ? 91  LYS A O   1 
ATOM   740  C CB  . LYS A 1 91  ? -2.415  11.915  7.894   1.00 21.04 ? 91  LYS A CB  1 
ATOM   741  C CG  . LYS A 1 91  ? -3.875  11.537  8.169   1.00 24.49 ? 91  LYS A CG  1 
ATOM   742  C CD  . LYS A 1 91  ? -4.735  12.721  7.729   1.00 27.94 ? 91  LYS A CD  1 
ATOM   743  C CE  . LYS A 1 91  ? -6.072  13.118  8.376   1.00 29.18 ? 91  LYS A CE  1 
ATOM   744  N NZ  . LYS A 1 91  ? -6.402  14.539  7.996   1.00 32.47 ? 91  LYS A NZ  1 
ATOM   745  N N   . HIS A 1 92  ? 0.378   11.281  6.443   1.00 18.19 ? 92  HIS A N   1 
ATOM   746  C CA  . HIS A 1 92  ? 1.806   11.590  6.457   1.00 17.75 ? 92  HIS A CA  1 
ATOM   747  C C   . HIS A 1 92  ? 2.507   10.821  5.380   1.00 16.16 ? 92  HIS A C   1 
ATOM   748  O O   . HIS A 1 92  ? 2.279   9.611   5.285   1.00 15.81 ? 92  HIS A O   1 
ATOM   749  C CB  . HIS A 1 92  ? 2.490   11.081  7.743   1.00 20.31 ? 92  HIS A CB  1 
ATOM   750  C CG  . HIS A 1 92  ? 1.769   11.446  9.008   1.00 22.63 ? 92  HIS A CG  1 
ATOM   751  N ND1 . HIS A 1 92  ? 2.267   12.362  9.913   1.00 23.94 ? 92  HIS A ND1 1 
ATOM   752  C CD2 . HIS A 1 92  ? 0.564   11.049  9.489   1.00 22.99 ? 92  HIS A CD2 1 
ATOM   753  C CE1 . HIS A 1 92  ? 1.393   12.519  10.894  1.00 23.61 ? 92  HIS A CE1 1 
ATOM   754  N NE2 . HIS A 1 92  ? 0.354   11.738  10.662  1.00 25.50 ? 92  HIS A NE2 1 
ATOM   755  N N   . ALA A 1 93  ? 3.311   11.492  4.562   1.00 15.07 ? 93  ALA A N   1 
ATOM   756  C CA  . ALA A 1 93  ? 4.060   10.808  3.510   1.00 14.25 ? 93  ALA A CA  1 
ATOM   757  C C   . ALA A 1 93  ? 5.252   10.013  4.194   1.00 14.36 ? 93  ALA A C   1 
ATOM   758  O O   . ALA A 1 93  ? 5.506   8.856   3.839   1.00 13.82 ? 93  ALA A O   1 
ATOM   759  C CB  . ALA A 1 93  ? 4.592   11.812  2.485   1.00 13.80 ? 93  ALA A CB  1 
ATOM   760  N N   . ASP A 1 94  ? 5.909   10.615  5.192   1.00 15.12 ? 94  ASP A N   1 
ATOM   761  C CA  . ASP A 1 94  ? 7.059   9.976   5.869   1.00 14.87 ? 94  ASP A CA  1 
ATOM   762  C C   . ASP A 1 94  ? 8.031   9.420   4.802   1.00 14.57 ? 94  ASP A C   1 
ATOM   763  O O   . ASP A 1 94  ? 8.498   10.204  3.969   1.00 15.07 ? 94  ASP A O   1 
ATOM   764  C CB  . ASP A 1 94  ? 6.605   8.923   6.879   1.00 14.22 ? 94  ASP A CB  1 
ATOM   765  C CG  . ASP A 1 94  ? 5.970   9.533   8.108   1.00 15.47 ? 94  ASP A CG  1 
ATOM   766  O OD1 . ASP A 1 94  ? 5.758   10.784  8.148   1.00 15.34 ? 94  ASP A OD1 1 
ATOM   767  O OD2 . ASP A 1 94  ? 5.648   8.751   9.030   1.00 16.49 ? 94  ASP A OD2 1 
ATOM   768  N N   . GLY A 1 95  ? 8.282   8.105   4.777   1.00 14.01 ? 95  GLY A N   1 
ATOM   769  C CA  . GLY A 1 95  ? 9.198   7.558   3.777   1.00 12.45 ? 95  GLY A CA  1 
ATOM   770  C C   . GLY A 1 95  ? 8.539   7.104   2.477   1.00 11.74 ? 95  GLY A C   1 
ATOM   771  O O   . GLY A 1 95  ? 9.241   6.679   1.572   1.00 12.20 ? 95  GLY A O   1 
ATOM   772  N N   . LEU A 1 96  ? 7.207   7.227   2.382   1.00 11.25 ? 96  LEU A N   1 
ATOM   773  C CA  . LEU A 1 96  ? 6.436   6.831   1.208   1.00 11.30 ? 96  LEU A CA  1 
ATOM   774  C C   . LEU A 1 96  ? 6.592   7.837   0.018   1.00 11.54 ? 96  LEU A C   1 
ATOM   775  O O   . LEU A 1 96  ? 6.888   9.028   0.231   1.00 11.46 ? 96  LEU A O   1 
ATOM   776  C CB  . LEU A 1 96  ? 4.931   6.733   1.538   1.00 11.01 ? 96  LEU A CB  1 
ATOM   777  C CG  . LEU A 1 96  ? 4.475   5.705   2.577   1.00 11.28 ? 96  LEU A CG  1 
ATOM   778  C CD1 . LEU A 1 96  ? 2.959   5.691   2.643   1.00 12.30 ? 96  LEU A CD1 1 
ATOM   779  C CD2 . LEU A 1 96  ? 5.005   4.308   2.242   1.00 12.44 ? 96  LEU A CD2 1 
ATOM   780  N N   . CYS A 1 97  ? 6.361   7.351   -1.208  1.00 11.63 ? 97  CYS A N   1 
ATOM   781  C CA  . CYS A 1 97  ? 6.479   8.182   -2.403  1.00 11.79 ? 97  CYS A CA  1 
ATOM   782  C C   . CYS A 1 97  ? 5.451   9.296   -2.381  1.00 11.78 ? 97  CYS A C   1 
ATOM   783  O O   . CYS A 1 97  ? 5.615   10.350  -3.027  1.00 11.05 ? 97  CYS A O   1 
ATOM   784  C CB  . CYS A 1 97  ? 6.353   7.343   -3.683  1.00 12.25 ? 97  CYS A CB  1 
ATOM   785  S SG  . CYS A 1 97  ? 4.843   6.352   -3.799  1.00 14.54 ? 97  CYS A SG  1 
ATOM   786  N N   . HIS A 1 98  ? 4.388   9.059   -1.623  1.00 11.48 ? 98  HIS A N   1 
ATOM   787  C CA  . HIS A 1 98  ? 3.317   10.046  -1.487  1.00 11.98 ? 98  HIS A CA  1 
ATOM   788  C C   . HIS A 1 98  ? 2.342   9.558   -0.401  1.00 12.42 ? 98  HIS A C   1 
ATOM   789  O O   . HIS A 1 98  ? 2.281   8.345   -0.113  1.00 12.10 ? 98  HIS A O   1 
ATOM   790  C CB  . HIS A 1 98  ? 2.554   10.163  -2.815  1.00 12.13 ? 98  HIS A CB  1 
ATOM   791  C CG  . HIS A 1 98  ? 1.693   11.380  -2.906  1.00 10.80 ? 98  HIS A CG  1 
ATOM   792  N ND1 . HIS A 1 98  ? 0.402   11.417  -2.416  1.00 11.90 ? 98  HIS A ND1 1 
ATOM   793  C CD2 . HIS A 1 98  ? 1.934   12.595  -3.439  1.00 10.14 ? 98  HIS A CD2 1 
ATOM   794  C CE1 . HIS A 1 98  ? -0.117  12.609  -2.648  1.00 11.69 ? 98  HIS A CE1 1 
ATOM   795  N NE2 . HIS A 1 98  ? 0.794   13.343  -3.265  1.00 12.19 ? 98  HIS A NE2 1 
ATOM   796  N N   . ARG A 1 99  ? 1.627   10.485  0.243   1.00 11.11 ? 99  ARG A N   1 
ATOM   797  C CA  . ARG A 1 99  ? 0.663   10.046  1.241   1.00 12.40 ? 99  ARG A CA  1 
ATOM   798  C C   . ARG A 1 99  ? -0.474  9.214   0.420   1.00 11.59 ? 99  ARG A C   1 
ATOM   799  O O   . ARG A 1 99  ? -0.663  9.445   -0.780  1.00 11.62 ? 99  ARG A O   1 
ATOM   800  C CB  . ARG A 1 99  ? 0.045   11.240  2.010   1.00 13.52 ? 99  ARG A CB  1 
ATOM   801  C CG  . ARG A 1 99  ? -1.036  11.945  1.262   1.00 16.33 ? 99  ARG A CG  1 
ATOM   802  C CD  . ARG A 1 99  ? -1.788  13.042  2.030   1.00 17.93 ? 99  ARG A CD  1 
ATOM   803  N NE  . ARG A 1 99  ? -2.777  13.725  1.188   1.00 18.23 ? 99  ARG A NE  1 
ATOM   804  C CZ  . ARG A 1 99  ? -4.050  13.353  1.051   1.00 16.78 ? 99  ARG A CZ  1 
ATOM   805  N NH1 . ARG A 1 99  ? -4.546  12.296  1.698   1.00 16.97 ? 99  ARG A NH1 1 
ATOM   806  N NH2 . ARG A 1 99  ? -4.819  14.043  0.231   1.00 17.49 ? 99  ARG A NH2 1 
ATOM   807  N N   . LEU A 1 100 ? -1.145  8.302   1.094   1.00 10.90 ? 100 LEU A N   1 
ATOM   808  C CA  . LEU A 1 100 ? -2.192  7.513   0.471   1.00 11.93 ? 100 LEU A CA  1 
ATOM   809  C C   . LEU A 1 100 ? -3.381  8.426   0.223   1.00 13.49 ? 100 LEU A C   1 
ATOM   810  O O   . LEU A 1 100 ? -3.797  9.159   1.135   1.00 13.54 ? 100 LEU A O   1 
ATOM   811  C CB  . LEU A 1 100 ? -2.574  6.349   1.374   1.00 10.72 ? 100 LEU A CB  1 
ATOM   812  C CG  . LEU A 1 100 ? -1.374  5.453   1.754   1.00 9.61  ? 100 LEU A CG  1 
ATOM   813  C CD1 . LEU A 1 100 ? -1.842  4.307   2.632   1.00 9.98  ? 100 LEU A CD1 1 
ATOM   814  C CD2 . LEU A 1 100 ? -0.629  4.963   0.470   1.00 8.66  ? 100 LEU A CD2 1 
ATOM   815  N N   . THR A 1 101 ? -3.914  8.410   -0.999  1.00 13.21 ? 101 THR A N   1 
ATOM   816  C CA  . THR A 1 101 ? -5.068  9.257   -1.325  1.00 13.30 ? 101 THR A CA  1 
ATOM   817  C C   . THR A 1 101 ? -6.362  8.415   -1.495  1.00 14.89 ? 101 THR A C   1 
ATOM   818  O O   . THR A 1 101 ? -7.120  8.222   -0.519  1.00 17.02 ? 101 THR A O   1 
ATOM   819  C CB  . THR A 1 101 ? -4.784  10.146  -2.557  1.00 11.80 ? 101 THR A CB  1 
ATOM   820  O OG1 . THR A 1 101 ? -4.351  9.328   -3.640  1.00 12.03 ? 101 THR A OG1 1 
ATOM   821  C CG2 . THR A 1 101 ? -3.672  11.136  -2.267  1.00 11.72 ? 101 THR A CG2 1 
ATOM   822  N N   . THR A 1 102 ? -6.579  7.868   -2.687  1.00 14.96 ? 102 THR A N   1 
ATOM   823  C CA  . THR A 1 102 ? -7.769  7.055   -2.935  1.00 15.50 ? 102 THR A CA  1 
ATOM   824  C C   . THR A 1 102 ? -7.464  5.606   -3.328  1.00 14.05 ? 102 THR A C   1 
ATOM   825  O O   . THR A 1 102 ? -6.389  5.319   -3.863  1.00 12.66 ? 102 THR A O   1 
ATOM   826  C CB  . THR A 1 102 ? -8.637  7.684   -4.051  1.00 18.33 ? 102 THR A CB  1 
ATOM   827  O OG1 . THR A 1 102 ? -9.769  6.855   -4.293  1.00 24.32 ? 102 THR A OG1 1 
ATOM   828  C CG2 . THR A 1 102 ? -7.878  7.853   -5.311  1.00 17.32 ? 102 THR A CG2 1 
ATOM   829  N N   . VAL A 1 103 ? -8.443  4.730   -3.133  1.00 13.32 ? 103 VAL A N   1 
ATOM   830  C CA  . VAL A 1 103 ? -8.309  3.326   -3.478  1.00 14.25 ? 103 VAL A CA  1 
ATOM   831  C C   . VAL A 1 103 ? -8.243  3.173   -4.999  1.00 13.96 ? 103 VAL A C   1 
ATOM   832  O O   . VAL A 1 103 ? -9.004  3.791   -5.750  1.00 13.57 ? 103 VAL A O   1 
ATOM   833  C CB  . VAL A 1 103 ? -9.524  2.484   -2.988  1.00 14.76 ? 103 VAL A CB  1 
ATOM   834  C CG1 . VAL A 1 103 ? -9.336  0.995   -3.364  1.00 17.65 ? 103 VAL A CG1 1 
ATOM   835  C CG2 . VAL A 1 103 ? -9.677  2.610   -1.513  1.00 19.28 ? 103 VAL A CG2 1 
ATOM   836  N N   . CYS A 1 104 ? -7.333  2.313   -5.443  1.00 13.42 ? 104 CYS A N   1 
ATOM   837  C CA  . CYS A 1 104 ? -7.175  2.030   -6.854  1.00 13.80 ? 104 CYS A CA  1 
ATOM   838  C C   . CYS A 1 104 ? -8.463  1.399   -7.457  1.00 14.48 ? 104 CYS A C   1 
ATOM   839  O O   . CYS A 1 104 ? -9.125  0.570   -6.830  1.00 13.39 ? 104 CYS A O   1 
ATOM   840  C CB  . CYS A 1 104 ? -6.135  0.919   -7.059  1.00 12.79 ? 104 CYS A CB  1 
ATOM   841  S SG  . CYS A 1 104 ? -5.519  0.742   -8.740  1.00 12.98 ? 104 CYS A SG  1 
ATOM   842  N N   . PRO A 1 105 ? -8.829  1.826   -8.665  1.00 16.65 ? 105 PRO A N   1 
ATOM   843  C CA  . PRO A 1 105 ? -10.008 1.287   -9.353  1.00 20.47 ? 105 PRO A CA  1 
ATOM   844  C C   . PRO A 1 105 ? -9.645  -0.118  -9.747  1.00 23.93 ? 105 PRO A C   1 
ATOM   845  O O   . PRO A 1 105 ? -8.463  -0.395  -9.992  1.00 25.40 ? 105 PRO A O   1 
ATOM   846  C CB  . PRO A 1 105 ? -10.053 2.087   -10.657 1.00 19.83 ? 105 PRO A CB  1 
ATOM   847  C CG  . PRO A 1 105 ? -9.431  3.411   -10.273 1.00 21.09 ? 105 PRO A CG  1 
ATOM   848  C CD  . PRO A 1 105 ? -8.260  2.968   -9.400  1.00 19.09 ? 105 PRO A CD  1 
ATOM   849  N N   . THR A 1 106 ? -10.638 -0.999  -9.818  1.00 27.93 ? 106 THR A N   1 
ATOM   850  C CA  . THR A 1 106 ? -10.474 -2.406  -10.207 1.00 31.19 ? 106 THR A CA  1 
ATOM   851  C C   . THR A 1 106 ? -10.367 -2.614  -11.746 1.00 32.16 ? 106 THR A C   1 
ATOM   852  O O   . THR A 1 106 ? -10.884 -1.771  -12.526 1.00 33.71 ? 106 THR A O   1 
ATOM   853  C CB  . THR A 1 106 ? -11.655 -3.211  -9.632  1.00 32.50 ? 106 THR A CB  1 
ATOM   854  O OG1 . THR A 1 106 ? -11.393 -3.506  -8.248  1.00 34.96 ? 106 THR A OG1 1 
ATOM   855  C CG2 . THR A 1 106 ? -11.951 -4.467  -10.417 1.00 33.85 ? 106 THR A CG2 1 
HETATM 856  C C1  . 197 B 2 .   ? 9.644   -6.507  -0.719  1.00 22.98 ? 300 197 A C1  1 
HETATM 857  C C2  . 197 B 2 .   ? 8.855   -7.686  -0.742  1.00 23.34 ? 300 197 A C2  1 
HETATM 858  C C3  . 197 B 2 .   ? 7.444   -7.646  -1.049  1.00 23.40 ? 300 197 A C3  1 
HETATM 859  C C4  . 197 B 2 .   ? 6.872   -6.359  -1.285  1.00 22.64 ? 300 197 A C4  1 
HETATM 860  C C5  . 197 B 2 .   ? 7.682   -5.176  -1.350  1.00 22.31 ? 300 197 A C5  1 
HETATM 861  C C6  . 197 B 2 .   ? 9.054   -5.257  -1.067  1.00 22.30 ? 300 197 A C6  1 
HETATM 862  C C7  . 197 B 2 .   ? 9.913   -4.010  -1.132  1.00 23.00 ? 300 197 A C7  1 
HETATM 863  C C8  . 197 B 2 .   ? 10.014  -3.461  -2.561  1.00 22.21 ? 300 197 A C8  1 
HETATM 864  C C9  . 197 B 2 .   ? 10.906  -2.255  -2.499  1.00 22.40 ? 300 197 A C9  1 
HETATM 865  N N10 . 197 B 2 .   ? 10.202  -1.119  -2.300  1.00 19.10 ? 300 197 A N10 1 
HETATM 866  N N11 . 197 B 2 .   ? 10.670  -4.411  -3.482  1.00 25.80 ? 300 197 A N11 1 
HETATM 867  C C12 . 197 B 2 .   ? 10.036  -5.009  -4.488  1.00 27.46 ? 300 197 A C12 1 
HETATM 868  C C13 . 197 B 2 .   ? 10.953  -6.093  -5.077  1.00 27.64 ? 300 197 A C13 1 
HETATM 869  O O14 . 197 B 2 .   ? 8.855   -4.856  -4.820  1.00 28.45 ? 300 197 A O14 1 
HETATM 870  O O15 . 197 B 2 .   ? 12.150  -2.334  -2.614  1.00 22.33 ? 300 197 A O15 1 
HETATM 871  C C16 . 197 B 2 .   ? 10.887  0.085   -1.927  1.00 19.57 ? 300 197 A C16 1 
HETATM 872  C C17 . 197 B 2 .   ? 9.842   1.204   -2.014  1.00 17.86 ? 300 197 A C17 1 
HETATM 873  C C18 . 197 B 2 .   ? 10.592  2.507   -2.220  1.00 16.91 ? 300 197 A C18 1 
HETATM 874  C C19 . 197 B 2 .   ? 11.551  3.046   -1.194  1.00 17.26 ? 300 197 A C19 1 
HETATM 875  C C20 . 197 B 2 .   ? 12.792  2.201   -0.880  1.00 18.98 ? 300 197 A C20 1 
HETATM 876  N N21 . 197 B 2 .   ? 12.539  0.967   -0.115  1.00 19.47 ? 300 197 A N21 1 
HETATM 877  C C22 . 197 B 2 .   ? 11.630  -0.056  -0.489  1.00 19.40 ? 300 197 A C22 1 
HETATM 878  C C23 . 197 B 2 .   ? 13.159  0.967   1.239   1.00 20.39 ? 300 197 A C23 1 
HETATM 879  C C24 . 197 B 2 .   ? 12.313  1.749   2.171   1.00 21.10 ? 300 197 A C24 1 
HETATM 880  O O25 . 197 B 2 .   ? 11.346  -1.035  0.221   1.00 19.56 ? 300 197 A O25 1 
HETATM 881  C C46 . 197 B 2 .   ? 12.792  2.963   2.820   1.00 21.57 ? 300 197 A C46 1 
HETATM 882  C C47 . 197 B 2 .   ? 11.931  3.750   3.676   1.00 20.03 ? 300 197 A C47 1 
HETATM 883  C C48 . 197 B 2 .   ? 10.587  3.271   3.844   1.00 20.35 ? 300 197 A C48 1 
HETATM 884  C C49 . 197 B 2 .   ? 10.122  2.082   3.194   1.00 21.57 ? 300 197 A C49 1 
HETATM 885  C C50 . 197 B 2 .   ? 10.976  1.293   2.351   1.00 21.23 ? 300 197 A C50 1 
HETATM 886  C C55 . 197 B 2 .   ? 9.593   3.959   4.721   1.00 19.39 ? 300 197 A C55 1 
HETATM 887  C C56 . 197 B 2 .   ? 10.054  4.553   5.922   1.00 18.61 ? 300 197 A C56 1 
HETATM 888  C C57 . 197 B 2 .   ? 9.134   5.202   6.768   1.00 18.17 ? 300 197 A C57 1 
HETATM 889  C C58 . 197 B 2 .   ? 7.761   5.236   6.367   1.00 18.47 ? 300 197 A C58 1 
HETATM 890  C C59 . 197 B 2 .   ? 7.307   4.654   5.114   1.00 18.92 ? 300 197 A C59 1 
HETATM 891  C C60 . 197 B 2 .   ? 8.235   4.001   4.308   1.00 18.44 ? 300 197 A C60 1 
HETATM 892  C C68 . 197 B 2 .   ? 6.707   -8.960  -1.161  1.00 22.67 ? 300 197 A C68 1 
HETATM 893  O O69 . 197 B 2 .   ? 6.982   -9.937  -0.565  1.00 24.81 ? 300 197 A O69 1 
HETATM 894  O O70 . 197 B 2 .   ? 5.670   -9.073  -1.915  1.00 23.90 ? 300 197 A O70 1 
HETATM 895  C C71 . 197 B 2 .   ? 5.520   -6.165  -1.670  1.00 21.34 ? 300 197 A C71 1 
HETATM 896  O O72 . 197 B 2 .   ? 5.187   -6.567  -2.952  1.00 26.17 ? 300 197 A O72 1 
HETATM 897  O O   . HOH C 3 .   ? -2.761  13.082  -5.275  1.00 9.68  ? 301 HOH A O   1 
HETATM 898  O O   . HOH C 3 .   ? 7.902   10.880  -4.173  1.00 21.35 ? 302 HOH A O   1 
HETATM 899  O O   . HOH C 3 .   ? 6.644   6.314   9.090   1.00 16.34 ? 303 HOH A O   1 
HETATM 900  O O   . HOH C 3 .   ? -2.907  -11.201 -9.928  1.00 23.73 ? 304 HOH A O   1 
HETATM 901  O O   . HOH C 3 .   ? 0.229   8.463   -9.510  1.00 12.27 ? 305 HOH A O   1 
HETATM 902  O O   . HOH C 3 .   ? -0.587  10.297  -11.587 1.00 19.50 ? 306 HOH A O   1 
HETATM 903  O O   . HOH C 3 .   ? 13.384  0.111   12.140  1.00 17.70 ? 307 HOH A O   1 
HETATM 904  O O   . HOH C 3 .   ? 8.784   -3.217  5.738   1.00 20.08 ? 308 HOH A O   1 
HETATM 905  O O   . HOH C 3 .   ? 7.579   -13.742 -6.832  1.00 22.44 ? 309 HOH A O   1 
HETATM 906  O O   . HOH C 3 .   ? 7.033   6.890   14.907  1.00 21.31 ? 310 HOH A O   1 
HETATM 907  O O   . HOH C 3 .   ? 4.918   8.577   13.777  1.00 29.54 ? 311 HOH A O   1 
HETATM 908  O O   . HOH C 3 .   ? -6.230  9.439   7.859   1.00 22.16 ? 312 HOH A O   1 
HETATM 909  O O   . HOH C 3 .   ? 8.980   6.502   10.831  1.00 18.09 ? 313 HOH A O   1 
HETATM 910  O O   . HOH C 3 .   ? 10.160  8.265   -0.738  1.00 14.78 ? 314 HOH A O   1 
HETATM 911  O O   . HOH C 3 .   ? -1.760  -0.513  -16.997 1.00 25.49 ? 315 HOH A O   1 
HETATM 912  O O   . HOH C 3 .   ? -8.836  5.818   1.569   1.00 49.50 ? 316 HOH A O   1 
HETATM 913  O O   . HOH C 3 .   ? 6.394   1.126   -12.057 1.00 20.29 ? 317 HOH A O   1 
HETATM 914  O O   . HOH C 3 .   ? 4.460   -4.800  -14.532 1.00 30.15 ? 318 HOH A O   1 
HETATM 915  O O   . HOH C 3 .   ? 1.851   -4.366  -15.410 1.00 28.62 ? 319 HOH A O   1 
HETATM 916  O O   . HOH C 3 .   ? 0.402   -10.659 -3.705  1.00 30.67 ? 320 HOH A O   1 
HETATM 917  O O   . HOH C 3 .   ? 11.525  14.042  -10.947 1.00 52.71 ? 321 HOH A O   1 
HETATM 918  O O   . HOH C 3 .   ? -6.645  5.999   12.993  1.00 30.97 ? 322 HOH A O   1 
HETATM 919  O O   . HOH C 3 .   ? 0.108   -13.384 -3.985  1.00 35.99 ? 323 HOH A O   1 
HETATM 920  O O   . HOH C 3 .   ? 0.799   -14.543 -1.020  1.00 21.83 ? 324 HOH A O   1 
HETATM 921  O O   . HOH C 3 .   ? 8.469   10.920  -6.675  1.00 22.94 ? 325 HOH A O   1 
HETATM 922  O O   . HOH C 3 .   ? -12.607 4.394   -0.622  1.00 35.57 ? 326 HOH A O   1 
HETATM 923  O O   . HOH C 3 .   ? 1.052   -14.059 2.886   1.00 46.70 ? 327 HOH A O   1 
HETATM 924  O O   . HOH C 3 .   ? -1.678  -9.084  -14.343 1.00 26.17 ? 328 HOH A O   1 
HETATM 925  O O   . HOH C 3 .   ? -7.192  0.905   -12.770 1.00 34.95 ? 329 HOH A O   1 
HETATM 926  O O   . HOH C 3 .   ? -5.206  0.196   -15.802 1.00 25.27 ? 330 HOH A O   1 
HETATM 927  O O   . HOH C 3 .   ? 6.442   3.171   -14.313 1.00 43.41 ? 331 HOH A O   1 
HETATM 928  O O   . HOH C 3 .   ? -10.403 1.115   6.959   1.00 33.89 ? 332 HOH A O   1 
HETATM 929  O O   . HOH C 3 .   ? -11.428 -6.856  0.300   1.00 30.49 ? 333 HOH A O   1 
HETATM 930  O O   . HOH C 3 .   ? -5.890  0.960   18.695  1.00 25.93 ? 334 HOH A O   1 
HETATM 931  O O   . HOH C 3 .   ? 8.376   6.839   -7.244  1.00 21.44 ? 335 HOH A O   1 
HETATM 932  O O   . HOH C 3 .   ? -11.669 -0.377  -6.608  1.00 17.65 ? 336 HOH A O   1 
HETATM 933  O O   . HOH C 3 .   ? -0.476  15.364  -0.213  1.00 25.53 ? 337 HOH A O   1 
HETATM 934  O O   . HOH C 3 .   ? 11.527  -5.887  3.611   1.00 58.97 ? 338 HOH A O   1 
HETATM 935  O O   . HOH C 3 .   ? 8.635   -0.513  -7.924  1.00 28.46 ? 339 HOH A O   1 
HETATM 936  O O   . HOH C 3 .   ? -10.069 4.259   -15.352 1.00 42.74 ? 340 HOH A O   1 
HETATM 937  O O   . HOH C 3 .   ? 16.859  0.757   15.132  1.00 27.01 ? 341 HOH A O   1 
HETATM 938  O O   . HOH C 3 .   ? -10.484 5.574   -1.472  1.00 31.18 ? 342 HOH A O   1 
HETATM 939  O O   . HOH C 3 .   ? -3.463  4.966   -18.892 1.00 41.45 ? 343 HOH A O   1 
HETATM 940  O O   . HOH C 3 .   ? 8.648   3.275   -9.191  1.00 23.75 ? 344 HOH A O   1 
HETATM 941  O O   . HOH C 3 .   ? -12.432 -1.013  -4.055  1.00 18.54 ? 345 HOH A O   1 
HETATM 942  O O   . HOH C 3 .   ? 15.155  2.405   11.559  1.00 29.50 ? 346 HOH A O   1 
HETATM 943  O O   . HOH C 3 .   ? -7.780  3.729   12.411  1.00 61.83 ? 347 HOH A O   1 
HETATM 944  O O   . HOH C 3 .   ? 17.251  5.800   13.881  1.00 34.09 ? 348 HOH A O   1 
HETATM 945  O O   . HOH C 3 .   ? 12.543  0.181   16.423  1.00 65.29 ? 349 HOH A O   1 
HETATM 946  O O   . HOH C 3 .   ? -10.080 -8.840  -1.265  1.00 32.30 ? 350 HOH A O   1 
HETATM 947  O O   . HOH C 3 .   ? 9.452   7.222   15.869  1.00 46.23 ? 351 HOH A O   1 
HETATM 948  O O   . HOH C 3 .   ? 12.832  -7.657  -8.213  1.00 68.69 ? 352 HOH A O   1 
HETATM 949  O O   . HOH C 3 .   ? -4.890  2.127   -17.655 1.00 53.46 ? 353 HOH A O   1 
HETATM 950  O O   . HOH C 3 .   ? -6.323  -10.570 -10.129 1.00 62.75 ? 354 HOH A O   1 
HETATM 951  O O   . HOH C 3 .   ? -5.220  -8.025  12.916  1.00 67.39 ? 355 HOH A O   1 
HETATM 952  O O   . HOH C 3 .   ? -7.599  4.076   -12.871 1.00 66.30 ? 356 HOH A O   1 
HETATM 953  O O   . HOH C 3 .   ? -14.461 0.551   -3.622  1.00 26.02 ? 357 HOH A O   1 
HETATM 954  O O   . HOH C 3 .   ? -7.239  -7.909  -9.811  1.00 48.61 ? 358 HOH A O   1 
HETATM 955  O O   . HOH C 3 .   ? -1.620  -17.018 0.007   1.00 36.63 ? 359 HOH A O   1 
HETATM 956  O O   . HOH C 3 .   ? -10.721 -6.494  -5.003  1.00 66.39 ? 360 HOH A O   1 
HETATM 957  O O   . HOH C 3 .   ? -0.804  -7.808  -16.803 1.00 37.26 ? 361 HOH A O   1 
HETATM 958  O O   . HOH C 3 .   ? 5.923   17.079  -11.461 1.00 40.77 ? 362 HOH A O   1 
HETATM 959  O O   . HOH C 3 .   ? -4.830  -16.412 -0.610  1.00 51.59 ? 363 HOH A O   1 
HETATM 960  O O   . HOH C 3 .   ? -4.078  -14.918 3.108   1.00 82.36 ? 364 HOH A O   1 
HETATM 961  O O   . HOH C 3 .   ? -10.311 4.305   -17.972 1.00 67.24 ? 365 HOH A O   1 
HETATM 962  O O   . HOH C 3 .   ? 15.548  1.720   17.393  1.00 46.75 ? 366 HOH A O   1 
HETATM 963  O O   . HOH C 3 .   ? 9.157   10.345  -18.196 1.00 55.72 ? 367 HOH A O   1 
HETATM 964  O O   . HOH C 3 .   ? 5.805   2.781   16.842  1.00 20.40 ? 368 HOH A O   1 
HETATM 965  O O   . HOH C 3 .   ? 11.603  -5.678  -9.760  1.00 60.24 ? 369 HOH A O   1 
HETATM 966  O O   . HOH C 3 .   ? 12.821  1.789   -5.018  1.00 41.32 ? 370 HOH A O   1 
HETATM 967  O O   . HOH C 3 .   ? 9.386   5.727   -1.455  1.00 25.88 ? 371 HOH A O   1 
HETATM 968  O O   . HOH C 3 .   ? 6.668   13.347  5.631   1.00 35.03 ? 372 HOH A O   1 
HETATM 969  O O   . HOH C 3 .   ? -7.347  6.622   -8.697  1.00 24.52 ? 373 HOH A O   1 
HETATM 970  O O   . HOH C 3 .   ? -4.761  -3.105  -18.569 1.00 55.50 ? 374 HOH A O   1 
HETATM 971  O O   . HOH C 3 .   ? 9.189   -2.048  1.696   1.00 15.14 ? 375 HOH A O   1 
HETATM 972  O O   . HOH C 3 .   ? 0.312   16.129  -3.800  1.00 41.08 ? 376 HOH A O   1 
HETATM 973  O O   . HOH C 3 .   ? -7.609  -12.821 -1.917  1.00 40.61 ? 377 HOH A O   1 
HETATM 974  O O   . HOH C 3 .   ? -5.816  -12.530 1.034   1.00 33.03 ? 378 HOH A O   1 
HETATM 975  O O   . HOH C 3 .   ? 4.743   13.656  -18.126 1.00 34.08 ? 379 HOH A O   1 
HETATM 976  O O   . HOH C 3 .   ? 3.706   9.130   -17.099 1.00 26.26 ? 380 HOH A O   1 
HETATM 977  O O   . HOH C 3 .   ? -0.139  3.291   16.428  1.00 16.00 ? 381 HOH A O   1 
HETATM 978  O O   . HOH C 3 .   ? -8.447  11.440  -12.271 1.00 13.41 ? 382 HOH A O   1 
HETATM 979  O O   . HOH C 3 .   ? 7.878   9.174   -9.032  1.00 53.70 ? 383 HOH A O   1 
HETATM 980  O O   . HOH C 3 .   ? -9.841  7.982   0.263   1.00 31.54 ? 384 HOH A O   1 
HETATM 981  O O   . HOH C 3 .   ? 8.926   -0.737  -5.290  1.00 13.76 ? 385 HOH A O   1 
HETATM 982  O O   . HOH C 3 .   ? 5.535   1.814   9.605   1.00 12.01 ? 386 HOH A O   1 
HETATM 983  O O   . HOH C 3 .   ? -5.879  -4.997  10.866  1.00 22.06 ? 387 HOH A O   1 
HETATM 984  O O   . HOH C 3 .   ? -6.340  5.135   16.484  1.00 31.08 ? 388 HOH A O   1 
HETATM 985  O O   . HOH C 3 .   ? 9.030   10.093  1.460   1.00 10.66 ? 389 HOH A O   1 
HETATM 986  O O   . HOH C 3 .   ? -5.828  -12.008 4.835   1.00 71.78 ? 390 HOH A O   1 
HETATM 987  O O   . HOH C 3 .   ? -8.542  -7.125  -7.712  1.00 41.90 ? 391 HOH A O   1 
HETATM 988  O O   . HOH C 3 .   ? -10.248 -9.359  -4.956  1.00 77.90 ? 392 HOH A O   1 
HETATM 989  O O   . HOH C 3 .   ? 0.249   -5.425  -17.231 1.00 36.83 ? 393 HOH A O   1 
HETATM 990  O O   . HOH C 3 .   ? -0.377  5.263   -18.858 1.00 42.58 ? 394 HOH A O   1 
HETATM 991  O O   . HOH C 3 .   ? -1.054  -12.568 3.740   1.00 39.67 ? 395 HOH A O   1 
HETATM 992  O O   . HOH C 3 .   ? 5.509   -9.873  8.974   1.00 27.49 ? 396 HOH A O   1 
HETATM 993  O O   . HOH C 3 .   ? 8.958   5.081   -14.698 1.00 42.26 ? 397 HOH A O   1 
HETATM 994  O O   . HOH C 3 .   ? -2.380  1.784   16.370  1.00 21.64 ? 398 HOH A O   1 
HETATM 995  O O   . HOH C 3 .   ? 2.746   17.160  -5.344  1.00 25.64 ? 399 HOH A O   1 
HETATM 996  O O   . HOH C 3 .   ? 4.306   6.036   -18.263 1.00 52.71 ? 400 HOH A O   1 
HETATM 997  O O   . HOH C 3 .   ? 1.712   17.832  -1.608  1.00 30.83 ? 401 HOH A O   1 
HETATM 998  O O   . HOH C 3 .   ? 16.661  7.150   17.152  1.00 70.10 ? 402 HOH A O   1 
HETATM 999  O O   . HOH C 3 .   ? -3.625  -19.020 -1.276  1.00 33.51 ? 403 HOH A O   1 
HETATM 1000 O O   . HOH C 3 .   ? 9.899   2.834   -11.942 1.00 34.32 ? 404 HOH A O   1 
HETATM 1001 O O   . HOH C 3 .   ? 7.250   7.569   -18.171 1.00 52.50 ? 405 HOH A O   1 
HETATM 1002 O O   . HOH C 3 .   ? 7.240   13.300  -16.888 1.00 55.41 ? 406 HOH A O   1 
HETATM 1003 O O   . HOH C 3 .   ? -11.214 -4.472  -3.131  1.00 43.61 ? 407 HOH A O   1 
HETATM 1004 O O   . HOH C 3 .   ? -9.524  -6.220  -10.630 1.00 72.55 ? 408 HOH A O   1 
HETATM 1005 O O   . HOH C 3 .   ? 2.614   3.094   -18.276 1.00 65.66 ? 409 HOH A O   1 
HETATM 1006 O O   . HOH C 3 .   ? 1.724   -2.273  -17.054 1.00 63.80 ? 410 HOH A O   1 
HETATM 1007 O O   . HOH C 3 .   ? -1.526  -4.651  -19.891 1.00 58.52 ? 411 HOH A O   1 
HETATM 1008 O O   . HOH C 3 .   ? 5.867   1.984   -16.733 1.00 29.85 ? 412 HOH A O   1 
HETATM 1009 O O   . HOH C 3 .   ? 9.015   -3.175  -13.387 1.00 76.28 ? 413 HOH A O   1 
HETATM 1010 O O   . HOH C 3 .   ? 4.179   -17.054 1.427   1.00 41.38 ? 414 HOH A O   1 
HETATM 1011 O O   . HOH C 3 .   ? 8.645   -19.830 5.068   1.00 87.49 ? 415 HOH A O   1 
HETATM 1012 O O   . HOH C 3 .   ? 10.960  1.413   -8.934  1.00 62.01 ? 416 HOH A O   1 
HETATM 1013 O O   . HOH C 3 .   ? -6.211  -5.979  14.581  1.00 61.91 ? 417 HOH A O   1 
HETATM 1014 O O   . HOH C 3 .   ? -9.546  9.743   -2.962  1.00 31.07 ? 418 HOH A O   1 
HETATM 1015 O O   . HOH C 3 .   ? -9.203  5.852   -7.055  1.00 22.82 ? 419 HOH A O   1 
HETATM 1016 O O   . HOH C 3 .   ? 12.031  6.892   1.964   1.00 33.26 ? 420 HOH A O   1 
HETATM 1017 O O   . HOH C 3 .   ? 4.107   15.655  -9.713  1.00 23.54 ? 421 HOH A O   1 
HETATM 1018 O O   . HOH C 3 .   ? -6.488  5.804   -18.409 1.00 27.63 ? 422 HOH A O   1 
HETATM 1019 O O   . HOH C 3 .   ? -6.774  -11.275 -13.053 1.00 74.02 ? 423 HOH A O   1 
HETATM 1020 O O   . HOH C 3 .   ? 7.615   -9.391  -5.377  1.00 34.19 ? 424 HOH A O   1 
HETATM 1021 O O   . HOH C 3 .   ? 5.454   -4.648  18.660  1.00 65.50 ? 425 HOH A O   1 
HETATM 1022 O O   . HOH C 3 .   ? 10.923  0.577   5.700   1.00 25.31 ? 426 HOH A O   1 
HETATM 1023 O O   . HOH C 3 .   ? 6.403   -14.933 9.214   1.00 68.30 ? 427 HOH A O   1 
HETATM 1024 O O   . HOH C 3 .   ? 10.438  -9.889  -3.041  1.00 50.04 ? 428 HOH A O   1 
HETATM 1025 O O   . HOH C 3 .   ? 8.871   -10.477 8.040   1.00 62.36 ? 429 HOH A O   1 
HETATM 1026 O O   . HOH C 3 .   ? 9.315   -4.697  16.994  1.00 44.26 ? 430 HOH A O   1 
HETATM 1027 O O   . HOH C 3 .   ? 6.764   -6.663  -4.881  1.00 36.55 ? 431 HOH A O   1 
HETATM 1028 O O   . HOH C 3 .   ? 4.977   -8.635  -4.677  1.00 52.67 ? 432 HOH A O   1 
HETATM 1029 O O   . HOH C 3 .   ? 2.088   -12.341 11.612  1.00 39.05 ? 433 HOH A O   1 
HETATM 1030 O O   . HOH C 3 .   ? -8.182  -11.480 -4.608  1.00 38.90 ? 434 HOH A O   1 
HETATM 1031 O O   . HOH C 3 .   ? -6.147  9.749   -5.630  1.00 37.99 ? 435 HOH A O   1 
HETATM 1032 O O   . HOH C 3 .   ? 7.646   -15.361 -3.784  1.00 40.05 ? 436 HOH A O   1 
HETATM 1033 O O   . HOH C 3 .   ? 6.348   13.291  8.068   1.00 46.62 ? 437 HOH A O   1 
HETATM 1034 O O   . HOH C 3 .   ? -3.826  4.227   15.442  1.00 35.92 ? 438 HOH A O   1 
HETATM 1035 O O   . HOH C 3 .   ? -7.430  6.602   3.506   1.00 48.82 ? 439 HOH A O   1 
HETATM 1036 O O   . HOH C 3 .   ? -3.337  15.803  -1.672  1.00 56.18 ? 440 HOH A O   1 
HETATM 1037 O O   . HOH C 3 .   ? -13.287 -1.388  9.184   1.00 72.30 ? 441 HOH A O   1 
# 
